data_4F21
#
_entry.id   4F21
#
_cell.length_a   50.997
_cell.length_b   64.416
_cell.length_c   139.039
_cell.angle_alpha   94.89
_cell.angle_beta   90.12
_cell.angle_gamma   89.96
#
_symmetry.space_group_name_H-M   'P 1'
#
loop_
_entity.id
_entity.type
_entity.pdbx_description
1 polymer 'Carboxylesterase/phospholipase family protein'
2 non-polymer 'N-((1R,2S)-2-allyl-4-oxocyclobutyl)-4-methylbenzenesulfonamide, bound form'
3 water water
#
_entity_poly.entity_id   1
_entity_poly.type   'polypeptide(L)'
_entity_poly.pdbx_seq_one_letter_code
;MHHHHHHSSGVDLGTENLYFQSNAMNYELMEPAKQARFCVIWLHGLGADGHDFVDIVNYFDVSLDEIRFIFPHADIIPVT
INMGMQMRAWYDIKSLDANSLNRVVDVEGINSSIAKVNKLIDSQVNQGIASENIILAGFSQGGIIATYTAITSQRKLGGI
MALSTYLPAWDNFKGKITSINKGLPILVCHGTDDQVLPEVLGHDLSDKLKVSGFANEYKHYVGMQHSVCMEEIKDISNFI
AKTFKI
;
_entity_poly.pdbx_strand_id   A,B,C,D,E,F,G,H
#
loop_
_chem_comp.id
_chem_comp.type
_chem_comp.name
_chem_comp.formula
0S1 non-polymer 'N-((1R,2S)-2-allyl-4-oxocyclobutyl)-4-methylbenzenesulfonamide, bound form' 'C14 H19 N O3 S'
#
# COMPACT_ATOMS: atom_id res chain seq x y z
N ASN A 23 -22.96 -7.84 -38.37
CA ASN A 23 -22.89 -6.38 -38.35
C ASN A 23 -24.26 -5.75 -38.56
N ALA A 24 -25.28 -6.59 -38.77
CA ALA A 24 -26.62 -6.10 -39.05
C ALA A 24 -27.26 -5.43 -37.83
N MET A 25 -27.68 -4.18 -38.00
CA MET A 25 -28.32 -3.44 -36.93
C MET A 25 -29.09 -2.24 -37.47
N ASN A 26 -30.20 -1.90 -36.81
CA ASN A 26 -30.94 -0.69 -37.11
C ASN A 26 -30.78 0.33 -35.98
N TYR A 27 -30.95 1.60 -36.31
CA TYR A 27 -30.86 2.66 -35.30
C TYR A 27 -31.46 3.99 -35.76
N GLU A 28 -32.11 4.68 -34.83
CA GLU A 28 -32.61 6.03 -35.08
C GLU A 28 -31.46 7.02 -34.94
N LEU A 29 -31.33 7.91 -35.91
CA LEU A 29 -30.23 8.85 -35.89
C LEU A 29 -30.73 10.28 -35.95
N MET A 30 -30.37 11.08 -34.95
CA MET A 30 -30.70 12.50 -34.95
C MET A 30 -29.46 13.33 -35.28
N GLU A 31 -29.49 13.99 -36.43
CA GLU A 31 -28.41 14.88 -36.83
C GLU A 31 -28.68 16.27 -36.28
N PRO A 32 -27.67 16.88 -35.64
CA PRO A 32 -27.85 18.16 -34.97
C PRO A 32 -28.05 19.31 -35.96
N ALA A 33 -28.59 20.43 -35.48
CA ALA A 33 -28.83 21.59 -36.31
C ALA A 33 -27.52 22.14 -36.89
N LYS A 34 -26.54 22.40 -36.04
CA LYS A 34 -25.22 22.82 -36.49
C LYS A 34 -24.37 21.58 -36.71
N GLN A 35 -23.08 21.79 -37.01
CA GLN A 35 -22.17 20.67 -37.26
C GLN A 35 -22.08 19.74 -36.07
N ALA A 36 -22.06 18.44 -36.34
CA ALA A 36 -21.92 17.45 -35.27
C ALA A 36 -20.53 17.49 -34.68
N ARG A 37 -20.46 17.82 -33.39
CA ARG A 37 -19.19 17.87 -32.68
C ARG A 37 -19.24 16.87 -31.53
N PHE A 38 -20.45 16.57 -31.08
CA PHE A 38 -20.67 15.67 -29.95
C PHE A 38 -21.62 14.54 -30.32
N CYS A 39 -21.70 13.51 -29.49
CA CYS A 39 -22.57 12.37 -29.77
C CYS A 39 -23.00 11.62 -28.51
N VAL A 40 -24.27 11.23 -28.46
CA VAL A 40 -24.78 10.45 -27.34
C VAL A 40 -25.39 9.14 -27.82
N ILE A 41 -24.75 8.04 -27.45
CA ILE A 41 -25.28 6.73 -27.76
C ILE A 41 -26.20 6.27 -26.63
N TRP A 42 -27.50 6.28 -26.90
CA TRP A 42 -28.53 5.92 -25.92
C TRP A 42 -29.05 4.51 -26.16
N LEU A 43 -28.79 3.62 -25.20
CA LEU A 43 -29.18 2.22 -25.32
C LEU A 43 -30.42 1.88 -24.49
N HIS A 44 -31.24 0.97 -25.02
CA HIS A 44 -32.39 0.46 -24.29
C HIS A 44 -32.64 -1.01 -24.64
N GLY A 45 -33.14 -1.77 -23.67
CA GLY A 45 -33.39 -3.18 -23.86
C GLY A 45 -34.49 -3.47 -24.86
N ALA A 48 -40.64 -4.81 -21.85
CA ALA A 48 -40.83 -4.49 -20.45
C ALA A 48 -40.09 -3.22 -20.06
N ASP A 49 -38.79 -3.16 -20.35
CA ASP A 49 -37.99 -2.00 -20.03
C ASP A 49 -37.33 -1.40 -21.27
N GLY A 50 -37.78 -1.83 -22.45
CA GLY A 50 -37.27 -1.29 -23.69
C GLY A 50 -38.03 -0.06 -24.11
N HIS A 51 -38.05 0.95 -23.24
CA HIS A 51 -38.81 2.17 -23.48
C HIS A 51 -38.26 2.97 -24.66
N ASP A 52 -39.16 3.69 -25.34
CA ASP A 52 -38.81 4.48 -26.51
C ASP A 52 -38.36 5.89 -26.12
N PHE A 53 -37.08 6.02 -25.81
CA PHE A 53 -36.50 7.29 -25.36
C PHE A 53 -36.17 8.24 -26.50
N VAL A 54 -36.63 7.92 -27.71
CA VAL A 54 -36.34 8.75 -28.88
C VAL A 54 -36.80 10.19 -28.68
N ASP A 55 -37.90 10.36 -27.95
CA ASP A 55 -38.43 11.68 -27.65
C ASP A 55 -37.65 12.47 -26.60
N ILE A 56 -36.84 11.76 -25.81
CA ILE A 56 -36.12 12.36 -24.67
C ILE A 56 -35.41 13.65 -25.04
N VAL A 57 -35.04 13.78 -26.31
CA VAL A 57 -34.33 14.93 -26.82
C VAL A 57 -35.07 16.24 -26.60
N ASN A 58 -36.39 16.22 -26.75
CA ASN A 58 -37.20 17.42 -26.56
C ASN A 58 -37.38 17.77 -25.09
N TYR A 59 -36.78 16.98 -24.21
CA TYR A 59 -36.97 17.17 -22.77
C TYR A 59 -35.80 17.85 -22.08
N PHE A 60 -34.80 18.25 -22.86
CA PHE A 60 -33.57 18.79 -22.30
C PHE A 60 -33.45 20.30 -22.50
N ASP A 61 -32.60 20.93 -21.69
CA ASP A 61 -32.38 22.37 -21.75
C ASP A 61 -31.00 22.75 -22.30
N VAL A 62 -30.28 21.75 -22.83
CA VAL A 62 -28.93 21.98 -23.35
C VAL A 62 -28.95 22.15 -24.86
N SER A 63 -28.08 23.01 -25.37
CA SER A 63 -27.98 23.25 -26.81
C SER A 63 -27.68 21.96 -27.56
N LEU A 64 -28.61 21.56 -28.43
CA LEU A 64 -28.42 20.38 -29.26
C LEU A 64 -28.02 20.81 -30.67
N ASP A 65 -27.43 22.00 -30.75
CA ASP A 65 -26.86 22.50 -31.99
C ASP A 65 -25.76 21.58 -32.51
N GLU A 66 -24.97 21.02 -31.61
CA GLU A 66 -23.80 20.24 -32.00
C GLU A 66 -23.78 18.83 -31.43
N ILE A 67 -24.95 18.22 -31.26
CA ILE A 67 -25.02 16.89 -30.66
C ILE A 67 -25.78 15.88 -31.53
N ARG A 68 -25.07 14.87 -32.02
CA ARG A 68 -25.68 13.77 -32.76
C ARG A 68 -26.22 12.73 -31.78
N PHE A 69 -27.42 12.24 -32.03
CA PHE A 69 -28.00 11.22 -31.16
C PHE A 69 -28.12 9.86 -31.85
N ILE A 70 -27.61 8.82 -31.18
CA ILE A 70 -27.65 7.46 -31.70
C ILE A 70 -28.55 6.57 -30.85
N PHE A 71 -29.65 6.08 -31.43
CA PHE A 71 -30.58 5.19 -30.75
C PHE A 71 -30.61 3.81 -31.41
N PRO A 72 -29.68 2.92 -31.05
CA PRO A 72 -29.65 1.57 -31.60
C PRO A 72 -30.92 0.78 -31.27
N HIS A 73 -31.38 -0.05 -32.19
CA HIS A 73 -32.56 -0.88 -31.94
C HIS A 73 -32.26 -1.97 -30.93
N ALA A 74 -33.30 -2.44 -30.23
CA ALA A 74 -33.13 -3.32 -29.07
C ALA A 74 -32.45 -4.66 -29.35
N ASP A 75 -32.17 -4.94 -30.61
CA ASP A 75 -31.48 -6.18 -30.97
C ASP A 75 -30.03 -6.13 -30.50
N ILE A 76 -29.53 -4.91 -30.27
CA ILE A 76 -28.19 -4.71 -29.74
C ILE A 76 -28.12 -5.19 -28.30
N ILE A 77 -29.30 -5.26 -27.66
CA ILE A 77 -29.42 -5.78 -26.30
C ILE A 77 -30.07 -7.15 -26.33
N PRO A 78 -29.26 -8.20 -26.18
CA PRO A 78 -29.77 -9.58 -26.19
C PRO A 78 -30.80 -9.82 -25.09
N VAL A 79 -31.70 -10.76 -25.30
CA VAL A 79 -32.74 -11.04 -24.32
C VAL A 79 -32.21 -11.88 -23.15
N THR A 80 -31.23 -12.71 -23.46
CA THR A 80 -30.70 -13.71 -22.53
C THR A 80 -30.04 -13.17 -21.25
N ILE A 81 -30.10 -11.87 -21.02
CA ILE A 81 -29.43 -11.29 -19.87
C ILE A 81 -30.31 -11.19 -18.62
N ASN A 82 -31.39 -10.41 -18.69
CA ASN A 82 -32.28 -10.23 -17.57
C ASN A 82 -33.19 -11.42 -17.32
N MET A 83 -33.06 -12.45 -18.14
CA MET A 83 -33.87 -13.64 -18.01
C MET A 83 -33.52 -14.39 -16.74
N GLY A 84 -32.31 -14.97 -16.69
CA GLY A 84 -31.84 -15.66 -15.51
C GLY A 84 -31.92 -14.79 -14.27
N MET A 85 -31.44 -13.56 -14.42
CA MET A 85 -31.53 -12.54 -13.38
C MET A 85 -32.93 -12.47 -12.78
N GLN A 86 -33.92 -12.10 -13.58
CA GLN A 86 -35.29 -11.95 -13.09
C GLN A 86 -36.17 -13.15 -13.42
N MET A 87 -35.62 -14.34 -13.22
CA MET A 87 -36.41 -15.56 -13.18
C MET A 87 -35.93 -16.41 -12.02
N ARG A 88 -34.65 -16.28 -11.68
CA ARG A 88 -34.09 -17.06 -10.57
C ARG A 88 -34.14 -16.34 -9.23
N ALA A 89 -33.69 -15.09 -9.22
CA ALA A 89 -33.52 -14.33 -7.98
C ALA A 89 -34.83 -14.09 -7.23
N TRP A 90 -34.70 -13.83 -5.92
CA TRP A 90 -35.86 -13.56 -5.09
C TRP A 90 -36.47 -12.21 -5.42
N TYR A 91 -37.77 -12.08 -5.18
CA TYR A 91 -38.50 -10.86 -5.46
C TYR A 91 -37.88 -9.64 -4.79
N ASP A 92 -37.28 -9.84 -3.62
CA ASP A 92 -36.65 -8.77 -2.87
C ASP A 92 -35.14 -8.95 -2.83
N ILE A 93 -34.54 -9.21 -3.99
CA ILE A 93 -33.11 -9.46 -4.09
C ILE A 93 -32.26 -8.31 -3.52
N LYS A 94 -31.13 -8.65 -2.92
CA LYS A 94 -30.28 -7.66 -2.25
C LYS A 94 -28.82 -7.70 -2.67
N SER A 95 -28.37 -8.82 -3.23
CA SER A 95 -26.97 -8.97 -3.62
C SER A 95 -26.77 -10.07 -4.67
N LEU A 96 -25.55 -10.15 -5.20
CA LEU A 96 -25.21 -11.15 -6.19
C LEU A 96 -24.02 -12.00 -5.76
N SER A 100 -24.20 -16.72 -6.01
CA SER A 100 -24.27 -17.95 -6.81
C SER A 100 -25.33 -17.84 -7.89
N LEU A 101 -25.78 -16.61 -8.15
CA LEU A 101 -26.73 -16.34 -9.23
C LEU A 101 -25.95 -16.16 -10.53
N ASN A 102 -24.64 -16.05 -10.39
CA ASN A 102 -23.74 -15.84 -11.52
C ASN A 102 -23.79 -16.96 -12.57
N ARG A 103 -24.38 -18.10 -12.21
CA ARG A 103 -24.41 -19.26 -13.07
C ARG A 103 -25.27 -19.05 -14.34
N VAL A 104 -26.29 -18.22 -14.24
CA VAL A 104 -27.20 -18.02 -15.36
C VAL A 104 -27.29 -16.55 -15.78
N VAL A 105 -26.15 -16.02 -16.22
CA VAL A 105 -26.07 -14.69 -16.81
C VAL A 105 -25.17 -14.76 -18.04
N ASP A 106 -25.73 -14.48 -19.22
CA ASP A 106 -24.99 -14.68 -20.47
C ASP A 106 -23.84 -13.69 -20.65
N VAL A 107 -22.71 -13.98 -20.03
CA VAL A 107 -21.51 -13.18 -20.16
C VAL A 107 -21.04 -13.14 -21.62
N GLU A 108 -21.13 -14.29 -22.30
CA GLU A 108 -20.78 -14.39 -23.70
C GLU A 108 -21.82 -13.67 -24.57
N ILE A 110 -23.55 -10.40 -23.35
CA ILE A 110 -22.98 -9.10 -23.00
C ILE A 110 -21.87 -8.73 -23.97
N ASN A 111 -20.79 -9.50 -23.94
CA ASN A 111 -19.60 -9.27 -24.75
C ASN A 111 -19.90 -8.84 -26.20
N SER A 112 -20.61 -9.71 -26.92
CA SER A 112 -20.99 -9.43 -28.29
C SER A 112 -21.64 -8.06 -28.40
N SER A 113 -22.65 -7.83 -27.57
CA SER A 113 -23.36 -6.56 -27.53
C SER A 113 -22.38 -5.40 -27.34
N ILE A 114 -21.47 -5.58 -26.39
CA ILE A 114 -20.45 -4.57 -26.12
C ILE A 114 -19.72 -4.25 -27.42
N ALA A 115 -19.27 -5.31 -28.10
CA ALA A 115 -18.53 -5.14 -29.34
C ALA A 115 -19.34 -4.35 -30.34
N LYS A 116 -20.66 -4.60 -30.37
CA LYS A 116 -21.54 -3.88 -31.27
C LYS A 116 -21.36 -2.40 -31.00
N VAL A 117 -21.53 -2.02 -29.74
CA VAL A 117 -21.36 -0.63 -29.33
C VAL A 117 -19.98 -0.15 -29.74
N ASN A 118 -18.97 -0.99 -29.51
CA ASN A 118 -17.61 -0.63 -29.88
C ASN A 118 -17.54 -0.28 -31.35
N LYS A 119 -18.13 -1.15 -32.18
CA LYS A 119 -18.17 -0.89 -33.60
C LYS A 119 -18.81 0.46 -33.85
N LEU A 120 -19.96 0.69 -33.22
CA LEU A 120 -20.66 1.97 -33.34
C LEU A 120 -19.72 3.11 -32.98
N ILE A 121 -18.99 2.95 -31.87
CA ILE A 121 -18.06 3.99 -31.47
C ILE A 121 -17.00 4.15 -32.55
N ASP A 122 -16.47 3.02 -33.02
CA ASP A 122 -15.45 3.03 -34.05
C ASP A 122 -16.00 3.65 -35.32
N SER A 123 -17.32 3.67 -35.44
CA SER A 123 -17.97 4.21 -36.62
C SER A 123 -18.15 5.72 -36.48
N GLN A 124 -18.31 6.20 -35.26
CA GLN A 124 -18.49 7.63 -35.00
C GLN A 124 -17.16 8.36 -34.96
N VAL A 125 -16.11 7.65 -34.57
CA VAL A 125 -14.78 8.21 -34.52
C VAL A 125 -14.28 8.52 -35.92
N ASN A 126 -14.30 7.52 -36.78
CA ASN A 126 -13.78 7.66 -38.13
C ASN A 126 -14.67 8.50 -39.05
N GLN A 127 -15.92 8.70 -38.65
CA GLN A 127 -16.76 9.71 -39.29
C GLN A 127 -16.13 11.07 -39.06
N ILE A 129 -16.12 12.35 -35.15
CA ILE A 129 -16.38 12.70 -33.76
C ILE A 129 -15.40 12.01 -32.82
N ALA A 130 -14.71 12.81 -32.01
CA ALA A 130 -13.70 12.30 -31.09
C ALA A 130 -14.35 11.39 -30.04
N SER A 131 -13.66 10.30 -29.70
CA SER A 131 -14.20 9.29 -28.80
C SER A 131 -14.52 9.87 -27.43
N GLU A 132 -13.73 10.85 -27.00
CA GLU A 132 -13.97 11.51 -25.72
C GLU A 132 -15.16 12.44 -25.80
N ASN A 133 -15.75 12.56 -27.00
CA ASN A 133 -16.91 13.40 -27.22
C ASN A 133 -18.15 12.56 -27.49
N ILE A 134 -18.05 11.28 -27.19
CA ILE A 134 -19.20 10.37 -27.28
C ILE A 134 -19.55 9.88 -25.88
N ILE A 135 -20.84 9.94 -25.55
CA ILE A 135 -21.32 9.48 -24.24
C ILE A 135 -22.18 8.23 -24.35
N LEU A 136 -21.85 7.21 -23.56
CA LEU A 136 -22.65 6.00 -23.50
C LEU A 136 -23.64 6.05 -22.34
N ALA A 137 -24.92 6.21 -22.67
CA ALA A 137 -25.97 6.23 -21.67
C ALA A 137 -26.82 4.97 -21.79
N GLY A 138 -27.28 4.44 -20.67
CA GLY A 138 -28.07 3.23 -20.68
C GLY A 138 -29.18 3.23 -19.64
N PHE A 139 -30.29 2.57 -19.96
CA PHE A 139 -31.39 2.42 -19.01
C PHE A 139 -31.73 0.94 -18.81
N SER A 140 -31.87 0.56 -17.54
CA SER A 140 -32.31 -0.78 -17.16
C SER A 140 -31.45 -1.85 -17.80
N GLN A 141 -32.07 -2.65 -18.68
CA GLN A 141 -31.40 -3.76 -19.33
C GLN A 141 -30.20 -3.27 -20.14
N GLY A 142 -30.34 -2.08 -20.70
CA GLY A 142 -29.30 -1.50 -21.55
C GLY A 142 -28.14 -0.91 -20.79
N GLY A 143 -28.41 -0.42 -19.58
CA GLY A 143 -27.41 0.27 -18.78
C GLY A 143 -26.14 -0.53 -18.51
N ILE A 144 -26.25 -1.86 -18.65
CA ILE A 144 -25.11 -2.75 -18.48
C ILE A 144 -24.08 -2.56 -19.58
N ILE A 145 -24.57 -2.41 -20.81
CA ILE A 145 -23.69 -2.41 -21.98
C ILE A 145 -23.03 -1.05 -22.21
N ALA A 146 -23.34 -0.09 -21.36
CA ALA A 146 -22.74 1.25 -21.48
C ALA A 146 -21.55 1.38 -20.56
N THR A 147 -21.73 0.95 -19.31
CA THR A 147 -20.67 1.03 -18.31
C THR A 147 -19.53 0.08 -18.66
N TYR A 148 -19.83 -1.22 -18.65
CA TYR A 148 -18.87 -2.27 -18.99
C TYR A 148 -18.06 -1.99 -20.24
N THR A 149 -18.74 -1.46 -21.26
CA THR A 149 -18.07 -1.08 -22.50
C THR A 149 -17.01 -0.02 -22.23
N ALA A 150 -17.44 1.11 -21.66
CA ALA A 150 -16.57 2.26 -21.47
C ALA A 150 -15.37 1.94 -20.59
N ILE A 151 -15.57 1.09 -19.59
CA ILE A 151 -14.49 0.74 -18.67
C ILE A 151 -13.59 -0.37 -19.23
N THR A 152 -13.95 -0.91 -20.39
CA THR A 152 -13.10 -1.87 -21.09
C THR A 152 -12.71 -1.32 -22.46
N SER A 153 -13.28 -0.17 -22.79
CA SER A 153 -12.95 0.53 -24.02
C SER A 153 -11.47 0.85 -24.04
N GLN A 154 -10.77 0.39 -25.07
CA GLN A 154 -9.34 0.60 -25.20
C GLN A 154 -9.01 2.08 -25.45
N ARG A 155 -10.04 2.88 -25.72
CA ARG A 155 -9.84 4.30 -26.01
C ARG A 155 -10.64 5.23 -25.11
N LYS A 156 -10.25 6.50 -25.10
CA LYS A 156 -10.81 7.49 -24.19
C LYS A 156 -12.21 7.93 -24.61
N LEU A 157 -13.21 7.56 -23.80
CA LEU A 157 -14.59 7.92 -24.07
C LEU A 157 -15.04 9.15 -23.29
N GLY A 158 -16.31 9.52 -23.41
CA GLY A 158 -16.78 10.80 -22.92
C GLY A 158 -17.58 10.77 -21.64
N GLY A 159 -18.31 9.70 -21.42
CA GLY A 159 -19.12 9.58 -20.22
C GLY A 159 -20.02 8.36 -20.20
N ILE A 160 -20.55 8.05 -19.02
CA ILE A 160 -21.50 6.96 -18.86
C ILE A 160 -22.71 7.48 -18.10
N MET A 161 -23.90 7.16 -18.58
CA MET A 161 -25.11 7.52 -17.84
C MET A 161 -25.95 6.29 -17.48
N ALA A 162 -25.58 5.65 -16.37
CA ALA A 162 -26.29 4.47 -15.90
C ALA A 162 -27.61 4.87 -15.25
N LEU A 163 -28.69 4.30 -15.75
CA LEU A 163 -30.04 4.63 -15.29
C LEU A 163 -30.80 3.35 -14.96
N SER A 164 -31.06 3.15 -13.66
CA SER A 164 -31.85 2.01 -13.19
C SER A 164 -31.22 0.68 -13.57
N THR A 165 -29.90 0.57 -13.46
CA THR A 165 -29.18 -0.60 -13.92
C THR A 165 -28.21 -1.19 -12.90
N TYR A 166 -28.29 -2.51 -12.73
CA TYR A 166 -27.39 -3.24 -11.85
C TYR A 166 -26.10 -3.63 -12.58
N LEU A 167 -25.18 -4.27 -11.86
CA LEU A 167 -23.89 -4.63 -12.44
C LEU A 167 -23.68 -6.14 -12.38
N PRO A 168 -24.17 -6.88 -13.40
CA PRO A 168 -24.10 -8.33 -13.45
C PRO A 168 -22.74 -8.83 -13.93
N ALA A 169 -22.44 -10.10 -13.66
CA ALA A 169 -21.20 -10.74 -14.10
C ALA A 169 -19.97 -9.90 -13.76
N TRP A 170 -20.00 -9.26 -12.59
CA TRP A 170 -18.90 -8.41 -12.15
C TRP A 170 -17.60 -9.20 -12.03
N ASP A 171 -17.71 -10.50 -11.78
CA ASP A 171 -16.54 -11.36 -11.70
C ASP A 171 -15.88 -11.59 -13.06
N ASN A 172 -16.69 -11.67 -14.11
CA ASN A 172 -16.18 -11.93 -15.46
C ASN A 172 -15.55 -10.71 -16.14
N PHE A 173 -15.95 -9.52 -15.72
CA PHE A 173 -15.54 -8.30 -16.39
C PHE A 173 -14.61 -7.40 -15.58
N LYS A 174 -14.35 -7.78 -14.33
CA LYS A 174 -13.59 -6.94 -13.41
C LYS A 174 -12.11 -6.80 -13.79
N GLY A 175 -11.56 -7.83 -14.43
CA GLY A 175 -10.14 -7.82 -14.77
C GLY A 175 -9.86 -7.15 -16.09
N LYS A 176 -10.89 -7.06 -16.93
CA LYS A 176 -10.73 -6.52 -18.27
C LYS A 176 -10.84 -5.00 -18.29
N ILE A 177 -10.83 -4.38 -17.11
CA ILE A 177 -11.02 -2.94 -17.01
C ILE A 177 -9.83 -2.14 -17.52
N THR A 178 -10.12 -1.02 -18.15
CA THR A 178 -9.09 -0.15 -18.70
C THR A 178 -8.93 1.11 -17.86
N SER A 179 -7.68 1.38 -17.47
CA SER A 179 -7.37 2.53 -16.64
C SER A 179 -7.39 3.82 -17.45
N ILE A 180 -7.61 3.69 -18.76
CA ILE A 180 -7.58 4.82 -19.67
C ILE A 180 -8.78 5.75 -19.46
N ASN A 181 -9.83 5.23 -18.83
CA ASN A 181 -11.04 6.01 -18.58
C ASN A 181 -11.37 6.12 -17.11
N LYS A 182 -10.44 5.67 -16.26
CA LYS A 182 -10.61 5.79 -14.82
C LYS A 182 -10.65 7.26 -14.38
N GLY A 183 -11.87 7.79 -14.30
CA GLY A 183 -12.06 9.17 -13.92
C GLY A 183 -12.89 9.93 -14.94
N LEU A 184 -13.45 9.20 -15.91
CA LEU A 184 -14.35 9.82 -16.88
C LEU A 184 -15.68 10.10 -16.19
N PRO A 185 -16.37 11.17 -16.62
CA PRO A 185 -17.66 11.56 -16.04
C PRO A 185 -18.71 10.45 -16.11
N ILE A 186 -19.03 9.87 -14.95
CA ILE A 186 -20.06 8.84 -14.87
C ILE A 186 -21.24 9.35 -14.04
N LEU A 187 -22.44 9.20 -14.59
CA LEU A 187 -23.65 9.55 -13.87
C LEU A 187 -24.49 8.33 -13.62
N VAL A 188 -24.70 8.01 -12.34
CA VAL A 188 -25.58 6.91 -11.97
C VAL A 188 -26.88 7.50 -11.43
N CYS A 189 -27.99 7.00 -11.96
CA CYS A 189 -29.31 7.40 -11.46
C CYS A 189 -30.10 6.14 -11.13
N HIS A 190 -30.96 6.21 -10.11
CA HIS A 190 -31.74 5.04 -9.71
C HIS A 190 -32.98 5.37 -8.87
N GLY A 191 -34.04 4.60 -9.07
CA GLY A 191 -35.29 4.82 -8.35
C GLY A 191 -35.30 4.13 -7.00
N THR A 192 -35.93 4.78 -6.03
CA THR A 192 -35.99 4.28 -4.67
C THR A 192 -37.02 3.15 -4.51
N ASP A 193 -38.17 3.31 -5.16
CA ASP A 193 -39.24 2.32 -5.03
C ASP A 193 -39.23 1.30 -6.17
N ASP A 194 -38.07 1.14 -6.82
CA ASP A 194 -37.94 0.16 -7.89
C ASP A 194 -38.06 -1.26 -7.35
N GLN A 195 -39.03 -2.00 -7.85
CA GLN A 195 -39.24 -3.38 -7.44
C GLN A 195 -38.87 -4.33 -8.57
N VAL A 196 -38.44 -3.75 -9.68
CA VAL A 196 -37.94 -4.51 -10.81
C VAL A 196 -36.41 -4.60 -10.71
N LEU A 197 -35.80 -3.49 -10.33
CA LEU A 197 -34.35 -3.41 -10.19
C LEU A 197 -34.05 -2.55 -8.96
N PRO A 198 -34.06 -3.18 -7.76
CA PRO A 198 -33.95 -2.51 -6.46
C PRO A 198 -32.77 -1.56 -6.34
N GLU A 199 -32.85 -0.60 -5.42
CA GLU A 199 -31.89 0.49 -5.32
C GLU A 199 -30.49 0.06 -4.88
N VAL A 200 -30.42 -0.95 -4.02
CA VAL A 200 -29.14 -1.45 -3.51
C VAL A 200 -28.25 -2.03 -4.61
N LEU A 201 -28.85 -2.34 -5.76
CA LEU A 201 -28.11 -2.82 -6.91
C LEU A 201 -27.50 -1.65 -7.68
N GLY A 202 -28.17 -0.50 -7.63
CA GLY A 202 -27.63 0.72 -8.18
C GLY A 202 -26.50 1.22 -7.31
N HIS A 203 -26.70 1.13 -5.99
CA HIS A 203 -25.63 1.37 -5.03
C HIS A 203 -24.49 0.41 -5.30
N ASP A 204 -24.83 -0.82 -5.68
CA ASP A 204 -23.83 -1.83 -6.00
C ASP A 204 -22.99 -1.44 -7.22
N LEU A 205 -23.65 -0.98 -8.28
CA LEU A 205 -22.95 -0.52 -9.47
C LEU A 205 -22.06 0.68 -9.16
N SER A 206 -22.63 1.68 -8.50
CA SER A 206 -21.90 2.91 -8.17
C SER A 206 -20.68 2.65 -7.29
N ASP A 207 -20.87 1.83 -6.25
CA ASP A 207 -19.80 1.49 -5.33
C ASP A 207 -18.73 0.65 -6.01
N LYS A 208 -19.17 -0.34 -6.78
CA LYS A 208 -18.23 -1.22 -7.48
C LYS A 208 -17.48 -0.49 -8.60
N LEU A 209 -18.01 0.66 -9.00
CA LEU A 209 -17.28 1.53 -9.93
C LEU A 209 -16.34 2.45 -9.15
N LYS A 210 -16.75 2.83 -7.94
CA LYS A 210 -15.97 3.71 -7.07
C LYS A 210 -14.64 3.08 -6.68
N VAL A 211 -14.71 1.88 -6.10
CA VAL A 211 -13.52 1.17 -5.67
C VAL A 211 -12.70 0.69 -6.86
N SER A 212 -13.33 0.64 -8.03
CA SER A 212 -12.67 0.21 -9.25
C SER A 212 -11.75 1.30 -9.80
N GLY A 213 -11.99 2.53 -9.37
CA GLY A 213 -11.19 3.66 -9.81
C GLY A 213 -11.99 4.65 -10.63
N PHE A 214 -13.29 4.40 -10.75
CA PHE A 214 -14.17 5.30 -11.51
C PHE A 214 -15.11 6.04 -10.56
N ALA A 215 -14.80 7.31 -10.30
CA ALA A 215 -15.66 8.15 -9.48
C ALA A 215 -16.95 8.47 -10.23
N ASN A 216 -18.05 8.58 -9.49
CA ASN A 216 -19.35 8.84 -10.10
C ASN A 216 -20.30 9.56 -9.15
N GLU A 217 -21.20 10.35 -9.73
CA GLU A 217 -22.28 10.97 -8.97
C GLU A 217 -23.43 9.98 -8.84
N TYR A 218 -23.80 9.66 -7.61
CA TYR A 218 -24.95 8.79 -7.39
C TYR A 218 -26.18 9.62 -7.05
N LYS A 219 -27.19 9.57 -7.92
CA LYS A 219 -28.40 10.35 -7.74
C LYS A 219 -29.64 9.47 -7.71
N HIS A 220 -30.12 9.14 -6.51
CA HIS A 220 -31.34 8.37 -6.39
C HIS A 220 -32.56 9.26 -6.20
N TYR A 221 -33.71 8.78 -6.67
CA TYR A 221 -34.94 9.56 -6.62
C TYR A 221 -36.02 8.86 -5.79
N VAL A 222 -36.46 9.52 -4.72
CA VAL A 222 -37.46 8.95 -3.83
C VAL A 222 -38.78 8.78 -4.57
N GLY A 223 -39.51 7.72 -4.24
CA GLY A 223 -40.82 7.49 -4.83
C GLY A 223 -40.75 6.85 -6.20
N MET A 224 -39.78 7.28 -7.00
CA MET A 224 -39.64 6.77 -8.35
C MET A 224 -39.35 5.28 -8.36
N GLN A 225 -39.97 4.57 -9.31
CA GLN A 225 -39.76 3.14 -9.46
C GLN A 225 -38.84 2.85 -10.65
N HIS A 226 -39.27 1.94 -11.52
CA HIS A 226 -38.50 1.60 -12.70
C HIS A 226 -38.91 2.48 -13.88
N SER A 227 -38.42 3.72 -13.88
CA SER A 227 -38.76 4.69 -14.92
C SER A 227 -37.79 5.86 -14.93
N VAL A 228 -38.14 6.90 -15.68
CA VAL A 228 -37.38 8.14 -15.72
C VAL A 228 -38.32 9.31 -15.46
N CYS A 229 -37.98 10.12 -14.45
CA CYS A 229 -38.81 11.26 -14.08
C CYS A 229 -38.30 12.58 -14.65
N MET A 230 -38.96 13.64 -14.26
CA MET A 230 -38.67 14.95 -14.82
C MET A 230 -37.47 15.63 -14.19
N GLU A 231 -37.26 15.44 -12.90
CA GLU A 231 -36.11 15.97 -12.17
C GLU A 231 -34.87 15.26 -12.70
N GLU A 232 -35.01 13.95 -12.92
CA GLU A 232 -33.94 13.13 -13.47
C GLU A 232 -33.58 13.60 -14.88
N ILE A 233 -34.60 13.95 -15.67
CA ILE A 233 -34.37 14.44 -17.02
C ILE A 233 -33.57 15.74 -16.98
N LYS A 234 -33.94 16.62 -16.05
CA LYS A 234 -33.17 17.84 -15.80
C LYS A 234 -31.72 17.51 -15.48
N ASP A 235 -31.50 16.54 -14.59
CA ASP A 235 -30.14 16.17 -14.20
C ASP A 235 -29.31 15.55 -15.34
N ILE A 236 -29.98 14.79 -16.21
CA ILE A 236 -29.37 14.18 -17.37
C ILE A 236 -28.91 15.27 -18.32
N SER A 237 -29.84 16.18 -18.62
CA SER A 237 -29.57 17.38 -19.39
C SER A 237 -28.33 18.08 -18.83
N ASN A 238 -28.36 18.36 -17.54
CA ASN A 238 -27.23 19.01 -16.88
C ASN A 238 -25.93 18.23 -16.98
N PHE A 239 -26.02 16.90 -17.06
CA PHE A 239 -24.82 16.07 -17.23
C PHE A 239 -24.24 16.28 -18.62
N ILE A 240 -25.07 16.11 -19.64
CA ILE A 240 -24.64 16.36 -21.02
C ILE A 240 -24.04 17.76 -21.17
N ALA A 241 -24.64 18.74 -20.49
CA ALA A 241 -24.13 20.11 -20.50
C ALA A 241 -22.77 20.25 -19.82
N LYS A 242 -22.62 19.61 -18.66
CA LYS A 242 -21.40 19.75 -17.86
C LYS A 242 -20.26 18.85 -18.32
N THR A 243 -20.55 17.95 -19.27
CA THR A 243 -19.53 17.05 -19.80
C THR A 243 -19.08 17.48 -21.19
N PHE A 244 -20.02 17.87 -22.03
CA PHE A 244 -19.69 18.44 -23.33
C PHE A 244 -19.26 19.90 -23.20
N LYS A 245 -19.25 20.39 -21.96
CA LYS A 245 -18.81 21.74 -21.62
C LYS A 245 -19.42 22.81 -22.51
N ILE A 246 -20.69 22.63 -22.85
CA ILE A 246 -21.41 23.60 -23.65
C ILE A 246 -22.33 24.45 -22.77
N ASN B 23 54.87 -3.44 -16.59
CA ASN B 23 54.96 -2.00 -16.80
C ASN B 23 53.61 -1.38 -17.16
N ALA B 24 52.60 -2.23 -17.30
CA ALA B 24 51.25 -1.75 -17.62
C ALA B 24 50.64 -1.00 -16.44
N MET B 25 50.38 0.29 -16.63
CA MET B 25 49.83 1.10 -15.55
C MET B 25 49.07 2.34 -16.03
N ASN B 26 48.01 2.69 -15.30
CA ASN B 26 47.24 3.91 -15.55
C ASN B 26 47.50 4.96 -14.47
N TYR B 27 47.32 6.23 -14.84
CA TYR B 27 47.36 7.31 -13.85
C TYR B 27 46.75 8.61 -14.39
N GLU B 28 46.16 9.38 -13.48
CA GLU B 28 45.61 10.69 -13.82
C GLU B 28 46.63 11.77 -13.48
N LEU B 29 47.06 12.54 -14.48
CA LEU B 29 48.05 13.56 -14.26
C LEU B 29 47.49 14.97 -14.46
N MET B 30 47.89 15.89 -13.57
CA MET B 30 47.51 17.29 -13.70
C MET B 30 48.75 18.16 -13.92
N GLU B 31 48.81 18.80 -15.09
CA GLU B 31 49.85 19.75 -15.40
C GLU B 31 49.46 21.12 -14.87
N PRO B 32 50.39 21.82 -14.21
CA PRO B 32 50.10 23.13 -13.63
C PRO B 32 50.03 24.25 -14.67
N ALA B 33 49.52 25.41 -14.27
CA ALA B 33 49.36 26.55 -15.16
C ALA B 33 50.69 27.03 -15.73
N LYS B 34 51.69 27.17 -14.86
CA LYS B 34 53.03 27.52 -15.31
C LYS B 34 53.79 26.24 -15.63
N GLN B 35 55.12 26.35 -15.68
CA GLN B 35 55.96 25.19 -15.96
C GLN B 35 56.22 24.42 -14.67
N ALA B 36 55.91 23.13 -14.69
CA ALA B 36 56.00 22.28 -13.50
C ALA B 36 57.38 22.32 -12.83
N ARG B 37 57.41 22.83 -11.61
CA ARG B 37 58.65 22.95 -10.84
C ARG B 37 58.68 21.89 -9.72
N PHE B 38 57.51 21.36 -9.39
CA PHE B 38 57.40 20.32 -8.37
C PHE B 38 56.44 19.23 -8.82
N CYS B 39 56.37 18.16 -8.04
CA CYS B 39 55.46 17.06 -8.35
C CYS B 39 55.04 16.33 -7.09
N VAL B 40 53.75 16.07 -6.98
CA VAL B 40 53.22 15.25 -5.91
C VAL B 40 52.66 13.94 -6.46
N ILE B 41 53.25 12.82 -6.04
CA ILE B 41 52.75 11.51 -6.43
C ILE B 41 51.88 10.96 -5.28
N TRP B 42 50.59 10.78 -5.55
CA TRP B 42 49.62 10.42 -4.51
C TRP B 42 49.11 8.99 -4.67
N LEU B 43 49.24 8.19 -3.61
CA LEU B 43 48.87 6.78 -3.66
C LEU B 43 47.72 6.46 -2.71
N HIS B 44 46.67 5.82 -3.22
CA HIS B 44 45.60 5.31 -2.37
C HIS B 44 45.41 3.83 -2.66
N GLY B 45 45.03 3.07 -1.64
CA GLY B 45 44.89 1.62 -1.77
C GLY B 45 43.97 1.17 -2.88
N ALA B 48 37.31 -0.05 0.66
CA ALA B 48 37.45 0.33 2.06
C ALA B 48 38.26 1.61 2.21
N ASP B 49 39.42 1.64 1.54
CA ASP B 49 40.30 2.81 1.62
C ASP B 49 40.91 3.18 0.26
N GLY B 50 40.09 3.14 -0.79
CA GLY B 50 40.53 3.51 -2.11
C GLY B 50 39.85 4.78 -2.60
N HIS B 51 39.78 5.77 -1.72
CA HIS B 51 39.13 7.05 -2.00
C HIS B 51 39.79 7.77 -3.17
N ASP B 52 38.98 8.42 -4.01
CA ASP B 52 39.52 9.15 -5.15
C ASP B 52 39.95 10.55 -4.72
N PHE B 53 41.25 10.73 -4.56
CA PHE B 53 41.80 11.98 -4.06
C PHE B 53 42.09 12.98 -5.17
N VAL B 54 41.63 12.69 -6.38
CA VAL B 54 41.89 13.57 -7.53
C VAL B 54 41.40 15.00 -7.26
N ASP B 55 40.26 15.11 -6.60
CA ASP B 55 39.65 16.41 -6.31
C ASP B 55 40.36 17.15 -5.19
N ILE B 56 41.21 16.45 -4.44
CA ILE B 56 41.84 17.01 -3.24
C ILE B 56 42.66 18.26 -3.53
N VAL B 57 43.13 18.37 -4.77
CA VAL B 57 43.99 19.46 -5.18
C VAL B 57 43.19 20.77 -5.19
N ASN B 58 41.87 20.65 -5.26
CA ASN B 58 40.97 21.79 -5.24
C ASN B 58 40.72 22.26 -3.82
N TYR B 59 41.29 21.54 -2.86
CA TYR B 59 41.06 21.81 -1.44
C TYR B 59 42.26 22.48 -0.78
N PHE B 60 43.29 22.78 -1.56
CA PHE B 60 44.54 23.29 -1.01
C PHE B 60 44.65 24.80 -1.06
N ASP B 61 45.18 25.39 0.01
CA ASP B 61 45.35 26.84 0.13
C ASP B 61 46.71 27.32 -0.37
N VAL B 62 47.56 26.40 -0.82
CA VAL B 62 48.88 26.75 -1.34
C VAL B 62 48.83 26.84 -2.88
N SER B 63 49.62 27.75 -3.44
CA SER B 63 49.60 27.98 -4.87
C SER B 63 50.09 26.77 -5.66
N LEU B 64 49.38 26.47 -6.74
CA LEU B 64 49.67 25.29 -7.56
C LEU B 64 50.09 25.72 -8.96
N ASP B 65 50.84 26.82 -9.03
CA ASP B 65 51.31 27.34 -10.31
C ASP B 65 52.43 26.46 -10.86
N GLU B 66 53.23 25.90 -9.95
CA GLU B 66 54.44 25.20 -10.31
C GLU B 66 54.41 23.73 -9.95
N ILE B 67 53.28 23.25 -9.44
CA ILE B 67 53.20 21.87 -8.98
C ILE B 67 52.36 20.97 -9.89
N ARG B 68 52.98 19.88 -10.31
CA ARG B 68 52.35 18.85 -11.13
C ARG B 68 51.81 17.77 -10.20
N PHE B 69 50.73 17.11 -10.59
CA PHE B 69 50.21 16.02 -9.78
C PHE B 69 50.12 14.70 -10.54
N ILE B 70 50.52 13.62 -9.87
CA ILE B 70 50.36 12.28 -10.42
C ILE B 70 49.53 11.41 -9.48
N PHE B 71 48.40 10.93 -10.00
CA PHE B 71 47.51 10.04 -9.28
C PHE B 71 47.51 8.66 -9.92
N PRO B 72 48.43 7.78 -9.48
CA PRO B 72 48.41 6.39 -9.91
C PRO B 72 47.14 5.69 -9.44
N HIS B 73 46.50 4.93 -10.32
CA HIS B 73 45.29 4.20 -9.97
C HIS B 73 45.59 3.09 -8.97
N ALA B 74 44.54 2.54 -8.36
CA ALA B 74 44.69 1.60 -7.26
C ALA B 74 45.20 0.21 -7.66
N ASP B 75 45.74 0.09 -8.86
CA ASP B 75 46.30 -1.18 -9.32
C ASP B 75 47.81 -1.20 -9.09
N ILE B 76 48.37 -0.03 -8.80
CA ILE B 76 49.78 0.08 -8.44
C ILE B 76 49.96 -0.42 -7.02
N ILE B 77 48.85 -0.44 -6.27
CA ILE B 77 48.82 -0.96 -4.91
C ILE B 77 48.30 -2.39 -4.93
N PRO B 78 49.13 -3.36 -4.52
CA PRO B 78 48.70 -4.76 -4.48
C PRO B 78 47.57 -5.01 -3.49
N VAL B 79 46.83 -6.10 -3.70
CA VAL B 79 45.64 -6.40 -2.90
C VAL B 79 45.97 -7.28 -1.71
N THR B 80 47.13 -7.92 -1.75
CA THR B 80 47.50 -8.90 -0.74
C THR B 80 48.19 -8.30 0.48
N ILE B 81 48.46 -7.00 0.42
CA ILE B 81 49.15 -6.33 1.52
C ILE B 81 48.23 -6.09 2.72
N ASN B 82 46.96 -5.83 2.45
CA ASN B 82 46.00 -5.51 3.52
C ASN B 82 44.94 -6.57 3.75
N MET B 83 44.95 -7.63 2.94
CA MET B 83 44.02 -8.73 3.15
C MET B 83 44.44 -9.52 4.37
N GLY B 84 45.71 -9.88 4.44
CA GLY B 84 46.25 -10.57 5.60
C GLY B 84 46.30 -9.67 6.83
N MET B 85 46.12 -8.38 6.61
CA MET B 85 46.08 -7.40 7.69
C MET B 85 44.84 -7.50 8.57
N GLN B 86 43.68 -7.19 8.00
CA GLN B 86 42.42 -7.28 8.75
C GLN B 86 41.67 -8.57 8.49
N MET B 87 42.41 -9.66 8.36
CA MET B 87 41.84 -10.99 8.41
C MET B 87 42.43 -11.77 9.59
N ARG B 88 43.63 -11.38 9.99
CA ARG B 88 44.37 -12.07 11.05
C ARG B 88 44.39 -11.28 12.35
N ALA B 89 44.55 -9.96 12.23
CA ALA B 89 44.64 -9.09 13.39
C ALA B 89 43.32 -9.04 14.15
N TRP B 90 43.42 -9.04 15.47
CA TRP B 90 42.24 -8.92 16.33
C TRP B 90 41.52 -7.62 16.03
N TYR B 91 40.24 -7.55 16.39
CA TYR B 91 39.43 -6.37 16.12
C TYR B 91 40.06 -5.12 16.71
N ASP B 92 40.78 -5.30 17.82
CA ASP B 92 41.68 -4.27 18.31
C ASP B 92 43.11 -4.78 18.27
N ILE B 93 43.97 -4.07 17.55
CA ILE B 93 45.38 -4.44 17.48
C ILE B 93 46.26 -3.29 17.94
N LYS B 94 47.15 -3.57 18.89
CA LYS B 94 47.97 -2.53 19.51
C LYS B 94 49.44 -2.67 19.12
N SER B 95 49.77 -3.75 18.41
CA SER B 95 51.10 -3.98 17.87
C SER B 95 51.05 -5.07 16.80
N LEU B 96 51.94 -4.97 15.81
CA LEU B 96 51.97 -5.91 14.70
C LEU B 96 52.86 -7.12 14.95
N ASP B 97 53.05 -7.46 16.23
CA ASP B 97 53.89 -8.59 16.60
C ASP B 97 53.36 -9.92 16.07
N SER B 100 53.67 -12.90 14.38
CA SER B 100 52.90 -13.90 13.63
C SER B 100 52.32 -13.29 12.36
N LEU B 101 51.69 -12.12 12.53
CA LEU B 101 51.07 -11.39 11.43
C LEU B 101 52.09 -11.03 10.36
N ASN B 102 53.35 -10.91 10.78
CA ASN B 102 54.44 -10.60 9.87
C ASN B 102 54.72 -11.66 8.80
N ARG B 103 53.96 -12.75 8.83
CA ARG B 103 54.10 -13.84 7.87
C ARG B 103 53.01 -13.76 6.81
N VAL B 104 51.99 -12.94 7.08
CA VAL B 104 50.82 -12.86 6.22
C VAL B 104 50.86 -11.63 5.32
N VAL B 105 52.02 -10.99 5.24
CA VAL B 105 52.18 -9.82 4.40
C VAL B 105 52.84 -10.19 3.07
N ASP B 106 52.40 -9.57 1.99
CA ASP B 106 52.99 -9.81 0.68
C ASP B 106 54.16 -8.85 0.45
N VAL B 107 55.34 -9.23 0.92
CA VAL B 107 56.52 -8.38 0.85
C VAL B 107 57.00 -8.12 -0.59
N GLU B 108 56.95 -9.14 -1.43
CA GLU B 108 57.38 -9.00 -2.82
C GLU B 108 56.47 -8.04 -3.59
N GLY B 109 55.18 -8.09 -3.27
CA GLY B 109 54.21 -7.18 -3.86
C GLY B 109 54.55 -5.74 -3.50
N ILE B 110 54.96 -5.54 -2.25
CA ILE B 110 55.40 -4.23 -1.79
C ILE B 110 56.64 -3.80 -2.57
N ASN B 111 57.62 -4.70 -2.67
CA ASN B 111 58.85 -4.40 -3.40
C ASN B 111 58.53 -3.95 -4.82
N SER B 112 57.58 -4.64 -5.45
CA SER B 112 57.18 -4.34 -6.82
C SER B 112 56.48 -2.99 -6.92
N SER B 113 55.56 -2.72 -6.00
CA SER B 113 54.84 -1.45 -5.99
C SER B 113 55.81 -0.29 -5.79
N ILE B 114 56.77 -0.51 -4.90
CA ILE B 114 57.87 0.42 -4.69
C ILE B 114 58.63 0.63 -5.99
N ALA B 115 58.83 -0.45 -6.74
CA ALA B 115 59.53 -0.36 -8.02
C ALA B 115 58.72 0.43 -9.05
N LYS B 116 57.40 0.42 -8.92
CA LYS B 116 56.53 1.19 -9.81
C LYS B 116 56.55 2.67 -9.44
N VAL B 117 56.54 2.97 -8.15
CA VAL B 117 56.68 4.34 -7.69
C VAL B 117 58.04 4.87 -8.13
N ASN B 118 59.07 4.04 -8.00
CA ASN B 118 60.43 4.37 -8.42
C ASN B 118 60.52 4.53 -9.92
N LYS B 119 59.64 3.85 -10.64
CA LYS B 119 59.55 4.00 -12.07
C LYS B 119 58.93 5.36 -12.38
N LEU B 120 58.01 5.79 -11.53
CA LEU B 120 57.39 7.11 -11.67
C LEU B 120 58.36 8.25 -11.35
N ILE B 121 59.19 8.04 -10.34
CA ILE B 121 60.22 9.00 -9.97
C ILE B 121 61.29 9.05 -11.05
N ASP B 122 61.66 7.88 -11.57
CA ASP B 122 62.60 7.80 -12.68
C ASP B 122 62.07 8.54 -13.90
N SER B 123 60.77 8.36 -14.15
CA SER B 123 60.11 9.01 -15.27
C SER B 123 60.13 10.52 -15.10
N GLN B 124 59.72 10.97 -13.93
CA GLN B 124 59.60 12.39 -13.63
C GLN B 124 60.94 13.12 -13.62
N VAL B 125 61.94 12.51 -13.00
CA VAL B 125 63.27 13.10 -12.88
C VAL B 125 63.82 13.54 -14.24
N ASN B 126 63.64 12.70 -15.24
CA ASN B 126 64.15 12.98 -16.58
C ASN B 126 63.12 13.74 -17.40
N GLN B 127 61.91 13.84 -16.88
CA GLN B 127 60.83 14.57 -17.54
C GLN B 127 60.94 16.06 -17.22
N GLY B 128 62.01 16.45 -16.52
CA GLY B 128 62.31 17.84 -16.28
C GLY B 128 62.40 18.29 -14.83
N ILE B 129 61.79 17.53 -13.93
CA ILE B 129 61.66 17.95 -12.54
C ILE B 129 62.64 17.24 -11.60
N ALA B 130 63.05 17.96 -10.55
CA ALA B 130 64.06 17.48 -9.61
C ALA B 130 63.49 16.44 -8.64
N SER B 131 64.27 15.41 -8.36
CA SER B 131 63.84 14.36 -7.42
C SER B 131 63.65 14.92 -6.01
N GLU B 132 64.39 15.96 -5.68
CA GLU B 132 64.27 16.60 -4.37
C GLU B 132 63.03 17.48 -4.35
N ASN B 133 62.40 17.63 -5.52
CA ASN B 133 61.14 18.36 -5.61
C ASN B 133 59.99 17.43 -5.99
N ILE B 134 60.15 16.16 -5.62
CA ILE B 134 59.11 15.17 -5.82
C ILE B 134 58.60 14.72 -4.46
N ILE B 135 57.30 14.86 -4.22
CA ILE B 135 56.72 14.43 -2.96
C ILE B 135 55.93 13.14 -3.14
N LEU B 136 56.17 12.20 -2.23
CA LEU B 136 55.41 10.96 -2.19
C LEU B 136 54.37 11.01 -1.07
N ALA B 137 53.10 11.01 -1.45
CA ALA B 137 52.01 11.03 -0.48
C ALA B 137 51.25 9.71 -0.54
N GLY B 138 50.47 9.41 0.49
CA GLY B 138 49.75 8.16 0.54
C GLY B 138 48.68 8.03 1.61
N PHE B 139 47.54 7.48 1.22
CA PHE B 139 46.46 7.21 2.16
C PHE B 139 46.28 5.71 2.39
N SER B 140 46.24 5.33 3.67
CA SER B 140 46.09 3.93 4.08
C SER B 140 47.14 3.04 3.42
N GLN B 141 46.68 2.04 2.67
CA GLN B 141 47.57 1.09 2.00
C GLN B 141 48.66 1.80 1.22
N GLY B 142 48.30 2.91 0.58
CA GLY B 142 49.22 3.67 -0.23
C GLY B 142 50.34 4.30 0.57
N GLY B 143 49.98 4.84 1.74
CA GLY B 143 50.93 5.50 2.62
C GLY B 143 52.18 4.67 2.82
N ILE B 144 51.96 3.41 3.19
CA ILE B 144 53.00 2.39 3.29
C ILE B 144 53.99 2.53 2.14
N ILE B 145 53.50 2.28 0.93
CA ILE B 145 54.33 2.28 -0.27
C ILE B 145 55.10 3.59 -0.45
N ALA B 146 54.52 4.70 0.00
CA ALA B 146 55.24 5.96 -0.07
C ALA B 146 56.46 5.88 0.83
N THR B 147 56.20 5.65 2.12
CA THR B 147 57.24 5.68 3.14
C THR B 147 58.41 4.76 2.79
N TYR B 148 58.11 3.48 2.62
CA TYR B 148 59.11 2.49 2.27
C TYR B 148 59.86 2.83 0.98
N THR B 149 59.21 3.54 0.06
CA THR B 149 59.87 3.90 -1.18
C THR B 149 60.90 4.98 -0.92
N ALA B 150 60.57 5.89 -0.02
CA ALA B 150 61.39 7.08 0.19
C ALA B 150 62.46 6.90 1.27
N ILE B 151 62.29 5.91 2.14
CA ILE B 151 63.30 5.64 3.15
C ILE B 151 64.34 4.68 2.61
N THR B 152 63.98 3.94 1.57
CA THR B 152 64.90 3.04 0.89
C THR B 152 65.30 3.59 -0.46
N SER B 153 64.75 4.75 -0.81
CA SER B 153 65.09 5.45 -2.03
C SER B 153 66.58 5.72 -2.05
N GLN B 154 67.23 5.31 -3.13
CA GLN B 154 68.65 5.55 -3.30
C GLN B 154 68.91 6.97 -3.78
N ARG B 155 67.83 7.69 -4.10
CA ARG B 155 67.93 9.05 -4.61
C ARG B 155 67.20 10.06 -3.72
N LYS B 156 67.78 11.25 -3.62
CA LYS B 156 67.27 12.31 -2.75
C LYS B 156 65.87 12.76 -3.15
N LEU B 157 64.89 12.49 -2.30
CA LEU B 157 63.52 12.89 -2.56
C LEU B 157 63.15 14.16 -1.80
N GLY B 158 61.87 14.50 -1.78
CA GLY B 158 61.45 15.78 -1.24
C GLY B 158 60.59 15.74 0.01
N GLY B 159 59.73 14.74 0.11
CA GLY B 159 58.80 14.67 1.22
C GLY B 159 57.95 13.42 1.29
N ILE B 160 57.73 12.94 2.52
CA ILE B 160 56.87 11.79 2.73
C ILE B 160 55.61 12.23 3.45
N MET B 161 54.46 12.11 2.79
CA MET B 161 53.20 12.40 3.45
C MET B 161 52.40 11.12 3.71
N ALA B 162 52.51 10.61 4.92
CA ALA B 162 51.81 9.39 5.31
C ALA B 162 50.52 9.72 6.03
N LEU B 163 49.40 9.20 5.54
CA LEU B 163 48.10 9.52 6.11
C LEU B 163 47.35 8.27 6.54
N SER B 164 47.17 8.11 7.85
CA SER B 164 46.38 7.01 8.39
C SER B 164 46.88 5.66 7.91
N THR B 165 48.20 5.48 7.95
CA THR B 165 48.85 4.30 7.42
C THR B 165 49.80 3.72 8.46
N TYR B 166 50.49 2.63 8.13
CA TYR B 166 51.37 1.97 9.09
C TYR B 166 52.63 1.38 8.44
N LEU B 167 53.43 0.68 9.26
CA LEU B 167 54.65 0.02 8.79
C LEU B 167 54.59 -1.49 8.95
N PRO B 168 54.17 -2.21 7.90
CA PRO B 168 54.01 -3.67 7.92
C PRO B 168 55.30 -4.38 7.54
N ALA B 169 55.52 -5.55 8.14
CA ALA B 169 56.73 -6.33 7.91
C ALA B 169 57.97 -5.44 8.05
N TRP B 170 58.01 -4.68 9.14
CA TRP B 170 59.10 -3.75 9.40
C TRP B 170 60.46 -4.45 9.35
N ASP B 171 60.49 -5.70 9.77
CA ASP B 171 61.73 -6.49 9.74
C ASP B 171 62.11 -6.92 8.33
N ASN B 172 61.26 -6.63 7.36
CA ASN B 172 61.55 -6.98 5.96
C ASN B 172 62.08 -5.81 5.14
N PHE B 173 62.07 -4.62 5.74
CA PHE B 173 62.43 -3.41 5.01
C PHE B 173 63.42 -2.51 5.77
N LYS B 174 63.41 -2.60 7.10
CA LYS B 174 64.21 -1.70 7.93
C LYS B 174 65.72 -1.76 7.66
N GLY B 175 66.17 -2.87 7.07
CA GLY B 175 67.57 -3.01 6.72
C GLY B 175 67.93 -2.37 5.39
N LYS B 176 66.91 -2.10 4.58
CA LYS B 176 67.10 -1.52 3.26
C LYS B 176 67.03 0.00 3.27
N ILE B 177 67.01 0.60 4.47
CA ILE B 177 66.89 2.04 4.60
C ILE B 177 68.13 2.76 4.04
N THR B 178 67.90 3.87 3.35
CA THR B 178 69.00 4.66 2.81
C THR B 178 69.21 5.95 3.61
N SER B 179 70.48 6.23 3.90
CA SER B 179 70.86 7.36 4.74
C SER B 179 70.67 8.69 4.01
N ILE B 180 70.59 8.63 2.69
CA ILE B 180 70.56 9.82 1.86
C ILE B 180 69.30 10.66 2.01
N ASN B 181 68.32 10.15 2.75
CA ASN B 181 67.05 10.86 2.91
C ASN B 181 66.68 11.17 4.36
N LYS B 182 67.40 10.57 5.30
CA LYS B 182 67.12 10.80 6.72
C LYS B 182 67.14 12.28 7.05
N GLY B 183 66.00 12.80 7.50
CA GLY B 183 65.87 14.20 7.83
C GLY B 183 65.12 15.00 6.76
N LEU B 184 64.60 14.29 5.76
CA LEU B 184 63.75 14.93 4.77
C LEU B 184 62.36 15.17 5.39
N PRO B 185 61.62 16.16 4.88
CA PRO B 185 60.31 16.49 5.44
C PRO B 185 59.32 15.33 5.41
N ILE B 186 58.85 14.93 6.58
CA ILE B 186 57.84 13.88 6.68
C ILE B 186 56.65 14.32 7.53
N LEU B 187 55.47 14.29 6.92
CA LEU B 187 54.22 14.59 7.62
C LEU B 187 53.42 13.33 7.85
N VAL B 188 53.26 12.94 9.12
CA VAL B 188 52.44 11.81 9.48
C VAL B 188 51.12 12.30 10.04
N CYS B 189 50.02 11.69 9.62
CA CYS B 189 48.69 12.06 10.11
C CYS B 189 47.91 10.81 10.51
N HIS B 190 47.18 10.90 11.62
CA HIS B 190 46.36 9.76 12.04
C HIS B 190 45.12 10.09 12.87
N GLY B 191 44.01 9.45 12.52
CA GLY B 191 42.76 9.63 13.22
C GLY B 191 42.81 9.08 14.64
N THR B 192 41.97 9.64 15.50
CA THR B 192 41.94 9.26 16.90
C THR B 192 40.92 8.15 17.17
N ASP B 193 39.85 8.12 16.39
CA ASP B 193 38.84 7.07 16.50
C ASP B 193 38.95 6.04 15.38
N ASP B 194 40.11 5.97 14.74
CA ASP B 194 40.35 5.03 13.67
C ASP B 194 40.19 3.59 14.15
N GLN B 195 39.33 2.83 13.47
CA GLN B 195 39.05 1.44 13.85
C GLN B 195 39.50 0.49 12.75
N VAL B 196 39.74 1.03 11.56
CA VAL B 196 40.29 0.25 10.45
C VAL B 196 41.81 0.17 10.56
N LEU B 197 42.43 1.31 10.87
CA LEU B 197 43.85 1.35 11.21
C LEU B 197 44.08 2.14 12.49
N PRO B 198 44.14 1.43 13.63
CA PRO B 198 44.28 2.04 14.97
C PRO B 198 45.36 3.11 15.04
N GLU B 199 45.19 4.09 15.93
CA GLU B 199 46.10 5.22 16.02
C GLU B 199 47.51 4.80 16.42
N VAL B 200 47.61 3.77 17.26
CA VAL B 200 48.91 3.25 17.70
C VAL B 200 49.75 2.76 16.53
N LEU B 201 49.09 2.34 15.46
CA LEU B 201 49.77 1.94 14.23
C LEU B 201 50.31 3.16 13.50
N GLY B 202 49.74 4.32 13.79
CA GLY B 202 50.21 5.57 13.21
C GLY B 202 51.28 6.21 14.08
N HIS B 203 51.28 5.84 15.36
CA HIS B 203 52.31 6.28 16.29
C HIS B 203 53.59 5.49 16.05
N ASP B 204 53.45 4.17 15.89
CA ASP B 204 54.60 3.30 15.73
C ASP B 204 55.39 3.61 14.46
N LEU B 205 54.70 4.08 13.43
CA LEU B 205 55.36 4.49 12.19
C LEU B 205 56.28 5.67 12.47
N SER B 206 55.74 6.67 13.15
CA SER B 206 56.47 7.86 13.52
C SER B 206 57.66 7.55 14.43
N ASP B 207 57.45 6.65 15.38
CA ASP B 207 58.49 6.30 16.34
C ASP B 207 59.60 5.47 15.70
N LYS B 208 59.22 4.51 14.88
CA LYS B 208 60.20 3.65 14.21
C LYS B 208 60.97 4.42 13.14
N LEU B 209 60.34 5.43 12.55
CA LEU B 209 61.05 6.32 11.66
C LEU B 209 62.00 7.21 12.44
N LYS B 210 61.53 7.69 13.60
CA LYS B 210 62.32 8.57 14.46
C LYS B 210 63.59 7.90 14.96
N VAL B 211 63.49 6.63 15.34
CA VAL B 211 64.64 5.90 15.83
C VAL B 211 65.59 5.57 14.68
N SER B 212 65.05 5.53 13.47
CA SER B 212 65.84 5.21 12.29
C SER B 212 66.38 6.48 11.64
N GLY B 213 66.26 7.60 12.33
CA GLY B 213 66.86 8.86 11.89
C GLY B 213 65.97 9.73 11.03
N PHE B 214 64.72 9.31 10.84
CA PHE B 214 63.79 10.08 10.03
C PHE B 214 62.89 10.97 10.88
N ALA B 215 63.38 12.16 11.19
CA ALA B 215 62.62 13.14 11.96
C ALA B 215 61.34 13.54 11.21
N ASN B 216 60.23 13.60 11.94
CA ASN B 216 58.95 13.95 11.33
C ASN B 216 57.96 14.60 12.29
N GLU B 217 56.94 15.22 11.73
CA GLU B 217 55.84 15.78 12.51
C GLU B 217 54.68 14.80 12.51
N TYR B 218 54.25 14.41 13.70
CA TYR B 218 53.08 13.57 13.85
C TYR B 218 51.87 14.42 14.22
N LYS B 219 50.76 14.21 13.52
CA LYS B 219 49.53 14.94 13.80
C LYS B 219 48.35 13.98 13.97
N HIS B 220 47.88 13.86 15.21
CA HIS B 220 46.71 13.04 15.49
C HIS B 220 45.47 13.91 15.59
N TYR B 221 44.44 13.54 14.83
CA TYR B 221 43.24 14.37 14.74
C TYR B 221 42.12 13.80 15.59
N VAL B 222 41.81 14.51 16.67
CA VAL B 222 40.80 14.06 17.62
C VAL B 222 39.42 14.05 16.98
N GLY B 223 38.79 12.89 16.98
CA GLY B 223 37.47 12.73 16.42
C GLY B 223 37.46 12.00 15.11
N MET B 224 38.54 12.12 14.36
CA MET B 224 38.63 11.50 13.05
C MET B 224 38.88 10.00 13.13
N GLN B 225 38.20 9.26 12.27
CA GLN B 225 38.43 7.84 12.16
C GLN B 225 39.31 7.53 10.94
N HIS B 226 38.86 6.52 9.92
CA HIS B 226 39.58 6.20 8.68
C HIS B 226 39.18 7.13 7.53
N SER B 227 39.59 8.44 7.73
CA SER B 227 39.25 9.41 6.70
C SER B 227 40.19 10.61 6.74
N VAL B 228 39.86 11.64 5.96
CA VAL B 228 40.63 12.86 5.92
C VAL B 228 39.72 14.05 6.24
N CYS B 229 40.14 14.87 7.21
CA CYS B 229 39.33 16.01 7.62
C CYS B 229 39.80 17.31 6.97
N MET B 230 39.12 18.41 7.29
CA MET B 230 39.43 19.69 6.67
C MET B 230 40.67 20.32 7.27
N GLU B 231 40.83 20.17 8.58
CA GLU B 231 42.03 20.63 9.26
C GLU B 231 43.25 19.87 8.76
N GLU B 232 43.04 18.59 8.44
CA GLU B 232 44.12 17.78 7.90
C GLU B 232 44.55 18.34 6.55
N ILE B 233 43.57 18.81 5.76
CA ILE B 233 43.86 19.39 4.46
C ILE B 233 44.63 20.71 4.63
N LYS B 234 44.19 21.50 5.61
CA LYS B 234 44.90 22.71 5.96
C LYS B 234 46.37 22.40 6.22
N ASP B 235 46.60 21.45 7.12
CA ASP B 235 47.97 21.07 7.49
C ASP B 235 48.76 20.45 6.33
N ILE B 236 48.07 19.81 5.40
CA ILE B 236 48.73 19.24 4.22
C ILE B 236 49.23 20.35 3.31
N SER B 237 48.36 21.31 3.03
CA SER B 237 48.73 22.47 2.23
C SER B 237 49.84 23.26 2.89
N ASN B 238 49.79 23.36 4.21
CA ASN B 238 50.85 24.01 4.97
C ASN B 238 52.16 23.24 4.84
N PHE B 239 52.06 21.91 4.83
CA PHE B 239 53.25 21.06 4.71
C PHE B 239 53.93 21.30 3.38
N ILE B 240 53.16 21.16 2.31
CA ILE B 240 53.67 21.39 0.96
C ILE B 240 54.21 22.81 0.82
N ALA B 241 53.55 23.75 1.48
CA ALA B 241 54.00 25.14 1.48
C ALA B 241 55.38 25.26 2.10
N LYS B 242 55.61 24.52 3.19
CA LYS B 242 56.89 24.51 3.88
C LYS B 242 57.98 23.83 3.07
N THR B 243 57.68 22.63 2.57
CA THR B 243 58.68 21.77 1.94
C THR B 243 59.07 22.26 0.56
N PHE B 244 58.07 22.66 -0.24
CA PHE B 244 58.33 23.10 -1.60
C PHE B 244 58.71 24.58 -1.68
N LYS B 245 58.50 25.31 -0.58
CA LYS B 245 58.88 26.72 -0.48
C LYS B 245 58.15 27.62 -1.47
N ILE B 246 56.89 27.31 -1.73
CA ILE B 246 56.02 28.19 -2.52
C ILE B 246 55.11 28.97 -1.58
N ASN C 23 -48.92 -23.35 24.12
CA ASN C 23 -49.39 -22.24 23.30
C ASN C 23 -48.29 -21.27 22.94
N ALA C 24 -47.12 -21.43 23.57
CA ALA C 24 -46.02 -20.47 23.46
C ALA C 24 -45.50 -20.33 22.03
N MET C 25 -46.06 -19.38 21.29
CA MET C 25 -45.56 -19.03 19.97
C MET C 25 -45.60 -17.51 19.75
N ASN C 26 -44.64 -17.01 18.99
CA ASN C 26 -44.60 -15.59 18.63
C ASN C 26 -45.05 -15.40 17.19
N TYR C 27 -45.53 -14.21 16.85
CA TYR C 27 -45.82 -13.88 15.45
C TYR C 27 -45.79 -12.38 15.11
N GLU C 28 -45.53 -12.10 13.84
CA GLU C 28 -45.56 -10.73 13.31
C GLU C 28 -46.93 -10.46 12.71
N LEU C 29 -47.72 -9.65 13.40
CA LEU C 29 -49.06 -9.35 12.94
C LEU C 29 -49.14 -7.97 12.32
N MET C 30 -49.95 -7.87 11.27
CA MET C 30 -50.15 -6.63 10.54
C MET C 30 -51.63 -6.34 10.47
N GLU C 31 -52.03 -5.28 11.16
CA GLU C 31 -53.42 -4.86 11.21
C GLU C 31 -53.72 -3.93 10.05
N PRO C 32 -54.73 -4.28 9.25
CA PRO C 32 -55.10 -3.48 8.08
C PRO C 32 -55.60 -2.09 8.49
N ALA C 33 -55.43 -1.12 7.59
CA ALA C 33 -55.82 0.26 7.81
C ALA C 33 -57.27 0.41 8.27
N LYS C 34 -58.16 -0.39 7.71
CA LYS C 34 -59.56 -0.38 8.10
C LYS C 34 -59.82 -1.55 9.05
N GLN C 35 -61.09 -1.78 9.35
CA GLN C 35 -61.49 -2.93 10.14
C GLN C 35 -61.18 -4.20 9.36
N ALA C 36 -60.62 -5.20 10.04
CA ALA C 36 -60.22 -6.45 9.38
C ALA C 36 -61.41 -7.22 8.82
N ARG C 37 -61.22 -7.77 7.64
CA ARG C 37 -62.28 -8.44 6.90
C ARG C 37 -61.79 -9.85 6.55
N PHE C 38 -60.51 -9.93 6.17
CA PHE C 38 -59.90 -11.18 5.75
C PHE C 38 -58.64 -11.44 6.55
N CYS C 39 -58.07 -12.63 6.39
CA CYS C 39 -56.82 -12.94 7.06
C CYS C 39 -55.91 -13.80 6.19
N VAL C 40 -54.61 -13.60 6.33
CA VAL C 40 -53.61 -14.43 5.67
C VAL C 40 -52.56 -14.88 6.69
N ILE C 41 -52.68 -16.12 7.13
CA ILE C 41 -51.68 -16.73 8.00
C ILE C 41 -50.60 -17.37 7.15
N TRP C 42 -49.36 -16.90 7.32
CA TRP C 42 -48.23 -17.30 6.49
C TRP C 42 -47.17 -17.93 7.37
N LEU C 43 -46.91 -19.22 7.15
CA LEU C 43 -45.96 -19.98 7.96
C LEU C 43 -44.64 -20.21 7.25
N HIS C 44 -43.56 -20.30 8.02
CA HIS C 44 -42.26 -20.70 7.48
C HIS C 44 -41.51 -21.49 8.55
N GLY C 45 -40.49 -22.23 8.13
CA GLY C 45 -39.71 -23.06 9.05
C GLY C 45 -38.26 -22.64 9.17
N ALA C 48 -32.94 -23.11 6.77
CA ALA C 48 -32.21 -22.67 5.58
C ALA C 48 -33.11 -21.81 4.71
N ASP C 49 -34.20 -22.38 4.21
CA ASP C 49 -35.18 -21.59 3.48
C ASP C 49 -36.13 -20.88 4.45
N GLY C 50 -35.59 -20.45 5.58
CA GLY C 50 -36.34 -19.70 6.55
C GLY C 50 -36.42 -18.24 6.16
N HIS C 51 -36.60 -18.01 4.86
CA HIS C 51 -36.81 -16.69 4.30
C HIS C 51 -37.94 -16.00 5.05
N ASP C 52 -37.77 -14.72 5.34
CA ASP C 52 -38.80 -13.97 6.06
C ASP C 52 -39.75 -13.30 5.08
N PHE C 53 -41.00 -13.74 5.10
CA PHE C 53 -42.00 -13.25 4.15
C PHE C 53 -42.85 -12.14 4.73
N VAL C 54 -42.31 -11.45 5.72
CA VAL C 54 -42.99 -10.29 6.28
C VAL C 54 -43.02 -9.17 5.24
N ASP C 55 -41.92 -9.06 4.51
CA ASP C 55 -41.72 -7.99 3.53
C ASP C 55 -42.55 -8.16 2.26
N ILE C 56 -43.04 -9.38 2.01
CA ILE C 56 -43.79 -9.68 0.78
C ILE C 56 -45.01 -8.78 0.60
N VAL C 57 -45.50 -8.24 1.71
CA VAL C 57 -46.68 -7.39 1.71
C VAL C 57 -46.42 -6.06 0.97
N ASN C 58 -45.13 -5.73 0.80
CA ASN C 58 -44.74 -4.48 0.15
C ASN C 58 -44.54 -4.63 -1.36
N TYR C 59 -44.71 -5.85 -1.85
CA TYR C 59 -44.50 -6.15 -3.27
C TYR C 59 -45.79 -6.61 -3.95
N PHE C 60 -46.84 -6.80 -3.15
CA PHE C 60 -48.14 -7.20 -3.69
C PHE C 60 -48.76 -6.09 -4.53
N ASP C 61 -49.82 -6.43 -5.25
CA ASP C 61 -50.59 -5.44 -6.00
C ASP C 61 -51.99 -5.26 -5.41
N VAL C 62 -52.42 -6.23 -4.60
CA VAL C 62 -53.71 -6.21 -3.94
C VAL C 62 -53.86 -5.01 -3.00
N SER C 63 -55.09 -4.65 -2.69
CA SER C 63 -55.36 -3.71 -1.62
C SER C 63 -55.39 -4.49 -0.30
N LEU C 64 -54.59 -4.06 0.66
CA LEU C 64 -54.35 -4.84 1.87
C LEU C 64 -55.03 -4.26 3.11
N ASP C 65 -55.90 -3.28 2.90
CA ASP C 65 -56.48 -2.52 4.00
C ASP C 65 -57.73 -3.17 4.59
N GLU C 66 -57.97 -4.43 4.25
CA GLU C 66 -59.06 -5.20 4.84
C GLU C 66 -58.52 -6.55 5.32
N ILE C 67 -57.26 -6.81 4.99
CA ILE C 67 -56.65 -8.12 5.22
C ILE C 67 -55.62 -8.07 6.35
N ARG C 68 -55.82 -8.91 7.36
CA ARG C 68 -54.89 -8.99 8.48
C ARG C 68 -53.81 -10.03 8.19
N PHE C 69 -52.54 -9.62 8.29
CA PHE C 69 -51.44 -10.52 7.93
C PHE C 69 -50.75 -11.11 9.14
N ILE C 70 -50.83 -12.42 9.31
CA ILE C 70 -50.18 -13.06 10.45
C ILE C 70 -48.99 -13.89 10.00
N PHE C 71 -47.84 -13.66 10.62
CA PHE C 71 -46.63 -14.41 10.29
C PHE C 71 -46.03 -15.06 11.53
N PRO C 72 -46.44 -16.31 11.82
CA PRO C 72 -45.83 -16.97 12.98
C PRO C 72 -44.34 -17.26 12.76
N HIS C 73 -43.57 -17.27 13.84
CA HIS C 73 -42.15 -17.57 13.77
C HIS C 73 -41.95 -19.04 13.40
N ALA C 74 -40.72 -19.39 13.04
CA ALA C 74 -40.42 -20.74 12.54
C ALA C 74 -40.77 -21.87 13.51
N ASP C 75 -40.77 -21.55 14.81
CA ASP C 75 -41.01 -22.54 15.85
C ASP C 75 -42.39 -23.19 15.82
N ILE C 76 -43.33 -22.58 15.10
CA ILE C 76 -44.66 -23.17 14.94
C ILE C 76 -44.56 -24.41 14.04
N ILE C 77 -43.47 -24.48 13.27
CA ILE C 77 -43.20 -25.62 12.40
C ILE C 77 -42.07 -26.45 13.00
N PRO C 78 -42.24 -27.78 13.05
CA PRO C 78 -41.20 -28.69 13.53
C PRO C 78 -40.07 -28.87 12.50
N VAL C 79 -38.83 -28.84 12.95
CA VAL C 79 -37.69 -29.00 12.06
C VAL C 79 -37.45 -30.48 11.76
N THR C 80 -38.28 -31.33 12.35
CA THR C 80 -38.11 -32.78 12.25
C THR C 80 -38.92 -33.40 11.11
N ILE C 81 -39.09 -32.65 10.02
CA ILE C 81 -39.82 -33.14 8.87
C ILE C 81 -39.01 -33.01 7.58
N ASN C 82 -38.02 -32.12 7.60
CA ASN C 82 -37.16 -31.90 6.45
C ASN C 82 -35.71 -32.34 6.67
N MET C 83 -35.42 -32.82 7.88
CA MET C 83 -34.08 -33.25 8.21
C MET C 83 -33.77 -34.62 7.59
N GLY C 84 -34.56 -35.62 7.96
CA GLY C 84 -34.43 -36.94 7.39
C GLY C 84 -34.79 -36.93 5.91
N MET C 85 -35.60 -35.94 5.53
CA MET C 85 -35.97 -35.74 4.15
C MET C 85 -34.74 -35.45 3.29
N GLN C 86 -33.95 -34.46 3.71
CA GLN C 86 -32.80 -34.05 2.91
C GLN C 86 -31.53 -34.83 3.24
N MET C 87 -31.56 -35.60 4.32
CA MET C 87 -30.43 -36.46 4.65
C MET C 87 -30.55 -37.83 3.99
N ARG C 88 -31.74 -38.39 3.98
CA ARG C 88 -31.95 -39.72 3.41
C ARG C 88 -32.18 -39.73 1.91
N ALA C 89 -33.04 -38.83 1.43
CA ALA C 89 -33.41 -38.82 0.02
C ALA C 89 -32.23 -38.51 -0.89
N TRP C 90 -32.19 -39.23 -2.03
CA TRP C 90 -31.18 -39.02 -3.04
C TRP C 90 -31.10 -37.57 -3.48
N TYR C 91 -29.96 -37.19 -4.04
CA TYR C 91 -29.83 -35.91 -4.73
C TYR C 91 -30.74 -35.97 -5.97
N ASP C 92 -31.05 -37.20 -6.35
CA ASP C 92 -31.68 -37.51 -7.62
C ASP C 92 -33.18 -37.75 -7.48
N ILE C 93 -33.65 -37.77 -6.24
CA ILE C 93 -35.00 -38.24 -5.87
C ILE C 93 -36.15 -37.91 -6.83
N LYS C 94 -36.96 -38.92 -7.14
CA LYS C 94 -38.11 -38.77 -8.01
C LYS C 94 -39.44 -39.03 -7.31
N SER C 95 -39.40 -39.85 -6.24
CA SER C 95 -40.61 -40.16 -5.49
C SER C 95 -40.35 -40.41 -4.00
N LEU C 96 -41.37 -40.10 -3.19
CA LEU C 96 -41.31 -40.19 -1.74
C LEU C 96 -41.64 -41.55 -1.14
N ASP C 97 -41.81 -42.54 -1.99
CA ASP C 97 -41.97 -43.93 -1.56
C ASP C 97 -40.77 -44.42 -0.79
N SER C 100 -39.57 -45.97 2.15
CA SER C 100 -38.40 -46.09 3.02
C SER C 100 -37.95 -44.72 3.54
N LEU C 101 -38.40 -43.66 2.87
CA LEU C 101 -38.10 -42.29 3.27
C LEU C 101 -39.22 -41.78 4.19
N ASN C 102 -40.43 -42.25 3.91
CA ASN C 102 -41.60 -41.88 4.68
C ASN C 102 -41.57 -42.36 6.14
N ARG C 103 -40.52 -43.11 6.49
CA ARG C 103 -40.38 -43.63 7.85
C ARG C 103 -39.89 -42.56 8.82
N VAL C 104 -39.04 -41.67 8.34
CA VAL C 104 -38.41 -40.67 9.20
C VAL C 104 -39.20 -39.36 9.20
N VAL C 105 -40.44 -39.41 8.72
CA VAL C 105 -41.32 -38.26 8.78
C VAL C 105 -41.99 -38.22 10.15
N ASP C 106 -41.90 -37.07 10.82
CA ASP C 106 -42.54 -36.89 12.11
C ASP C 106 -43.97 -36.41 11.93
N VAL C 107 -44.91 -37.35 11.79
CA VAL C 107 -46.31 -37.00 11.57
C VAL C 107 -46.98 -36.47 12.83
N GLU C 108 -46.45 -36.84 14.00
CA GLU C 108 -47.00 -36.29 15.25
C GLU C 108 -46.65 -34.81 15.37
N GLY C 109 -45.43 -34.45 14.98
CA GLY C 109 -45.00 -33.06 15.00
C GLY C 109 -45.81 -32.25 14.02
N ILE C 110 -46.13 -32.88 12.89
CA ILE C 110 -46.95 -32.27 11.86
C ILE C 110 -48.36 -32.01 12.38
N ASN C 111 -48.93 -33.00 13.05
CA ASN C 111 -50.27 -32.85 13.62
C ASN C 111 -50.33 -31.80 14.74
N SER C 112 -49.28 -31.72 15.55
CA SER C 112 -49.23 -30.74 16.62
C SER C 112 -49.11 -29.33 16.04
N SER C 113 -48.26 -29.19 15.04
CA SER C 113 -48.11 -27.91 14.36
C SER C 113 -49.43 -27.49 13.71
N ILE C 114 -50.09 -28.44 13.07
CA ILE C 114 -51.40 -28.22 12.48
C ILE C 114 -52.40 -27.73 13.53
N ALA C 115 -52.33 -28.32 14.72
CA ALA C 115 -53.20 -27.91 15.82
C ALA C 115 -52.86 -26.49 16.27
N LYS C 116 -51.59 -26.12 16.19
CA LYS C 116 -51.17 -24.77 16.56
C LYS C 116 -51.75 -23.76 15.58
N VAL C 117 -51.65 -24.08 14.30
CA VAL C 117 -52.21 -23.23 13.25
C VAL C 117 -53.74 -23.13 13.41
N ASN C 118 -54.37 -24.24 13.76
CA ASN C 118 -55.82 -24.26 13.96
C ASN C 118 -56.25 -23.50 15.21
N LYS C 119 -55.34 -23.35 16.17
CA LYS C 119 -55.60 -22.51 17.34
C LYS C 119 -55.43 -21.03 17.00
N LEU C 120 -54.52 -20.75 16.07
CA LEU C 120 -54.37 -19.38 15.54
C LEU C 120 -55.62 -18.98 14.75
N ILE C 121 -56.11 -19.91 13.93
CA ILE C 121 -57.37 -19.77 13.21
C ILE C 121 -58.52 -19.58 14.20
N ASP C 122 -58.49 -20.35 15.29
CA ASP C 122 -59.45 -20.21 16.38
C ASP C 122 -59.48 -18.76 16.87
N SER C 123 -58.30 -18.23 17.18
CA SER C 123 -58.17 -16.84 17.62
C SER C 123 -58.80 -15.86 16.64
N GLN C 124 -58.34 -15.91 15.38
CA GLN C 124 -58.84 -15.00 14.36
C GLN C 124 -60.36 -15.06 14.19
N VAL C 125 -60.89 -16.26 13.97
CA VAL C 125 -62.33 -16.43 13.80
C VAL C 125 -63.11 -15.95 15.02
N ASN C 126 -62.61 -16.27 16.22
CA ASN C 126 -63.25 -15.81 17.44
C ASN C 126 -63.20 -14.29 17.63
N GLN C 127 -62.25 -13.64 16.96
CA GLN C 127 -62.16 -12.18 17.03
C GLN C 127 -63.11 -11.44 16.07
N GLY C 128 -63.78 -12.18 15.19
CA GLY C 128 -64.78 -11.57 14.33
C GLY C 128 -64.75 -11.85 12.84
N ILE C 129 -63.62 -12.36 12.33
CA ILE C 129 -63.55 -12.65 10.90
C ILE C 129 -64.19 -13.99 10.56
N ALA C 130 -64.53 -14.16 9.29
CA ALA C 130 -65.13 -15.40 8.83
C ALA C 130 -64.04 -16.40 8.46
N SER C 131 -64.26 -17.66 8.83
CA SER C 131 -63.38 -18.73 8.42
C SER C 131 -63.30 -18.76 6.90
N GLU C 132 -64.40 -18.37 6.27
CA GLU C 132 -64.49 -18.26 4.82
C GLU C 132 -63.50 -17.23 4.28
N ASN C 133 -62.96 -16.40 5.16
CA ASN C 133 -62.04 -15.35 4.75
C ASN C 133 -60.63 -15.54 5.28
N ILE C 134 -60.29 -16.77 5.63
CA ILE C 134 -58.93 -17.08 6.06
C ILE C 134 -58.15 -17.80 4.98
N ILE C 135 -57.13 -17.13 4.44
CA ILE C 135 -56.21 -17.75 3.50
C ILE C 135 -55.05 -18.39 4.26
N LEU C 136 -54.57 -19.53 3.76
CA LEU C 136 -53.38 -20.16 4.30
C LEU C 136 -52.24 -20.10 3.27
N ALA C 137 -51.05 -19.74 3.73
CA ALA C 137 -49.90 -19.69 2.85
C ALA C 137 -48.66 -20.24 3.52
N GLY C 138 -47.56 -20.28 2.77
CA GLY C 138 -46.32 -20.83 3.26
C GLY C 138 -45.46 -21.38 2.13
N PHE C 139 -44.17 -21.14 2.25
CA PHE C 139 -43.18 -21.63 1.29
C PHE C 139 -42.35 -22.75 1.94
N SER C 140 -42.04 -23.77 1.15
CA SER C 140 -41.27 -24.92 1.62
C SER C 140 -41.98 -25.63 2.79
N GLN C 141 -41.29 -25.71 3.93
CA GLN C 141 -41.84 -26.34 5.12
C GLN C 141 -43.20 -25.76 5.47
N GLY C 142 -43.29 -24.43 5.42
CA GLY C 142 -44.53 -23.72 5.69
C GLY C 142 -45.69 -24.17 4.83
N GLY C 143 -45.40 -24.64 3.62
CA GLY C 143 -46.44 -25.10 2.72
C GLY C 143 -46.99 -26.45 3.11
N ILE C 144 -46.18 -27.24 3.81
CA ILE C 144 -46.57 -28.57 4.24
C ILE C 144 -47.72 -28.52 5.25
N ILE C 145 -47.54 -27.70 6.29
CA ILE C 145 -48.59 -27.55 7.30
C ILE C 145 -49.78 -26.78 6.73
N ALA C 146 -49.51 -25.62 6.13
CA ALA C 146 -50.57 -24.76 5.58
C ALA C 146 -51.51 -25.47 4.61
N THR C 147 -51.05 -26.58 4.03
CA THR C 147 -51.89 -27.37 3.15
C THR C 147 -52.62 -28.41 3.97
N TYR C 148 -51.84 -29.15 4.76
CA TYR C 148 -52.36 -30.20 5.62
C TYR C 148 -53.36 -29.66 6.65
N THR C 149 -53.19 -28.39 7.01
CA THR C 149 -54.13 -27.72 7.91
C THR C 149 -55.48 -27.50 7.23
N ALA C 150 -55.44 -27.15 5.96
CA ALA C 150 -56.64 -26.78 5.23
C ALA C 150 -57.45 -27.99 4.78
N ILE C 151 -56.80 -28.91 4.08
CA ILE C 151 -57.49 -30.04 3.48
C ILE C 151 -58.01 -31.05 4.51
N THR C 152 -57.51 -30.94 5.74
CA THR C 152 -57.98 -31.78 6.83
C THR C 152 -58.82 -30.98 7.82
N SER C 153 -59.02 -29.71 7.52
CA SER C 153 -59.75 -28.81 8.41
C SER C 153 -61.18 -29.27 8.65
N GLN C 154 -61.80 -28.69 9.66
CA GLN C 154 -63.17 -29.02 10.03
C GLN C 154 -64.06 -27.81 9.78
N ARG C 155 -63.52 -26.83 9.07
CA ARG C 155 -64.27 -25.62 8.73
C ARG C 155 -63.80 -24.98 7.42
N LYS C 156 -64.74 -24.30 6.76
CA LYS C 156 -64.49 -23.71 5.45
C LYS C 156 -63.44 -22.60 5.50
N LEU C 157 -62.39 -22.75 4.70
CA LEU C 157 -61.35 -21.73 4.64
C LEU C 157 -61.46 -20.96 3.34
N GLY C 158 -60.83 -19.80 3.29
CA GLY C 158 -60.87 -18.96 2.10
C GLY C 158 -60.11 -19.54 0.93
N GLY C 159 -58.87 -19.94 1.17
CA GLY C 159 -58.04 -20.51 0.13
C GLY C 159 -56.81 -21.22 0.66
N ILE C 160 -55.95 -21.66 -0.25
CA ILE C 160 -54.66 -22.25 0.09
C ILE C 160 -53.60 -21.72 -0.87
N MET C 161 -52.39 -21.52 -0.37
CA MET C 161 -51.24 -21.29 -1.21
C MET C 161 -50.10 -22.17 -0.74
N ALA C 162 -49.61 -23.01 -1.64
CA ALA C 162 -48.51 -23.91 -1.32
C ALA C 162 -47.36 -23.62 -2.26
N LEU C 163 -46.30 -23.01 -1.72
CA LEU C 163 -45.18 -22.58 -2.55
C LEU C 163 -43.97 -23.50 -2.38
N SER C 164 -43.55 -24.12 -3.48
CA SER C 164 -42.38 -24.98 -3.50
C SER C 164 -42.43 -26.06 -2.43
N THR C 165 -43.49 -26.86 -2.46
CA THR C 165 -43.76 -27.82 -1.40
C THR C 165 -43.84 -29.27 -1.87
N TYR C 166 -44.23 -30.13 -0.94
CA TYR C 166 -44.40 -31.55 -1.19
C TYR C 166 -45.26 -32.08 -0.06
N LEU C 167 -45.83 -33.27 -0.24
CA LEU C 167 -46.62 -33.89 0.81
C LEU C 167 -45.94 -35.12 1.39
N PRO C 168 -45.36 -35.00 2.60
CA PRO C 168 -44.75 -36.13 3.29
C PRO C 168 -45.81 -36.99 3.97
N ALA C 169 -45.54 -38.28 4.09
CA ALA C 169 -46.43 -39.22 4.78
C ALA C 169 -47.88 -39.10 4.35
N TRP C 170 -48.10 -39.01 3.04
CA TRP C 170 -49.44 -38.85 2.47
C TRP C 170 -50.41 -39.93 2.94
N ASP C 171 -49.94 -41.17 2.97
CA ASP C 171 -50.75 -42.32 3.38
C ASP C 171 -51.36 -42.16 4.77
N ASN C 172 -50.75 -41.32 5.60
CA ASN C 172 -51.21 -41.10 6.96
C ASN C 172 -52.31 -40.05 7.04
N PHE C 173 -52.20 -39.02 6.20
CA PHE C 173 -53.13 -37.90 6.23
C PHE C 173 -54.30 -38.09 5.27
N LYS C 174 -54.15 -39.01 4.32
CA LYS C 174 -55.18 -39.25 3.31
C LYS C 174 -56.47 -39.84 3.88
N GLY C 175 -56.48 -40.08 5.19
CA GLY C 175 -57.69 -40.49 5.88
C GLY C 175 -58.19 -39.37 6.76
N LYS C 176 -57.28 -38.50 7.14
CA LYS C 176 -57.58 -37.38 8.01
C LYS C 176 -58.06 -36.17 7.20
N ILE C 177 -58.12 -36.33 5.89
CA ILE C 177 -58.63 -35.28 5.00
C ILE C 177 -60.15 -35.23 5.05
N THR C 178 -60.69 -34.02 5.17
CA THR C 178 -62.15 -33.86 5.22
C THR C 178 -62.71 -33.34 3.91
N SER C 179 -64.02 -33.12 3.88
CA SER C 179 -64.73 -32.77 2.66
C SER C 179 -64.93 -31.27 2.49
N ILE C 180 -65.25 -30.59 3.59
CA ILE C 180 -65.60 -29.17 3.59
C ILE C 180 -64.80 -28.28 2.64
N ASN C 181 -63.47 -28.43 2.65
CA ASN C 181 -62.63 -27.57 1.83
C ASN C 181 -62.44 -28.06 0.40
N LYS C 182 -63.07 -29.17 0.04
CA LYS C 182 -63.03 -29.65 -1.33
C LYS C 182 -63.68 -28.63 -2.25
N GLY C 183 -62.86 -27.79 -2.88
CA GLY C 183 -63.38 -26.79 -3.77
C GLY C 183 -62.83 -25.40 -3.57
N LEU C 184 -62.30 -25.12 -2.37
CA LEU C 184 -61.73 -23.79 -2.12
C LEU C 184 -60.53 -23.57 -3.03
N PRO C 185 -60.30 -22.31 -3.42
CA PRO C 185 -59.20 -21.99 -4.31
C PRO C 185 -57.85 -22.45 -3.75
N ILE C 186 -57.11 -23.25 -4.52
CA ILE C 186 -55.79 -23.70 -4.11
C ILE C 186 -54.77 -23.32 -5.16
N LEU C 187 -53.70 -22.66 -4.74
CA LEU C 187 -52.65 -22.26 -5.66
C LEU C 187 -51.35 -22.95 -5.30
N VAL C 188 -50.90 -23.86 -6.15
CA VAL C 188 -49.62 -24.52 -5.96
C VAL C 188 -48.57 -23.90 -6.88
N CYS C 189 -47.41 -23.57 -6.30
CA CYS C 189 -46.32 -22.94 -7.04
C CYS C 189 -45.01 -23.70 -6.86
N HIS C 190 -44.11 -23.58 -7.84
CA HIS C 190 -42.83 -24.29 -7.78
C HIS C 190 -41.88 -23.80 -8.87
N GLY C 191 -40.58 -23.95 -8.63
CA GLY C 191 -39.59 -23.59 -9.62
C GLY C 191 -39.23 -24.74 -10.53
N THR C 192 -38.75 -24.42 -11.72
CA THR C 192 -38.36 -25.42 -12.70
C THR C 192 -37.01 -26.05 -12.38
N ASP C 193 -36.09 -25.23 -11.88
CA ASP C 193 -34.75 -25.71 -11.54
C ASP C 193 -34.52 -25.83 -10.04
N ASP C 194 -35.60 -26.02 -9.27
CA ASP C 194 -35.47 -26.27 -7.84
C ASP C 194 -34.81 -27.63 -7.62
N GLN C 195 -33.75 -27.65 -6.83
CA GLN C 195 -33.04 -28.88 -6.54
C GLN C 195 -33.10 -29.19 -5.05
N VAL C 196 -33.63 -28.25 -4.27
CA VAL C 196 -33.96 -28.48 -2.88
C VAL C 196 -35.15 -29.43 -2.82
N LEU C 197 -36.23 -29.04 -3.48
CA LEU C 197 -37.39 -29.90 -3.67
C LEU C 197 -37.74 -29.90 -5.15
N PRO C 198 -37.28 -30.92 -5.89
CA PRO C 198 -37.52 -31.07 -7.34
C PRO C 198 -38.98 -30.81 -7.73
N GLU C 199 -39.21 -30.32 -8.93
CA GLU C 199 -40.53 -29.88 -9.36
C GLU C 199 -41.57 -30.99 -9.36
N VAL C 200 -41.10 -32.23 -9.48
CA VAL C 200 -42.00 -33.38 -9.50
C VAL C 200 -42.75 -33.55 -8.18
N LEU C 201 -42.18 -33.00 -7.10
CA LEU C 201 -42.79 -33.10 -5.78
C LEU C 201 -44.00 -32.19 -5.66
N GLY C 202 -43.84 -30.94 -6.08
CA GLY C 202 -44.95 -30.00 -6.09
C GLY C 202 -45.98 -30.41 -7.13
N HIS C 203 -45.49 -30.94 -8.26
CA HIS C 203 -46.35 -31.41 -9.34
C HIS C 203 -47.20 -32.58 -8.85
N ASP C 204 -46.61 -33.41 -7.98
CA ASP C 204 -47.30 -34.57 -7.44
C ASP C 204 -48.21 -34.18 -6.27
N LEU C 205 -47.90 -33.07 -5.62
CA LEU C 205 -48.78 -32.51 -4.61
C LEU C 205 -50.02 -31.99 -5.32
N SER C 206 -49.79 -31.39 -6.48
CA SER C 206 -50.86 -30.89 -7.32
C SER C 206 -51.73 -32.04 -7.80
N ASP C 207 -51.10 -33.08 -8.31
CA ASP C 207 -51.81 -34.24 -8.84
C ASP C 207 -52.59 -34.97 -7.74
N LYS C 208 -51.96 -35.09 -6.57
CA LYS C 208 -52.58 -35.75 -5.42
C LYS C 208 -53.77 -34.97 -4.89
N LEU C 209 -53.63 -33.65 -4.77
CA LEU C 209 -54.74 -32.83 -4.29
C LEU C 209 -55.89 -32.85 -5.29
N LYS C 210 -55.56 -32.65 -6.56
CA LYS C 210 -56.56 -32.63 -7.63
C LYS C 210 -57.32 -33.94 -7.71
N VAL C 211 -56.59 -35.06 -7.59
CA VAL C 211 -57.22 -36.38 -7.66
C VAL C 211 -57.99 -36.70 -6.37
N SER C 212 -57.60 -36.06 -5.27
CA SER C 212 -58.24 -36.31 -3.98
C SER C 212 -59.51 -35.49 -3.83
N GLY C 213 -59.73 -34.55 -4.75
CA GLY C 213 -60.93 -33.73 -4.70
C GLY C 213 -60.63 -32.29 -4.31
N PHE C 214 -59.36 -31.91 -4.38
CA PHE C 214 -58.96 -30.55 -4.08
C PHE C 214 -58.33 -29.92 -5.33
N ALA C 215 -59.17 -29.46 -6.24
CA ALA C 215 -58.71 -28.87 -7.49
C ALA C 215 -57.87 -27.63 -7.25
N ASN C 216 -56.66 -27.61 -7.80
CA ASN C 216 -55.73 -26.52 -7.58
C ASN C 216 -55.19 -25.94 -8.87
N GLU C 217 -54.71 -24.71 -8.80
CA GLU C 217 -54.09 -24.07 -9.95
C GLU C 217 -52.58 -24.22 -9.79
N TYR C 218 -51.94 -24.94 -10.71
CA TYR C 218 -50.50 -25.12 -10.64
C TYR C 218 -49.77 -24.14 -11.54
N LYS C 219 -48.90 -23.33 -10.92
CA LYS C 219 -48.05 -22.40 -11.64
C LYS C 219 -46.58 -22.74 -11.40
N HIS C 220 -45.78 -22.73 -12.46
CA HIS C 220 -44.34 -22.93 -12.29
C HIS C 220 -43.52 -21.85 -12.98
N TYR C 221 -42.27 -21.70 -12.54
CA TYR C 221 -41.44 -20.60 -12.97
C TYR C 221 -40.12 -21.08 -13.56
N VAL C 222 -40.07 -21.11 -14.89
CA VAL C 222 -38.91 -21.61 -15.61
C VAL C 222 -37.65 -20.86 -15.24
N GLY C 223 -36.66 -21.60 -14.75
CA GLY C 223 -35.40 -21.06 -14.32
C GLY C 223 -35.30 -20.96 -12.81
N MET C 224 -36.43 -20.75 -12.16
CA MET C 224 -36.47 -20.52 -10.71
C MET C 224 -36.10 -21.76 -9.92
N GLN C 225 -35.42 -21.55 -8.79
CA GLN C 225 -35.07 -22.64 -7.89
C GLN C 225 -35.87 -22.45 -6.61
N HIS C 226 -35.37 -22.98 -5.50
CA HIS C 226 -36.13 -22.99 -4.26
C HIS C 226 -36.32 -21.56 -3.71
N SER C 227 -37.07 -20.75 -4.44
CA SER C 227 -37.22 -19.35 -4.09
C SER C 227 -38.63 -18.81 -4.35
N VAL C 228 -38.77 -17.49 -4.29
CA VAL C 228 -39.99 -16.82 -4.70
C VAL C 228 -39.61 -15.64 -5.60
N CYS C 229 -39.98 -15.73 -6.86
CA CYS C 229 -39.64 -14.71 -7.86
C CYS C 229 -40.69 -13.61 -7.92
N MET C 230 -40.41 -12.58 -8.71
CA MET C 230 -41.29 -11.42 -8.81
C MET C 230 -42.62 -11.79 -9.47
N GLU C 231 -42.54 -12.61 -10.51
CA GLU C 231 -43.72 -13.08 -11.22
C GLU C 231 -44.60 -13.87 -10.28
N GLU C 232 -43.97 -14.57 -9.35
CA GLU C 232 -44.70 -15.31 -8.34
C GLU C 232 -45.47 -14.37 -7.42
N ILE C 233 -44.87 -13.24 -7.08
CA ILE C 233 -45.54 -12.24 -6.26
C ILE C 233 -46.74 -11.68 -7.01
N LYS C 234 -46.56 -11.50 -8.31
CA LYS C 234 -47.66 -11.07 -9.16
C LYS C 234 -48.82 -12.08 -9.06
N ASP C 235 -48.51 -13.35 -9.29
CA ASP C 235 -49.52 -14.40 -9.27
C ASP C 235 -50.22 -14.52 -7.91
N ILE C 236 -49.46 -14.39 -6.83
CA ILE C 236 -49.99 -14.46 -5.48
C ILE C 236 -50.89 -13.25 -5.20
N SER C 237 -50.52 -12.10 -5.77
CA SER C 237 -51.36 -10.91 -5.70
C SER C 237 -52.71 -11.15 -6.37
N ASN C 238 -52.66 -11.69 -7.60
CA ASN C 238 -53.88 -12.01 -8.33
C ASN C 238 -54.76 -13.01 -7.58
N PHE C 239 -54.15 -14.08 -7.08
CA PHE C 239 -54.88 -15.10 -6.35
C PHE C 239 -55.55 -14.56 -5.09
N ILE C 240 -54.81 -13.76 -4.32
CA ILE C 240 -55.38 -13.15 -3.12
C ILE C 240 -56.54 -12.22 -3.48
N ALA C 241 -56.36 -11.41 -4.51
CA ALA C 241 -57.39 -10.47 -4.92
C ALA C 241 -58.64 -11.14 -5.48
N LYS C 242 -58.49 -12.38 -5.98
CA LYS C 242 -59.64 -13.09 -6.54
C LYS C 242 -60.31 -14.05 -5.57
N THR C 243 -59.54 -14.56 -4.61
CA THR C 243 -60.10 -15.42 -3.56
C THR C 243 -60.93 -14.57 -2.62
N PHE C 244 -60.35 -13.46 -2.17
CA PHE C 244 -61.03 -12.54 -1.27
C PHE C 244 -61.87 -11.51 -2.03
N LYS C 245 -61.86 -11.63 -3.36
CA LYS C 245 -62.70 -10.81 -4.23
C LYS C 245 -62.46 -9.31 -4.08
N ILE C 246 -61.27 -8.87 -4.45
CA ILE C 246 -60.92 -7.46 -4.40
C ILE C 246 -60.01 -7.09 -5.57
N ASN D 23 28.53 -18.32 45.18
CA ASN D 23 28.17 -17.10 44.47
C ASN D 23 29.33 -16.12 44.34
N ALA D 24 30.47 -16.46 44.91
CA ALA D 24 31.65 -15.59 44.90
C ALA D 24 32.24 -15.42 43.51
N MET D 25 31.99 -14.27 42.90
CA MET D 25 32.52 -13.96 41.57
C MET D 25 32.58 -12.47 41.34
N ASN D 26 33.62 -12.03 40.63
CA ASN D 26 33.73 -10.64 40.21
C ASN D 26 33.32 -10.48 38.75
N TYR D 27 32.79 -9.31 38.39
CA TYR D 27 32.54 -9.00 36.98
C TYR D 27 32.50 -7.52 36.63
N GLU D 28 32.80 -7.22 35.37
CA GLU D 28 32.73 -5.85 34.87
C GLU D 28 31.35 -5.63 34.29
N LEU D 29 30.58 -4.75 34.92
CA LEU D 29 29.22 -4.48 34.46
C LEU D 29 29.12 -3.09 33.82
N MET D 30 28.22 -2.98 32.85
CA MET D 30 27.96 -1.72 32.17
C MET D 30 26.46 -1.50 32.04
N GLU D 31 25.96 -0.53 32.79
CA GLU D 31 24.57 -0.12 32.73
C GLU D 31 24.39 0.89 31.60
N PRO D 32 23.43 0.62 30.71
CA PRO D 32 23.22 1.47 29.52
C PRO D 32 22.73 2.87 29.85
N ALA D 33 22.72 3.75 28.87
CA ALA D 33 22.29 5.14 29.08
C ALA D 33 20.81 5.20 29.44
N LYS D 34 19.97 4.56 28.63
CA LYS D 34 18.55 4.47 28.93
C LYS D 34 18.30 3.34 29.93
N GLN D 35 17.03 3.01 30.15
CA GLN D 35 16.68 1.94 31.05
C GLN D 35 17.10 0.60 30.48
N ALA D 36 17.65 -0.27 31.32
CA ALA D 36 18.06 -1.60 30.89
C ALA D 36 16.84 -2.39 30.43
N ARG D 37 16.83 -2.76 29.15
CA ARG D 37 15.72 -3.50 28.57
C ARG D 37 16.19 -4.89 28.13
N PHE D 38 17.49 -4.98 27.83
CA PHE D 38 18.09 -6.24 27.40
C PHE D 38 19.37 -6.51 28.19
N CYS D 39 19.95 -7.68 27.99
CA CYS D 39 21.22 -8.01 28.61
C CYS D 39 22.07 -8.95 27.77
N VAL D 40 23.37 -8.72 27.76
CA VAL D 40 24.30 -9.65 27.14
C VAL D 40 25.35 -10.09 28.15
N ILE D 41 25.42 -11.39 28.40
CA ILE D 41 26.41 -11.95 29.31
C ILE D 41 27.55 -12.60 28.54
N TRP D 42 28.75 -12.02 28.65
CA TRP D 42 29.90 -12.44 27.87
C TRP D 42 30.95 -13.17 28.71
N LEU D 43 31.26 -14.41 28.33
CA LEU D 43 32.20 -15.24 29.07
C LEU D 43 33.57 -15.34 28.40
N HIS D 44 34.62 -15.48 29.18
CA HIS D 44 35.97 -15.62 28.63
C HIS D 44 36.85 -16.63 29.36
N GLY D 45 37.96 -17.00 28.73
CA GLY D 45 38.89 -17.93 29.32
C GLY D 45 39.85 -17.25 30.29
N ALA D 48 45.64 -18.17 28.31
CA ALA D 48 46.16 -18.50 27.00
C ALA D 48 45.47 -17.68 25.93
N ASP D 49 44.14 -17.75 25.91
CA ASP D 49 43.33 -16.92 25.04
C ASP D 49 42.36 -16.10 25.88
N GLY D 50 42.74 -15.85 27.13
CA GLY D 50 41.88 -15.13 28.05
C GLY D 50 41.71 -13.66 27.71
N HIS D 51 41.34 -13.40 26.45
CA HIS D 51 41.20 -12.05 25.94
C HIS D 51 40.11 -11.28 26.70
N ASP D 52 40.39 -10.02 27.01
CA ASP D 52 39.44 -9.15 27.68
C ASP D 52 38.58 -8.44 26.65
N PHE D 53 37.32 -8.87 26.54
CA PHE D 53 36.43 -8.37 25.50
C PHE D 53 35.64 -7.14 25.92
N VAL D 54 35.97 -6.59 27.08
CA VAL D 54 35.28 -5.43 27.63
C VAL D 54 35.15 -4.28 26.63
N ASP D 55 36.21 -4.07 25.86
CA ASP D 55 36.30 -2.97 24.92
C ASP D 55 35.45 -3.15 23.66
N ILE D 56 34.90 -4.35 23.49
CA ILE D 56 34.16 -4.69 22.27
C ILE D 56 33.03 -3.69 21.97
N VAL D 57 32.45 -3.16 23.04
CA VAL D 57 31.35 -2.20 22.98
C VAL D 57 31.72 -0.96 22.15
N ASN D 58 32.98 -0.57 22.23
CA ASN D 58 33.46 0.62 21.54
C ASN D 58 33.59 0.41 20.04
N TYR D 59 33.38 -0.83 19.59
CA TYR D 59 33.59 -1.20 18.19
C TYR D 59 32.31 -1.66 17.49
N PHE D 60 31.17 -1.43 18.13
CA PHE D 60 29.90 -1.90 17.60
C PHE D 60 29.15 -0.82 16.82
N ASP D 61 28.15 -1.25 16.06
CA ASP D 61 27.27 -0.33 15.33
C ASP D 61 25.96 -0.08 16.06
N VAL D 62 25.42 -1.15 16.65
CA VAL D 62 24.13 -1.11 17.34
C VAL D 62 24.03 -0.04 18.40
N SER D 63 22.81 0.45 18.64
CA SER D 63 22.55 1.27 19.81
C SER D 63 22.58 0.36 21.03
N LEU D 64 23.52 0.62 21.93
CA LEU D 64 23.72 -0.22 23.10
C LEU D 64 23.07 0.42 24.32
N ASP D 65 22.29 1.47 24.09
CA ASP D 65 21.72 2.26 25.16
C ASP D 65 20.51 1.59 25.82
N GLU D 66 20.22 0.36 25.41
CA GLU D 66 19.14 -0.39 26.02
C GLU D 66 19.63 -1.70 26.62
N ILE D 67 20.85 -2.08 26.27
CA ILE D 67 21.40 -3.37 26.70
C ILE D 67 22.42 -3.23 27.81
N ARG D 68 22.26 -4.03 28.86
CA ARG D 68 23.25 -4.09 29.93
C ARG D 68 24.33 -5.09 29.54
N PHE D 69 25.59 -4.70 29.66
CA PHE D 69 26.68 -5.61 29.32
C PHE D 69 27.36 -6.17 30.55
N ILE D 70 27.43 -7.50 30.62
CA ILE D 70 28.00 -8.17 31.78
C ILE D 70 29.20 -9.03 31.39
N PHE D 71 30.32 -8.79 32.06
CA PHE D 71 31.56 -9.49 31.77
C PHE D 71 32.12 -10.19 33.01
N PRO D 72 31.69 -11.44 33.25
CA PRO D 72 32.23 -12.25 34.35
C PRO D 72 33.73 -12.50 34.21
N HIS D 73 34.44 -12.45 35.32
CA HIS D 73 35.88 -12.73 35.32
C HIS D 73 36.16 -14.19 35.01
N ALA D 74 37.45 -14.51 34.83
CA ALA D 74 37.88 -15.81 34.36
C ALA D 74 37.45 -16.98 35.26
N ASP D 75 37.46 -16.76 36.58
CA ASP D 75 37.20 -17.81 37.57
C ASP D 75 35.80 -18.43 37.51
N ILE D 76 35.01 -18.04 36.52
CA ILE D 76 33.66 -18.57 36.34
C ILE D 76 33.68 -19.73 35.36
N ILE D 77 34.83 -19.95 34.72
CA ILE D 77 35.01 -21.07 33.80
C ILE D 77 36.19 -21.93 34.22
N PRO D 78 35.95 -23.25 34.41
CA PRO D 78 37.02 -24.18 34.77
C PRO D 78 38.11 -24.23 33.71
N VAL D 79 39.38 -24.27 34.14
CA VAL D 79 40.50 -24.34 33.21
C VAL D 79 40.80 -25.79 32.86
N THR D 80 40.34 -26.71 33.71
CA THR D 80 40.61 -28.13 33.54
C THR D 80 40.01 -28.72 32.26
N ILE D 81 39.09 -27.98 31.64
CA ILE D 81 38.41 -28.46 30.45
C ILE D 81 39.28 -28.38 29.20
N ASN D 82 40.12 -27.35 29.11
CA ASN D 82 40.96 -27.16 27.93
C ASN D 82 42.36 -27.71 28.12
N MET D 83 42.75 -27.92 29.37
CA MET D 83 44.05 -28.51 29.67
C MET D 83 44.07 -29.95 29.17
N GLY D 84 43.09 -30.73 29.59
CA GLY D 84 42.94 -32.10 29.12
C GLY D 84 42.53 -32.18 27.67
N MET D 85 42.34 -31.01 27.05
CA MET D 85 42.00 -30.94 25.64
C MET D 85 43.26 -30.78 24.79
N GLN D 86 44.02 -29.72 25.04
CA GLN D 86 45.17 -29.40 24.23
C GLN D 86 46.45 -30.13 24.63
N MET D 87 46.47 -30.70 25.83
CA MET D 87 47.61 -31.51 26.26
C MET D 87 47.46 -32.94 25.77
N ARG D 88 46.21 -33.38 25.64
CA ARG D 88 45.90 -34.72 25.15
C ARG D 88 45.89 -34.79 23.62
N ALA D 89 45.00 -34.02 23.01
CA ALA D 89 44.70 -34.13 21.58
C ALA D 89 45.89 -33.91 20.64
N TRP D 90 45.74 -34.40 19.41
CA TRP D 90 46.74 -34.20 18.36
C TRP D 90 46.82 -32.73 17.96
N TYR D 91 47.92 -32.38 17.31
CA TYR D 91 48.02 -31.10 16.63
C TYR D 91 47.20 -31.21 15.35
N ASP D 92 46.92 -32.46 14.97
CA ASP D 92 46.23 -32.76 13.73
C ASP D 92 44.76 -33.02 13.96
N ILE D 93 44.35 -32.94 15.23
CA ILE D 93 43.01 -33.32 15.69
C ILE D 93 41.90 -33.06 14.68
N LYS D 94 41.12 -34.10 14.38
CA LYS D 94 40.11 -34.05 13.33
C LYS D 94 38.70 -34.01 13.92
N SER D 95 38.55 -34.61 15.11
CA SER D 95 37.29 -34.61 15.83
C SER D 95 37.54 -34.89 17.31
N LEU D 96 36.49 -35.14 18.07
CA LEU D 96 36.63 -35.33 19.51
C LEU D 96 36.47 -36.76 20.03
N ASP D 97 36.08 -37.67 19.15
CA ASP D 97 36.02 -39.09 19.47
C ASP D 97 37.24 -39.56 20.23
N SER D 100 39.00 -41.13 25.38
CA SER D 100 40.37 -40.60 25.37
C SER D 100 40.38 -39.12 25.72
N LEU D 101 40.14 -38.29 24.73
CA LEU D 101 40.11 -36.85 24.92
C LEU D 101 38.95 -36.47 25.82
N ASN D 102 37.81 -37.12 25.59
CA ASN D 102 36.62 -36.90 26.40
C ASN D 102 36.82 -37.34 27.86
N ARG D 103 37.83 -38.18 28.08
CA ARG D 103 38.09 -38.76 29.39
C ARG D 103 38.63 -37.76 30.41
N VAL D 104 39.36 -36.75 29.94
CA VAL D 104 39.82 -35.69 30.83
C VAL D 104 39.04 -34.40 30.58
N VAL D 105 37.72 -34.54 30.53
CA VAL D 105 36.84 -33.39 30.41
C VAL D 105 36.03 -33.29 31.69
N ASP D 106 36.15 -32.14 32.37
CA ASP D 106 35.50 -31.96 33.67
C ASP D 106 34.03 -31.58 33.52
N VAL D 107 33.16 -32.58 33.40
CA VAL D 107 31.74 -32.34 33.21
C VAL D 107 31.12 -31.76 34.48
N GLU D 108 31.75 -32.01 35.62
CA GLU D 108 31.30 -31.42 36.88
C GLU D 108 31.68 -29.95 36.99
N GLY D 109 32.88 -29.61 36.51
CA GLY D 109 33.33 -28.23 36.51
C GLY D 109 32.51 -27.41 35.54
N ILE D 110 32.09 -28.08 34.47
CA ILE D 110 31.23 -27.45 33.48
C ILE D 110 29.83 -27.25 34.03
N ASN D 111 29.26 -28.30 34.64
CA ASN D 111 27.97 -28.17 35.31
C ASN D 111 27.98 -27.02 36.31
N SER D 112 29.10 -26.89 37.01
CA SER D 112 29.29 -25.83 37.98
C SER D 112 29.28 -24.45 37.31
N SER D 113 30.11 -24.30 36.29
CA SER D 113 30.20 -23.04 35.54
C SER D 113 28.82 -22.63 35.02
N ILE D 114 28.15 -23.59 34.40
CA ILE D 114 26.79 -23.43 33.90
C ILE D 114 25.87 -22.93 35.01
N ALA D 115 25.99 -23.53 36.19
CA ALA D 115 25.17 -23.14 37.32
C ALA D 115 25.45 -21.70 37.77
N LYS D 116 26.71 -21.30 37.66
CA LYS D 116 27.09 -19.92 37.99
C LYS D 116 26.41 -18.94 37.04
N VAL D 117 26.44 -19.25 35.74
CA VAL D 117 25.79 -18.36 34.79
C VAL D 117 24.26 -18.42 34.92
N ASN D 118 23.73 -19.56 35.32
CA ASN D 118 22.30 -19.67 35.63
C ASN D 118 21.98 -18.74 36.79
N LYS D 119 22.92 -18.61 37.70
CA LYS D 119 22.77 -17.71 38.84
C LYS D 119 23.09 -16.26 38.48
N LEU D 120 23.61 -16.04 37.28
CA LEU D 120 23.73 -14.67 36.77
C LEU D 120 22.44 -14.25 36.06
N ILE D 121 21.92 -15.13 35.20
CA ILE D 121 20.64 -14.91 34.55
C ILE D 121 19.58 -14.72 35.61
N ASP D 122 19.66 -15.51 36.68
CA ASP D 122 18.78 -15.34 37.84
C ASP D 122 18.77 -13.90 38.31
N SER D 123 19.97 -13.37 38.59
CA SER D 123 20.14 -11.99 39.03
C SER D 123 19.59 -10.99 38.01
N GLN D 124 19.67 -11.34 36.74
CA GLN D 124 19.16 -10.48 35.68
C GLN D 124 17.65 -10.40 35.73
N VAL D 125 17.00 -11.56 35.64
CA VAL D 125 15.55 -11.63 35.60
C VAL D 125 14.94 -11.09 36.89
N ASN D 126 15.59 -11.34 38.01
CA ASN D 126 15.10 -10.79 39.28
C ASN D 126 15.27 -9.27 39.33
N GLN D 127 16.25 -8.77 38.59
CA GLN D 127 16.52 -7.34 38.52
C GLN D 127 15.69 -6.65 37.44
N GLY D 128 14.66 -7.34 36.95
CA GLY D 128 13.72 -6.74 36.03
C GLY D 128 13.67 -7.29 34.62
N ILE D 129 14.82 -7.47 33.99
CA ILE D 129 14.88 -7.84 32.58
C ILE D 129 14.48 -9.29 32.28
N ALA D 130 13.57 -9.47 31.32
CA ALA D 130 13.06 -10.78 30.97
C ALA D 130 14.11 -11.63 30.28
N SER D 131 14.11 -12.91 30.59
CA SER D 131 15.12 -13.83 30.06
C SER D 131 15.09 -13.94 28.53
N GLU D 132 13.99 -13.52 27.93
CA GLU D 132 13.87 -13.51 26.47
C GLU D 132 14.76 -12.43 25.87
N ASN D 133 15.21 -11.50 26.72
CA ASN D 133 16.05 -10.40 26.27
C ASN D 133 17.50 -10.57 26.69
N ILE D 134 17.93 -11.81 26.87
CA ILE D 134 19.30 -12.09 27.27
C ILE D 134 20.00 -12.96 26.26
N ILE D 135 21.06 -12.44 25.66
CA ILE D 135 21.92 -13.23 24.81
C ILE D 135 23.12 -13.70 25.63
N LEU D 136 23.49 -14.97 25.49
CA LEU D 136 24.75 -15.44 26.06
C LEU D 136 25.81 -15.38 24.97
N ALA D 137 27.01 -14.92 25.31
CA ALA D 137 28.09 -14.82 24.34
C ALA D 137 29.40 -15.35 24.91
N GLY D 138 30.20 -15.99 24.07
CA GLY D 138 31.47 -16.51 24.53
C GLY D 138 32.49 -16.83 23.47
N PHE D 139 33.72 -16.40 23.70
CA PHE D 139 34.85 -16.78 22.85
C PHE D 139 35.69 -17.89 23.48
N SER D 140 36.05 -18.88 22.67
CA SER D 140 36.87 -20.01 23.10
C SER D 140 36.19 -20.61 24.33
N GLN D 141 36.87 -20.57 25.47
CA GLN D 141 36.41 -21.23 26.70
C GLN D 141 35.03 -20.76 27.15
N GLY D 142 34.68 -19.54 26.76
CA GLY D 142 33.39 -18.95 27.12
C GLY D 142 32.23 -19.46 26.29
N GLY D 143 32.50 -19.72 25.00
CA GLY D 143 31.51 -20.25 24.10
C GLY D 143 30.93 -21.57 24.56
N ILE D 144 31.79 -22.41 25.12
CA ILE D 144 31.40 -23.69 25.71
C ILE D 144 30.28 -23.52 26.73
N ILE D 145 30.54 -22.70 27.74
CA ILE D 145 29.63 -22.53 28.87
C ILE D 145 28.38 -21.76 28.49
N ALA D 146 28.51 -20.76 27.61
CA ALA D 146 27.33 -20.05 27.14
C ALA D 146 26.40 -21.02 26.40
N THR D 147 26.98 -21.80 25.51
CA THR D 147 26.23 -22.74 24.69
C THR D 147 25.53 -23.80 25.54
N TYR D 148 26.26 -24.37 26.50
CA TYR D 148 25.69 -25.42 27.34
C TYR D 148 24.72 -24.88 28.39
N THR D 149 24.89 -23.63 28.80
CA THR D 149 23.96 -22.99 29.73
C THR D 149 22.65 -22.75 29.01
N ALA D 150 22.73 -22.36 27.75
CA ALA D 150 21.54 -22.00 27.01
C ALA D 150 20.79 -23.20 26.43
N ILE D 151 21.50 -24.12 25.79
CA ILE D 151 20.81 -25.20 25.08
C ILE D 151 20.26 -26.27 26.03
N THR D 152 20.74 -26.26 27.26
CA THR D 152 20.23 -27.15 28.29
C THR D 152 19.46 -26.38 29.34
N SER D 153 19.05 -25.17 28.99
CA SER D 153 18.41 -24.28 29.95
C SER D 153 17.00 -24.72 30.28
N GLN D 154 16.41 -24.05 31.26
CA GLN D 154 15.06 -24.33 31.69
C GLN D 154 14.18 -23.12 31.38
N ARG D 155 14.81 -22.08 30.85
CA ARG D 155 14.09 -20.85 30.51
C ARG D 155 14.42 -20.29 29.13
N LYS D 156 13.52 -19.46 28.62
CA LYS D 156 13.64 -18.86 27.30
C LYS D 156 14.71 -17.79 27.26
N LEU D 157 15.62 -17.87 26.29
CA LEU D 157 16.69 -16.89 26.16
C LEU D 157 16.62 -16.14 24.84
N GLY D 158 17.40 -15.07 24.73
CA GLY D 158 17.41 -14.24 23.55
C GLY D 158 18.20 -14.81 22.39
N GLY D 159 19.36 -15.39 22.70
CA GLY D 159 20.20 -15.98 21.67
C GLY D 159 21.54 -16.44 22.20
N ILE D 160 22.33 -17.08 21.33
CA ILE D 160 23.67 -17.51 21.68
C ILE D 160 24.70 -17.04 20.65
N MET D 161 25.88 -16.67 21.12
CA MET D 161 27.03 -16.41 20.25
C MET D 161 28.23 -17.27 20.65
N ALA D 162 28.55 -18.23 19.79
CA ALA D 162 29.66 -19.14 20.02
C ALA D 162 30.81 -18.80 19.09
N LEU D 163 31.80 -18.10 19.64
CA LEU D 163 32.94 -17.66 18.85
C LEU D 163 34.18 -18.51 19.13
N SER D 164 34.59 -19.30 18.14
CA SER D 164 35.79 -20.13 18.21
C SER D 164 35.78 -21.16 19.32
N THR D 165 34.70 -21.93 19.39
CA THR D 165 34.52 -22.90 20.45
C THR D 165 34.14 -24.28 19.94
N TYR D 166 33.87 -25.19 20.87
CA TYR D 166 33.61 -26.59 20.55
C TYR D 166 32.72 -27.20 21.62
N LEU D 167 32.27 -28.43 21.39
CA LEU D 167 31.42 -29.14 22.34
C LEU D 167 32.16 -30.33 22.96
N PRO D 168 32.73 -30.13 24.16
CA PRO D 168 33.65 -31.07 24.83
C PRO D 168 33.23 -32.52 25.08
N ALA D 169 32.25 -32.73 25.95
CA ALA D 169 31.67 -34.05 26.17
C ALA D 169 30.17 -34.06 25.88
N TRP D 170 29.84 -33.95 24.60
CA TRP D 170 28.45 -33.86 24.14
C TRP D 170 27.56 -34.98 24.66
N ASP D 171 28.12 -36.19 24.76
CA ASP D 171 27.34 -37.36 25.14
C ASP D 171 26.70 -37.24 26.53
N ASN D 172 27.28 -36.37 27.35
CA ASN D 172 26.78 -36.17 28.71
C ASN D 172 25.75 -35.04 28.80
N PHE D 173 25.74 -34.18 27.79
CA PHE D 173 24.88 -33.01 27.80
C PHE D 173 23.66 -33.18 26.90
N LYS D 174 23.77 -34.03 25.89
CA LYS D 174 22.70 -34.22 24.91
C LYS D 174 21.38 -34.66 25.56
N GLY D 175 21.49 -35.27 26.74
CA GLY D 175 20.31 -35.59 27.52
C GLY D 175 19.88 -34.40 28.35
N LYS D 176 20.85 -33.56 28.72
CA LYS D 176 20.59 -32.39 29.55
C LYS D 176 19.94 -31.26 28.75
N ILE D 177 20.06 -31.31 27.43
CA ILE D 177 19.44 -30.29 26.58
C ILE D 177 17.93 -30.31 26.74
N THR D 178 17.29 -29.19 26.46
CA THR D 178 15.86 -29.08 26.59
C THR D 178 15.19 -28.70 25.27
N SER D 179 14.02 -28.08 25.35
CA SER D 179 13.26 -27.75 24.15
C SER D 179 12.95 -26.26 24.06
N ILE D 180 12.95 -25.58 25.20
CA ILE D 180 12.54 -24.19 25.30
C ILE D 180 13.25 -23.27 24.31
N ASN D 181 14.56 -23.44 24.20
CA ASN D 181 15.37 -22.56 23.36
C ASN D 181 15.63 -23.11 21.97
N LYS D 182 14.94 -24.19 21.63
CA LYS D 182 14.97 -24.70 20.27
C LYS D 182 14.28 -23.68 19.39
N GLY D 183 15.07 -22.85 18.71
CA GLY D 183 14.51 -21.81 17.88
C GLY D 183 15.19 -20.46 17.98
N LEU D 184 15.73 -20.13 19.15
CA LEU D 184 16.40 -18.84 19.32
C LEU D 184 17.58 -18.65 18.37
N PRO D 185 17.87 -17.40 18.00
CA PRO D 185 19.02 -17.08 17.15
C PRO D 185 20.36 -17.54 17.72
N ILE D 186 21.04 -18.39 16.97
CA ILE D 186 22.38 -18.84 17.34
C ILE D 186 23.37 -18.47 16.25
N LEU D 187 24.37 -17.68 16.61
CA LEU D 187 25.45 -17.37 15.68
C LEU D 187 26.72 -18.12 16.07
N VAL D 188 27.23 -18.92 15.14
CA VAL D 188 28.48 -19.63 15.40
C VAL D 188 29.56 -19.10 14.47
N CYS D 189 30.62 -18.56 15.06
CA CYS D 189 31.73 -17.99 14.29
C CYS D 189 33.04 -18.74 14.53
N HIS D 190 33.90 -18.77 13.53
CA HIS D 190 35.22 -19.39 13.70
C HIS D 190 36.24 -18.79 12.72
N GLY D 191 37.49 -19.22 12.86
CA GLY D 191 38.54 -18.82 11.93
C GLY D 191 38.99 -19.99 11.10
N THR D 192 39.20 -19.73 9.81
CA THR D 192 39.67 -20.75 8.87
C THR D 192 41.04 -21.30 9.26
N ASP D 193 41.92 -20.41 9.71
CA ASP D 193 43.31 -20.77 10.01
C ASP D 193 43.60 -21.03 11.48
N ASP D 194 42.58 -21.43 12.24
CA ASP D 194 42.77 -21.73 13.65
C ASP D 194 43.53 -23.05 13.81
N GLN D 195 44.43 -23.09 14.79
CA GLN D 195 45.22 -24.28 15.07
C GLN D 195 45.19 -24.57 16.57
N VAL D 196 44.57 -23.66 17.31
CA VAL D 196 44.29 -23.84 18.72
C VAL D 196 43.00 -24.64 18.86
N LEU D 197 41.98 -24.20 18.13
CA LEU D 197 40.77 -24.98 17.94
C LEU D 197 40.47 -25.01 16.46
N PRO D 198 40.95 -26.06 15.77
CA PRO D 198 40.78 -26.24 14.32
C PRO D 198 39.32 -26.10 13.89
N GLU D 199 39.09 -25.39 12.79
CA GLU D 199 37.75 -24.99 12.37
C GLU D 199 36.72 -26.12 12.23
N VAL D 200 37.21 -27.33 11.97
CA VAL D 200 36.34 -28.49 11.86
C VAL D 200 35.58 -28.76 13.16
N LEU D 201 36.07 -28.18 14.26
CA LEU D 201 35.41 -28.27 15.55
C LEU D 201 34.28 -27.27 15.65
N GLY D 202 34.47 -26.11 15.03
CA GLY D 202 33.41 -25.11 14.94
C GLY D 202 32.28 -25.65 14.10
N HIS D 203 32.63 -26.21 12.94
CA HIS D 203 31.64 -26.88 12.09
C HIS D 203 30.97 -28.03 12.83
N ASP D 204 31.76 -28.79 13.59
CA ASP D 204 31.23 -29.90 14.38
C ASP D 204 30.15 -29.42 15.33
N LEU D 205 30.48 -28.39 16.11
CA LEU D 205 29.54 -27.76 17.04
C LEU D 205 28.28 -27.33 16.31
N SER D 206 28.46 -26.56 15.23
CA SER D 206 27.34 -26.06 14.43
C SER D 206 26.41 -27.18 13.96
N ASP D 207 27.00 -28.24 13.42
CA ASP D 207 26.24 -29.31 12.81
C ASP D 207 25.52 -30.15 13.86
N LYS D 208 26.22 -30.43 14.95
CA LYS D 208 25.61 -31.12 16.09
C LYS D 208 24.48 -30.28 16.71
N LEU D 209 24.61 -28.97 16.64
CA LEU D 209 23.59 -28.07 17.16
C LEU D 209 22.34 -28.09 16.29
N LYS D 210 22.53 -27.98 14.97
CA LYS D 210 21.40 -28.06 14.03
C LYS D 210 20.70 -29.41 14.12
N VAL D 211 21.47 -30.48 14.24
CA VAL D 211 20.90 -31.82 14.42
C VAL D 211 20.13 -31.88 15.73
N SER D 212 20.71 -31.28 16.78
CA SER D 212 20.14 -31.32 18.13
C SER D 212 18.77 -30.64 18.23
N GLY D 213 18.50 -29.71 17.33
CA GLY D 213 17.27 -28.95 17.38
C GLY D 213 17.56 -27.49 17.66
N PHE D 214 18.81 -27.10 17.46
CA PHE D 214 19.24 -25.72 17.65
C PHE D 214 20.00 -25.25 16.42
N ALA D 215 19.27 -24.81 15.40
CA ALA D 215 19.89 -24.32 14.17
C ALA D 215 20.77 -23.10 14.44
N ASN D 216 21.65 -22.78 13.48
CA ASN D 216 22.61 -21.71 13.68
C ASN D 216 23.15 -21.13 12.38
N GLU D 217 23.46 -19.84 12.39
CA GLU D 217 24.10 -19.21 11.27
C GLU D 217 25.59 -19.30 11.48
N TYR D 218 26.27 -20.08 10.64
CA TYR D 218 27.70 -20.29 10.79
C TYR D 218 28.49 -19.40 9.85
N LYS D 219 29.43 -18.65 10.43
CA LYS D 219 30.37 -17.86 9.65
C LYS D 219 31.82 -18.15 10.05
N HIS D 220 32.65 -18.41 9.05
CA HIS D 220 34.08 -18.48 9.28
C HIS D 220 34.76 -17.28 8.67
N TYR D 221 35.97 -16.98 9.13
CA TYR D 221 36.66 -15.79 8.68
C TYR D 221 38.01 -16.19 8.10
N VAL D 222 38.06 -16.26 6.78
CA VAL D 222 39.20 -16.82 6.06
C VAL D 222 40.49 -16.10 6.37
N GLY D 223 41.45 -16.85 6.92
CA GLY D 223 42.72 -16.30 7.34
C GLY D 223 42.82 -16.20 8.85
N MET D 224 41.69 -15.90 9.48
CA MET D 224 41.64 -15.68 10.93
C MET D 224 41.96 -16.94 11.72
N GLN D 225 42.64 -16.75 12.83
CA GLN D 225 42.97 -17.83 13.72
C GLN D 225 42.16 -17.87 15.02
N HIS D 226 42.83 -18.09 16.13
CA HIS D 226 42.12 -18.08 17.38
C HIS D 226 41.94 -16.63 17.76
N SER D 227 40.97 -16.00 17.13
CA SER D 227 40.83 -14.57 17.28
C SER D 227 39.43 -14.03 16.99
N VAL D 228 39.30 -12.71 17.04
CA VAL D 228 38.07 -12.01 16.69
C VAL D 228 38.44 -10.74 15.93
N CYS D 229 38.15 -10.71 14.63
CA CYS D 229 38.52 -9.55 13.82
C CYS D 229 37.34 -8.59 13.58
N MET D 230 37.66 -7.43 12.99
CA MET D 230 36.71 -6.32 12.85
C MET D 230 35.43 -6.73 12.13
N GLU D 231 35.58 -7.61 11.13
CA GLU D 231 34.46 -8.06 10.33
C GLU D 231 33.54 -8.88 11.22
N GLU D 232 34.14 -9.75 12.01
CA GLU D 232 33.40 -10.56 12.97
C GLU D 232 32.63 -9.68 13.93
N ILE D 233 33.25 -8.56 14.31
CA ILE D 233 32.61 -7.57 15.16
C ILE D 233 31.39 -6.99 14.47
N LYS D 234 31.50 -6.76 13.17
CA LYS D 234 30.34 -6.32 12.41
C LYS D 234 29.22 -7.36 12.47
N ASP D 235 29.57 -8.62 12.30
CA ASP D 235 28.57 -9.69 12.35
C ASP D 235 27.91 -9.85 13.72
N ILE D 236 28.71 -9.70 14.77
CA ILE D 236 28.23 -9.79 16.15
C ILE D 236 27.29 -8.62 16.42
N SER D 237 27.74 -7.44 16.00
CA SER D 237 26.94 -6.23 16.03
C SER D 237 25.57 -6.49 15.40
N ASN D 238 25.57 -6.85 14.12
CA ASN D 238 24.35 -7.12 13.38
C ASN D 238 23.45 -8.18 14.03
N PHE D 239 24.07 -9.20 14.62
CA PHE D 239 23.32 -10.24 15.31
C PHE D 239 22.59 -9.72 16.54
N ILE D 240 23.29 -8.95 17.36
CA ILE D 240 22.67 -8.36 18.55
C ILE D 240 21.57 -7.40 18.14
N ALA D 241 21.83 -6.61 17.11
CA ALA D 241 20.85 -5.66 16.60
C ALA D 241 19.57 -6.36 16.16
N LYS D 242 19.72 -7.42 15.36
CA LYS D 242 18.55 -8.11 14.82
C LYS D 242 17.94 -9.16 15.74
N THR D 243 18.60 -9.40 16.87
CA THR D 243 18.05 -10.25 17.91
C THR D 243 17.20 -9.37 18.81
N PHE D 244 17.73 -8.20 19.13
CA PHE D 244 17.06 -7.24 20.01
C PHE D 244 16.21 -6.23 19.24
N LYS D 245 16.18 -6.36 17.91
CA LYS D 245 15.37 -5.53 17.02
C LYS D 245 15.70 -4.04 17.09
N ILE D 246 16.98 -3.74 17.26
CA ILE D 246 17.44 -2.35 17.32
C ILE D 246 18.57 -2.10 16.33
N SER E 22 -68.92 -14.12 -48.60
CA SER E 22 -69.68 -15.31 -48.98
C SER E 22 -69.53 -16.40 -47.93
N ASN E 23 -70.13 -17.56 -48.20
CA ASN E 23 -70.00 -18.71 -47.32
C ASN E 23 -68.73 -19.49 -47.62
N ALA E 24 -68.03 -19.07 -48.67
CA ALA E 24 -66.81 -19.72 -49.12
C ALA E 24 -65.74 -19.69 -48.04
N MET E 25 -65.20 -20.86 -47.73
CA MET E 25 -64.14 -20.98 -46.75
C MET E 25 -63.49 -22.36 -46.80
N ASN E 26 -62.16 -22.37 -46.89
CA ASN E 26 -61.39 -23.60 -46.77
C ASN E 26 -60.90 -23.81 -45.35
N TYR E 27 -61.05 -25.03 -44.84
CA TYR E 27 -60.61 -25.34 -43.49
C TYR E 27 -60.24 -26.80 -43.28
N GLU E 28 -59.19 -27.02 -42.48
CA GLU E 28 -58.77 -28.38 -42.16
C GLU E 28 -59.49 -28.90 -40.92
N LEU E 29 -60.23 -30.00 -41.09
CA LEU E 29 -61.00 -30.57 -40.00
C LEU E 29 -60.34 -31.83 -39.46
N MET E 30 -60.27 -31.92 -38.13
CA MET E 30 -59.75 -33.11 -37.46
C MET E 30 -60.86 -33.77 -36.63
N GLU E 31 -61.22 -34.99 -37.01
CA GLU E 31 -62.26 -35.77 -36.34
C GLU E 31 -61.62 -36.74 -35.34
N PRO E 32 -62.17 -36.80 -34.10
CA PRO E 32 -61.55 -37.56 -33.02
C PRO E 32 -61.99 -39.03 -32.94
N ALA E 33 -61.34 -39.79 -32.06
CA ALA E 33 -61.59 -41.22 -31.90
C ALA E 33 -63.05 -41.55 -31.66
N LYS E 34 -63.54 -41.25 -30.45
CA LYS E 34 -64.93 -41.48 -30.10
C LYS E 34 -65.79 -40.32 -30.57
N GLN E 35 -67.05 -40.31 -30.15
CA GLN E 35 -67.95 -39.22 -30.49
C GLN E 35 -67.51 -37.89 -29.89
N ALA E 36 -67.28 -36.91 -30.77
CA ALA E 36 -66.88 -35.58 -30.34
C ALA E 36 -68.01 -34.89 -29.57
N ARG E 37 -67.71 -34.48 -28.34
CA ARG E 37 -68.65 -33.75 -27.52
C ARG E 37 -68.34 -32.26 -27.57
N PHE E 38 -67.11 -31.95 -28.00
CA PHE E 38 -66.63 -30.57 -28.04
C PHE E 38 -65.98 -30.22 -29.37
N CYS E 39 -65.62 -28.94 -29.52
CA CYS E 39 -64.94 -28.44 -30.71
C CYS E 39 -64.11 -27.20 -30.38
N VAL E 40 -62.94 -27.10 -30.98
CA VAL E 40 -62.21 -25.85 -30.96
C VAL E 40 -62.03 -25.35 -32.39
N ILE E 41 -62.41 -24.09 -32.61
CA ILE E 41 -62.25 -23.48 -33.90
C ILE E 41 -61.13 -22.45 -33.86
N TRP E 42 -60.01 -22.81 -34.46
CA TRP E 42 -58.80 -22.00 -34.48
C TRP E 42 -58.81 -21.08 -35.69
N LEU E 43 -59.12 -19.81 -35.47
CA LEU E 43 -59.31 -18.88 -36.56
C LEU E 43 -58.00 -18.40 -37.17
N HIS E 44 -58.03 -18.17 -38.47
CA HIS E 44 -56.88 -17.63 -39.19
C HIS E 44 -56.93 -16.11 -39.09
N GLY E 45 -58.14 -15.58 -39.01
CA GLY E 45 -58.35 -14.16 -38.95
C GLY E 45 -58.46 -13.49 -40.30
N LEU E 46 -57.68 -12.42 -40.48
CA LEU E 46 -57.77 -11.61 -41.67
C LEU E 46 -56.37 -11.36 -42.23
N GLY E 50 -47.90 -15.48 -39.99
CA GLY E 50 -48.29 -16.40 -41.05
C GLY E 50 -48.08 -17.85 -40.67
N HIS E 51 -48.03 -18.10 -39.37
CA HIS E 51 -47.79 -19.44 -38.84
C HIS E 51 -48.99 -20.34 -39.08
N ASP E 52 -48.73 -21.65 -39.21
CA ASP E 52 -49.80 -22.64 -39.37
C ASP E 52 -49.95 -23.44 -38.08
N PHE E 53 -51.17 -23.50 -37.57
CA PHE E 53 -51.39 -24.05 -36.24
C PHE E 53 -52.05 -25.44 -36.21
N VAL E 54 -52.09 -26.10 -37.35
CA VAL E 54 -52.68 -27.44 -37.40
C VAL E 54 -51.81 -28.42 -36.63
N ASP E 55 -50.52 -28.08 -36.56
CA ASP E 55 -49.52 -28.88 -35.88
C ASP E 55 -49.64 -28.80 -34.36
N ILE E 56 -50.21 -27.70 -33.87
CA ILE E 56 -50.28 -27.41 -32.44
C ILE E 56 -50.86 -28.56 -31.61
N VAL E 57 -51.80 -29.28 -32.21
CA VAL E 57 -52.46 -30.42 -31.57
C VAL E 57 -51.46 -31.45 -31.03
N ASN E 58 -50.34 -31.62 -31.74
CA ASN E 58 -49.33 -32.59 -31.35
C ASN E 58 -48.55 -32.20 -30.08
N TYR E 59 -48.94 -31.12 -29.43
CA TYR E 59 -48.19 -30.62 -28.28
C TYR E 59 -49.01 -30.52 -26.99
N PHE E 60 -50.31 -30.74 -27.11
CA PHE E 60 -51.22 -30.62 -25.97
C PHE E 60 -51.13 -31.83 -25.04
N ASP E 61 -51.74 -31.71 -23.86
CA ASP E 61 -51.78 -32.80 -22.90
C ASP E 61 -53.21 -33.23 -22.62
N VAL E 62 -54.16 -32.56 -23.28
CA VAL E 62 -55.58 -32.81 -23.03
C VAL E 62 -56.03 -34.13 -23.63
N SER E 63 -57.25 -34.54 -23.32
CA SER E 63 -57.86 -35.70 -23.95
C SER E 63 -58.55 -35.23 -25.22
N LEU E 64 -57.96 -35.56 -26.36
CA LEU E 64 -58.52 -35.15 -27.65
C LEU E 64 -59.54 -36.16 -28.16
N ASP E 65 -59.89 -37.13 -27.32
CA ASP E 65 -60.84 -38.17 -27.68
C ASP E 65 -62.23 -37.61 -27.94
N GLU E 66 -62.48 -36.40 -27.45
CA GLU E 66 -63.80 -35.79 -27.55
C GLU E 66 -63.72 -34.34 -28.03
N ILE E 67 -62.65 -34.00 -28.72
CA ILE E 67 -62.51 -32.64 -29.25
C ILE E 67 -62.37 -32.66 -30.77
N ARG E 68 -63.32 -32.03 -31.46
CA ARG E 68 -63.22 -31.86 -32.90
C ARG E 68 -62.46 -30.59 -33.20
N PHE E 69 -61.52 -30.64 -34.15
CA PHE E 69 -60.72 -29.46 -34.44
C PHE E 69 -61.05 -28.84 -35.79
N ILE E 70 -61.08 -27.51 -35.84
CA ILE E 70 -61.34 -26.80 -37.08
C ILE E 70 -60.33 -25.69 -37.34
N PHE E 71 -59.56 -25.83 -38.41
CA PHE E 71 -58.52 -24.84 -38.75
C PHE E 71 -58.77 -24.18 -40.09
N PRO E 72 -59.58 -23.11 -40.11
CA PRO E 72 -59.76 -22.35 -41.34
C PRO E 72 -58.45 -21.84 -41.90
N HIS E 73 -58.33 -21.86 -43.22
CA HIS E 73 -57.16 -21.36 -43.90
C HIS E 73 -57.36 -19.88 -44.21
N ALA E 74 -56.48 -19.34 -45.06
CA ALA E 74 -56.59 -17.95 -45.49
C ALA E 74 -57.96 -17.70 -46.11
N ASP E 75 -58.55 -16.55 -45.79
CA ASP E 75 -59.89 -16.23 -46.26
C ASP E 75 -59.94 -16.18 -47.79
N ILE E 76 -61.13 -16.40 -48.34
CA ILE E 76 -61.31 -16.45 -49.78
C ILE E 76 -61.89 -15.14 -50.29
N GLY E 84 -55.61 -9.99 -57.98
CA GLY E 84 -55.83 -8.72 -58.66
C GLY E 84 -55.64 -7.56 -57.68
N MET E 85 -55.39 -7.89 -56.42
CA MET E 85 -55.15 -6.88 -55.39
C MET E 85 -53.68 -6.53 -55.33
N GLN E 86 -52.86 -7.26 -56.09
CA GLN E 86 -51.43 -6.99 -56.15
C GLN E 86 -51.09 -5.99 -57.26
N MET E 87 -52.13 -5.40 -57.85
CA MET E 87 -51.96 -4.35 -58.84
C MET E 87 -52.68 -3.09 -58.41
N ARG E 88 -53.07 -3.04 -57.15
CA ARG E 88 -53.81 -1.90 -56.60
C ARG E 88 -53.41 -1.62 -55.16
N ALA E 89 -53.77 -2.53 -54.25
CA ALA E 89 -53.58 -2.33 -52.82
C ALA E 89 -52.13 -2.14 -52.40
N TRP E 90 -51.93 -1.43 -51.29
CA TRP E 90 -50.62 -1.24 -50.68
C TRP E 90 -50.04 -2.61 -50.30
N TYR E 91 -48.75 -2.78 -50.56
CA TYR E 91 -48.06 -4.04 -50.28
C TYR E 91 -48.10 -4.43 -48.79
N ASP E 92 -48.38 -3.47 -47.93
CA ASP E 92 -48.38 -3.67 -46.49
C ASP E 92 -49.78 -3.99 -45.94
N ILE E 93 -50.74 -4.14 -46.83
CA ILE E 93 -52.14 -4.18 -46.43
C ILE E 93 -52.56 -5.44 -45.65
N LYS E 94 -51.58 -6.19 -45.13
CA LYS E 94 -51.88 -7.42 -44.43
C LYS E 94 -51.32 -7.51 -43.01
N SER E 95 -50.10 -7.01 -42.82
CA SER E 95 -49.40 -7.11 -41.54
C SER E 95 -50.19 -6.50 -40.39
N VAL E 105 -59.91 1.13 -39.87
CA VAL E 105 -59.37 -0.15 -40.28
C VAL E 105 -60.35 -0.91 -41.18
N ASP E 106 -59.99 -2.14 -41.54
CA ASP E 106 -60.87 -3.00 -42.31
C ASP E 106 -62.01 -3.48 -41.42
N VAL E 107 -63.01 -2.61 -41.23
CA VAL E 107 -64.11 -2.90 -40.32
C VAL E 107 -65.07 -3.94 -40.89
N GLU E 108 -65.43 -3.80 -42.16
CA GLU E 108 -66.38 -4.69 -42.80
C GLU E 108 -65.84 -6.12 -42.94
N GLY E 109 -64.54 -6.25 -43.21
CA GLY E 109 -63.92 -7.55 -43.36
C GLY E 109 -63.99 -8.38 -42.10
N ILE E 110 -63.81 -7.71 -40.96
CA ILE E 110 -63.89 -8.35 -39.66
C ILE E 110 -65.29 -8.91 -39.39
N ASN E 111 -66.31 -8.13 -39.74
CA ASN E 111 -67.69 -8.56 -39.58
C ASN E 111 -68.05 -9.73 -40.48
N SER E 112 -67.37 -9.81 -41.63
CA SER E 112 -67.57 -10.90 -42.58
C SER E 112 -66.92 -12.17 -42.05
N SER E 113 -65.69 -12.05 -41.57
CA SER E 113 -65.01 -13.18 -40.94
C SER E 113 -65.85 -13.69 -39.77
N ILE E 114 -66.36 -12.76 -38.97
CA ILE E 114 -67.24 -13.08 -37.86
C ILE E 114 -68.49 -13.82 -38.34
N ALA E 115 -69.05 -13.37 -39.45
CA ALA E 115 -70.23 -14.01 -40.05
C ALA E 115 -69.94 -15.46 -40.38
N LYS E 116 -68.79 -15.67 -41.03
CA LYS E 116 -68.37 -17.00 -41.44
C LYS E 116 -68.16 -17.92 -40.24
N VAL E 117 -67.49 -17.42 -39.21
CA VAL E 117 -67.24 -18.23 -38.02
C VAL E 117 -68.54 -18.55 -37.28
N ASN E 118 -69.45 -17.59 -37.24
CA ASN E 118 -70.79 -17.83 -36.71
C ASN E 118 -71.52 -18.89 -37.50
N LYS E 119 -71.22 -18.97 -38.79
CA LYS E 119 -71.76 -20.04 -39.64
C LYS E 119 -71.05 -21.38 -39.42
N LEU E 120 -69.83 -21.32 -38.89
CA LEU E 120 -69.14 -22.54 -38.46
C LEU E 120 -69.74 -23.06 -37.16
N ILE E 121 -70.09 -22.14 -36.25
CA ILE E 121 -70.80 -22.53 -35.04
C ILE E 121 -72.18 -23.04 -35.42
N ASP E 122 -72.75 -22.45 -36.47
CA ASP E 122 -73.99 -22.97 -37.05
C ASP E 122 -73.77 -24.41 -37.47
N SER E 123 -72.65 -24.66 -38.13
CA SER E 123 -72.29 -25.99 -38.59
C SER E 123 -72.15 -26.99 -37.44
N GLN E 124 -71.57 -26.55 -36.33
CA GLN E 124 -71.28 -27.41 -35.19
C GLN E 124 -72.52 -27.71 -34.34
N VAL E 125 -73.28 -26.66 -34.03
CA VAL E 125 -74.50 -26.78 -33.24
C VAL E 125 -75.46 -27.76 -33.91
N ASN E 126 -75.42 -27.80 -35.23
CA ASN E 126 -76.27 -28.70 -36.00
C ASN E 126 -75.54 -29.96 -36.47
N GLN E 127 -74.30 -30.14 -36.03
CA GLN E 127 -73.58 -31.40 -36.24
C GLN E 127 -73.56 -32.21 -34.95
N GLY E 128 -74.24 -31.70 -33.93
CA GLY E 128 -74.40 -32.43 -32.67
C GLY E 128 -73.80 -31.75 -31.46
N ILE E 129 -72.77 -30.95 -31.67
CA ILE E 129 -72.06 -30.32 -30.55
C ILE E 129 -72.59 -28.93 -30.22
N ALA E 130 -73.06 -28.76 -29.00
CA ALA E 130 -73.72 -27.52 -28.58
C ALA E 130 -72.77 -26.32 -28.51
N SER E 131 -73.33 -25.14 -28.70
CA SER E 131 -72.55 -23.91 -28.73
C SER E 131 -71.70 -23.69 -27.48
N GLU E 132 -72.26 -24.04 -26.33
CA GLU E 132 -71.56 -23.85 -25.06
C GLU E 132 -70.38 -24.81 -24.93
N ASN E 133 -70.27 -25.73 -25.90
CA ASN E 133 -69.17 -26.68 -25.93
C ASN E 133 -68.24 -26.44 -27.10
N ILE E 134 -68.12 -25.17 -27.48
CA ILE E 134 -67.18 -24.78 -28.52
C ILE E 134 -66.23 -23.71 -28.00
N ILE E 135 -64.93 -23.96 -28.15
CA ILE E 135 -63.91 -22.98 -27.76
C ILE E 135 -63.35 -22.29 -29.00
N LEU E 136 -63.42 -20.96 -29.01
CA LEU E 136 -62.79 -20.20 -30.08
C LEU E 136 -61.34 -19.92 -29.71
N ALA E 137 -60.47 -19.84 -30.71
CA ALA E 137 -59.04 -19.65 -30.48
C ALA E 137 -58.42 -18.83 -31.60
N GLY E 138 -57.55 -17.88 -31.24
CA GLY E 138 -56.94 -17.06 -32.25
C GLY E 138 -55.58 -16.48 -31.92
N PHE E 139 -54.65 -16.70 -32.83
CA PHE E 139 -53.34 -16.06 -32.73
C PHE E 139 -53.27 -14.79 -33.57
N SER E 140 -52.76 -13.68 -33.18
CA SER E 140 -52.61 -12.43 -33.95
C SER E 140 -53.92 -11.98 -34.58
N GLN E 141 -53.92 -11.70 -35.88
CA GLN E 141 -55.10 -11.22 -36.58
C GLN E 141 -56.28 -12.19 -36.49
N GLY E 142 -55.98 -13.43 -36.11
CA GLY E 142 -57.01 -14.44 -35.92
C GLY E 142 -57.64 -14.38 -34.53
N GLY E 143 -57.02 -13.61 -33.65
CA GLY E 143 -57.50 -13.51 -32.29
C GLY E 143 -58.57 -12.44 -32.13
N ILE E 144 -58.49 -11.66 -33.31
CA ILE E 144 -59.37 -10.50 -33.42
C ILE E 144 -60.81 -10.93 -33.69
N ILE E 145 -60.97 -11.98 -34.47
CA ILE E 145 -62.29 -12.48 -34.81
C ILE E 145 -62.92 -13.22 -33.62
N ALA E 146 -62.19 -14.21 -33.11
CA ALA E 146 -62.65 -15.11 -32.05
C ALA E 146 -63.23 -14.41 -30.82
N THR E 147 -62.63 -13.29 -30.45
CA THR E 147 -63.15 -12.50 -29.36
C THR E 147 -64.40 -11.79 -29.84
N TYR E 148 -64.26 -11.03 -30.91
CA TYR E 148 -65.36 -10.25 -31.47
C TYR E 148 -66.52 -11.14 -31.91
N THR E 149 -66.25 -12.42 -32.13
CA THR E 149 -67.30 -13.37 -32.49
C THR E 149 -68.05 -13.82 -31.24
N ALA E 150 -67.31 -14.05 -30.17
CA ALA E 150 -67.90 -14.55 -28.94
C ALA E 150 -68.59 -13.43 -28.17
N ILE E 151 -67.89 -12.33 -27.97
CA ILE E 151 -68.38 -11.25 -27.11
C ILE E 151 -69.53 -10.46 -27.73
N THR E 152 -69.98 -10.89 -28.91
CA THR E 152 -71.07 -10.22 -29.61
C THR E 152 -72.14 -11.22 -30.03
N SER E 153 -71.82 -12.51 -29.88
CA SER E 153 -72.68 -13.59 -30.36
C SER E 153 -74.04 -13.59 -29.71
N GLN E 154 -74.95 -14.37 -30.29
CA GLN E 154 -76.29 -14.48 -29.73
C GLN E 154 -76.46 -15.79 -28.97
N ARG E 155 -75.41 -16.61 -28.98
CA ARG E 155 -75.45 -17.91 -28.31
C ARG E 155 -74.32 -18.09 -27.31
N LYS E 156 -74.61 -18.80 -26.23
CA LYS E 156 -73.63 -19.11 -25.20
C LYS E 156 -72.51 -19.97 -25.75
N LEU E 157 -71.28 -19.50 -25.61
CA LEU E 157 -70.13 -20.24 -26.10
C LEU E 157 -69.27 -20.79 -24.96
N GLY E 158 -68.40 -21.75 -25.29
CA GLY E 158 -67.56 -22.38 -24.30
C GLY E 158 -66.46 -21.49 -23.76
N GLY E 159 -65.68 -20.90 -24.65
CA GLY E 159 -64.59 -20.03 -24.24
C GLY E 159 -63.91 -19.30 -25.38
N ILE E 160 -63.04 -18.35 -25.03
CA ILE E 160 -62.24 -17.62 -26.01
C ILE E 160 -60.76 -17.71 -25.68
N MET E 161 -59.92 -17.78 -26.71
CA MET E 161 -58.48 -17.74 -26.52
C MET E 161 -57.85 -16.63 -27.36
N ALA E 162 -57.22 -15.67 -26.68
CA ALA E 162 -56.64 -14.51 -27.35
C ALA E 162 -55.13 -14.49 -27.23
N LEU E 163 -54.45 -15.04 -28.24
CA LEU E 163 -53.00 -15.15 -28.23
C LEU E 163 -52.31 -14.08 -29.07
N SER E 164 -51.57 -13.19 -28.42
CA SER E 164 -50.82 -12.13 -29.08
C SER E 164 -51.69 -11.24 -29.97
N THR E 165 -52.80 -10.77 -29.43
CA THR E 165 -53.81 -10.03 -30.19
C THR E 165 -53.88 -8.57 -29.74
N TYR E 166 -54.71 -7.78 -30.39
CA TYR E 166 -55.10 -6.46 -29.90
C TYR E 166 -56.56 -6.17 -30.26
N LEU E 167 -57.06 -5.00 -29.86
CA LEU E 167 -58.48 -4.70 -29.98
C LEU E 167 -58.76 -3.39 -30.73
N PRO E 168 -58.74 -3.45 -32.08
CA PRO E 168 -58.98 -2.27 -32.93
C PRO E 168 -60.47 -2.00 -33.15
N ALA E 169 -60.80 -0.76 -33.48
CA ALA E 169 -62.19 -0.32 -33.73
C ALA E 169 -63.13 -0.68 -32.58
N TRP E 170 -62.67 -0.52 -31.35
CA TRP E 170 -63.40 -1.00 -30.18
C TRP E 170 -64.77 -0.32 -29.97
N ASP E 171 -64.86 0.95 -30.31
CA ASP E 171 -66.06 1.74 -29.98
C ASP E 171 -67.33 1.34 -30.76
N ASN E 172 -67.18 0.98 -32.03
CA ASN E 172 -68.33 0.50 -32.79
C ASN E 172 -68.60 -0.97 -32.55
N PHE E 173 -67.71 -1.62 -31.80
CA PHE E 173 -67.88 -3.02 -31.47
C PHE E 173 -68.42 -3.23 -30.05
N LYS E 174 -68.11 -2.30 -29.15
CA LYS E 174 -68.62 -2.40 -27.78
C LYS E 174 -70.13 -2.24 -27.72
N GLY E 175 -70.70 -1.71 -28.80
CA GLY E 175 -72.15 -1.53 -28.89
C GLY E 175 -72.84 -2.80 -29.32
N LYS E 176 -72.08 -3.70 -29.94
CA LYS E 176 -72.63 -4.95 -30.43
C LYS E 176 -72.41 -6.10 -29.44
N ILE E 177 -71.89 -5.79 -28.26
CA ILE E 177 -71.61 -6.83 -27.28
C ILE E 177 -72.89 -7.41 -26.67
N THR E 178 -72.87 -8.71 -26.41
CA THR E 178 -73.99 -9.37 -25.75
C THR E 178 -73.55 -9.93 -24.40
N SER E 179 -74.52 -10.30 -23.58
CA SER E 179 -74.24 -10.68 -22.20
C SER E 179 -74.22 -12.19 -21.94
N ILE E 180 -74.72 -12.97 -22.89
CA ILE E 180 -74.76 -14.42 -22.75
C ILE E 180 -73.35 -15.01 -22.68
N ASN E 181 -72.38 -14.30 -23.25
CA ASN E 181 -70.99 -14.72 -23.21
C ASN E 181 -70.15 -13.86 -22.27
N LYS E 182 -70.79 -13.29 -21.25
CA LYS E 182 -70.09 -12.52 -20.24
C LYS E 182 -69.77 -13.40 -19.03
N GLY E 183 -68.49 -13.74 -18.88
CA GLY E 183 -68.06 -14.59 -17.79
C GLY E 183 -67.51 -15.94 -18.24
N LEU E 184 -67.73 -16.30 -19.49
CA LEU E 184 -67.20 -17.56 -20.03
C LEU E 184 -65.67 -17.59 -19.91
N PRO E 185 -65.09 -18.80 -19.87
CA PRO E 185 -63.63 -18.94 -19.84
C PRO E 185 -62.94 -18.15 -20.94
N ILE E 186 -62.03 -17.27 -20.55
CA ILE E 186 -61.23 -16.51 -21.49
C ILE E 186 -59.77 -16.59 -21.13
N LEU E 187 -58.95 -17.07 -22.07
CA LEU E 187 -57.51 -17.16 -21.87
C LEU E 187 -56.80 -16.14 -22.73
N VAL E 188 -56.43 -15.01 -22.14
CA VAL E 188 -55.75 -13.98 -22.89
C VAL E 188 -54.25 -14.05 -22.65
N CYS E 189 -53.52 -14.54 -23.65
CA CYS E 189 -52.08 -14.72 -23.55
C CYS E 189 -51.30 -13.72 -24.40
N HIS E 190 -50.18 -13.23 -23.87
CA HIS E 190 -49.32 -12.33 -24.63
C HIS E 190 -47.83 -12.48 -24.28
N GLY E 191 -46.97 -11.92 -25.13
CA GLY E 191 -45.54 -11.97 -24.90
C GLY E 191 -45.01 -10.62 -24.48
N THR E 192 -44.02 -10.62 -23.59
CA THR E 192 -43.49 -9.40 -23.01
C THR E 192 -42.62 -8.62 -24.00
N ASP E 193 -41.87 -9.33 -24.83
CA ASP E 193 -41.01 -8.69 -25.82
C ASP E 193 -41.63 -8.68 -27.21
N ASP E 194 -42.95 -8.65 -27.28
CA ASP E 194 -43.65 -8.54 -28.56
C ASP E 194 -43.37 -7.16 -29.15
N GLN E 195 -43.20 -7.12 -30.47
CA GLN E 195 -42.88 -5.87 -31.16
C GLN E 195 -43.90 -5.53 -32.23
N VAL E 196 -44.42 -6.55 -32.90
CA VAL E 196 -45.49 -6.36 -33.88
C VAL E 196 -46.73 -5.84 -33.17
N LEU E 197 -47.00 -6.40 -32.01
CA LEU E 197 -48.14 -6.02 -31.19
C LEU E 197 -47.70 -5.85 -29.75
N PRO E 198 -47.26 -4.63 -29.39
CA PRO E 198 -46.76 -4.30 -28.04
C PRO E 198 -47.69 -4.83 -26.96
N GLU E 199 -47.10 -5.43 -25.92
CA GLU E 199 -47.84 -6.13 -24.87
C GLU E 199 -48.98 -5.33 -24.28
N VAL E 200 -48.75 -4.05 -24.04
CA VAL E 200 -49.72 -3.18 -23.40
C VAL E 200 -51.05 -3.09 -24.16
N LEU E 201 -51.01 -3.46 -25.44
CA LEU E 201 -52.22 -3.48 -26.24
C LEU E 201 -53.06 -4.71 -25.88
N GLY E 202 -52.39 -5.83 -25.63
CA GLY E 202 -53.06 -7.03 -25.17
C GLY E 202 -53.56 -6.86 -23.76
N HIS E 203 -52.77 -6.10 -22.98
CA HIS E 203 -53.19 -5.63 -21.67
C HIS E 203 -54.49 -4.87 -21.79
N ASP E 204 -54.55 -3.98 -22.78
CA ASP E 204 -55.74 -3.16 -22.99
C ASP E 204 -56.93 -4.00 -23.44
N LEU E 205 -56.65 -5.04 -24.22
CA LEU E 205 -57.68 -5.99 -24.63
C LEU E 205 -58.28 -6.58 -23.36
N SER E 206 -57.41 -7.10 -22.51
CA SER E 206 -57.82 -7.67 -21.22
C SER E 206 -58.65 -6.70 -20.37
N ASP E 207 -58.16 -5.46 -20.25
CA ASP E 207 -58.79 -4.46 -19.39
C ASP E 207 -60.16 -4.04 -19.92
N LYS E 208 -60.26 -3.89 -21.23
CA LYS E 208 -61.52 -3.49 -21.85
C LYS E 208 -62.55 -4.61 -21.77
N LEU E 209 -62.11 -5.85 -21.98
CA LEU E 209 -62.99 -6.99 -21.78
C LEU E 209 -63.46 -7.02 -20.34
N LYS E 210 -62.53 -6.75 -19.42
CA LYS E 210 -62.81 -6.74 -17.99
C LYS E 210 -63.93 -5.76 -17.66
N VAL E 211 -63.72 -4.50 -18.03
CA VAL E 211 -64.67 -3.43 -17.71
C VAL E 211 -65.99 -3.59 -18.46
N SER E 212 -65.96 -4.29 -19.60
CA SER E 212 -67.17 -4.48 -20.40
C SER E 212 -68.03 -5.65 -19.94
N GLY E 213 -67.55 -6.40 -18.95
CA GLY E 213 -68.32 -7.48 -18.37
C GLY E 213 -67.78 -8.85 -18.76
N PHE E 214 -66.62 -8.87 -19.39
CA PHE E 214 -66.00 -10.12 -19.80
C PHE E 214 -64.73 -10.36 -18.99
N ALA E 215 -64.88 -11.03 -17.87
CA ALA E 215 -63.73 -11.38 -17.03
C ALA E 215 -62.79 -12.30 -17.82
N ASN E 216 -61.49 -12.09 -17.67
CA ASN E 216 -60.52 -12.89 -18.40
C ASN E 216 -59.27 -13.25 -17.61
N GLU E 217 -58.72 -14.42 -17.89
CA GLU E 217 -57.47 -14.85 -17.29
C GLU E 217 -56.31 -14.46 -18.19
N TYR E 218 -55.58 -13.43 -17.76
CA TYR E 218 -54.46 -12.91 -18.53
C TYR E 218 -53.14 -13.55 -18.12
N LYS E 219 -52.39 -14.03 -19.11
CA LYS E 219 -51.07 -14.59 -18.89
C LYS E 219 -50.05 -13.92 -19.80
N HIS E 220 -48.89 -13.59 -19.24
CA HIS E 220 -47.80 -13.02 -20.03
C HIS E 220 -46.57 -13.93 -19.97
N TYR E 221 -45.79 -13.90 -21.04
CA TYR E 221 -44.65 -14.81 -21.17
C TYR E 221 -43.36 -14.04 -21.38
N VAL E 222 -42.61 -13.90 -20.28
CA VAL E 222 -41.40 -13.09 -20.24
C VAL E 222 -40.42 -13.44 -21.35
N GLY E 223 -40.25 -12.51 -22.29
CA GLY E 223 -39.27 -12.65 -23.35
C GLY E 223 -39.85 -13.10 -24.67
N MET E 224 -40.96 -13.55 -24.54
CA MET E 224 -41.55 -14.03 -25.77
C MET E 224 -41.97 -12.84 -26.62
N GLN E 225 -41.90 -13.01 -27.93
CA GLN E 225 -42.22 -11.94 -28.85
C GLN E 225 -43.60 -12.10 -29.48
N HIS E 226 -43.64 -12.28 -30.79
CA HIS E 226 -44.90 -12.38 -31.51
C HIS E 226 -45.12 -13.82 -31.96
N SER E 227 -45.23 -14.72 -31.00
CA SER E 227 -45.30 -16.14 -31.31
C SER E 227 -45.99 -16.96 -30.22
N VAL E 228 -45.96 -18.33 -30.34
CA VAL E 228 -46.47 -19.21 -29.29
C VAL E 228 -45.35 -20.13 -28.80
N CYS E 229 -45.18 -20.20 -27.48
CA CYS E 229 -44.13 -21.02 -26.88
C CYS E 229 -44.70 -22.29 -26.26
N MET E 230 -43.80 -23.17 -25.82
CA MET E 230 -44.18 -24.47 -25.27
C MET E 230 -44.96 -24.33 -23.95
N GLU E 231 -44.54 -23.38 -23.13
CA GLU E 231 -45.22 -23.11 -21.88
C GLU E 231 -46.64 -22.65 -22.18
N GLU E 232 -46.76 -21.79 -23.18
CA GLU E 232 -48.08 -21.31 -23.62
C GLU E 232 -48.92 -22.49 -24.10
N ILE E 233 -48.27 -23.48 -24.69
CA ILE E 233 -48.95 -24.72 -25.07
C ILE E 233 -49.50 -25.42 -23.82
N LYS E 234 -48.70 -25.43 -22.76
CA LYS E 234 -49.18 -25.99 -21.49
C LYS E 234 -50.43 -25.26 -21.01
N ASP E 235 -50.34 -23.93 -20.90
CA ASP E 235 -51.46 -23.12 -20.41
C ASP E 235 -52.73 -23.24 -21.25
N ILE E 236 -52.56 -23.30 -22.57
CA ILE E 236 -53.69 -23.48 -23.47
C ILE E 236 -54.30 -24.86 -23.28
N SER E 237 -53.44 -25.88 -23.27
CA SER E 237 -53.88 -27.26 -23.07
C SER E 237 -54.72 -27.38 -21.81
N ASN E 238 -54.22 -26.78 -20.73
CA ASN E 238 -54.92 -26.83 -19.47
C ASN E 238 -56.14 -25.93 -19.41
N PHE E 239 -56.19 -24.94 -20.29
CA PHE E 239 -57.38 -24.12 -20.48
C PHE E 239 -58.48 -24.97 -21.10
N ILE E 240 -58.10 -25.79 -22.07
CA ILE E 240 -59.03 -26.71 -22.73
C ILE E 240 -59.47 -27.79 -21.76
N ALA E 241 -58.54 -28.26 -20.94
CA ALA E 241 -58.84 -29.29 -19.95
C ALA E 241 -59.81 -28.77 -18.90
N LYS E 242 -59.60 -27.53 -18.46
CA LYS E 242 -60.45 -26.90 -17.44
C LYS E 242 -61.83 -26.54 -17.99
N THR E 243 -61.86 -26.07 -19.24
CA THR E 243 -63.11 -25.61 -19.85
C THR E 243 -64.00 -26.76 -20.30
N PHE E 244 -63.39 -27.78 -20.90
CA PHE E 244 -64.15 -28.93 -21.39
C PHE E 244 -64.30 -30.06 -20.38
N LYS E 245 -63.63 -29.92 -19.23
CA LYS E 245 -63.68 -30.91 -18.16
C LYS E 245 -63.27 -32.31 -18.63
N ILE E 246 -62.03 -32.43 -19.10
CA ILE E 246 -61.52 -33.70 -19.60
C ILE E 246 -60.07 -33.91 -19.17
N SER F 22 9.00 -10.62 -27.90
CA SER F 22 7.73 -10.66 -27.16
C SER F 22 7.69 -11.87 -26.23
N ASN F 23 8.37 -12.94 -26.64
CA ASN F 23 8.53 -14.14 -25.84
C ASN F 23 9.87 -14.77 -26.21
N ALA F 24 10.54 -14.13 -27.17
CA ALA F 24 11.72 -14.69 -27.79
C ALA F 24 12.88 -14.76 -26.83
N MET F 25 13.04 -15.91 -26.18
CA MET F 25 14.20 -16.13 -25.31
C MET F 25 14.72 -17.55 -25.39
N ASN F 26 16.04 -17.66 -25.47
CA ASN F 26 16.71 -18.94 -25.35
C ASN F 26 17.17 -19.09 -23.91
N TYR F 27 17.07 -20.31 -23.39
CA TYR F 27 17.57 -20.58 -22.05
C TYR F 27 18.01 -22.02 -21.83
N GLU F 28 18.94 -22.22 -20.91
CA GLU F 28 19.37 -23.55 -20.54
C GLU F 28 18.49 -24.08 -19.42
N LEU F 29 17.96 -25.28 -19.58
CA LEU F 29 17.11 -25.87 -18.55
C LEU F 29 17.75 -27.11 -17.94
N MET F 30 17.99 -27.06 -16.63
CA MET F 30 18.51 -28.20 -15.87
C MET F 30 17.42 -28.87 -15.06
N GLU F 31 17.07 -30.10 -15.46
CA GLU F 31 16.04 -30.89 -14.81
C GLU F 31 16.66 -31.81 -13.75
N PRO F 32 16.04 -31.88 -12.56
CA PRO F 32 16.56 -32.71 -11.47
C PRO F 32 16.19 -34.18 -11.62
N ALA F 33 16.96 -35.06 -10.96
CA ALA F 33 16.74 -36.50 -11.05
C ALA F 33 15.31 -36.87 -10.66
N LYS F 34 14.98 -36.71 -9.38
CA LYS F 34 13.62 -36.82 -8.93
C LYS F 34 12.85 -35.65 -9.52
N GLN F 35 11.53 -35.66 -9.39
CA GLN F 35 10.71 -34.59 -9.96
C GLN F 35 11.11 -33.25 -9.36
N ALA F 36 10.86 -32.18 -10.09
CA ALA F 36 11.16 -30.84 -9.62
C ALA F 36 10.08 -30.37 -8.66
N ARG F 37 10.48 -29.79 -7.54
CA ARG F 37 9.53 -29.25 -6.59
C ARG F 37 9.79 -27.75 -6.39
N PHE F 38 11.02 -27.34 -6.71
CA PHE F 38 11.42 -25.95 -6.62
C PHE F 38 12.13 -25.54 -7.91
N CYS F 39 12.41 -24.25 -8.06
CA CYS F 39 13.09 -23.76 -9.25
C CYS F 39 13.80 -22.43 -9.02
N VAL F 40 15.04 -22.35 -9.49
CA VAL F 40 15.79 -21.10 -9.44
C VAL F 40 15.94 -20.55 -10.84
N ILE F 41 15.55 -19.28 -11.03
CA ILE F 41 15.73 -18.62 -12.32
C ILE F 41 16.88 -17.62 -12.23
N TRP F 42 17.99 -17.95 -12.88
CA TRP F 42 19.20 -17.14 -12.81
C TRP F 42 19.31 -16.24 -14.04
N LEU F 43 19.06 -14.95 -13.83
CA LEU F 43 18.87 -14.01 -14.93
C LEU F 43 20.17 -13.50 -15.57
N HIS F 44 20.07 -13.14 -16.85
CA HIS F 44 21.20 -12.65 -17.61
C HIS F 44 21.29 -11.14 -17.50
N GLY F 45 20.15 -10.48 -17.61
CA GLY F 45 20.09 -9.03 -17.55
C GLY F 45 19.89 -8.42 -18.92
N LEU F 46 20.79 -7.53 -19.31
CA LEU F 46 20.72 -6.85 -20.59
C LEU F 46 22.11 -6.66 -21.19
N GLY F 50 29.58 -10.72 -18.92
CA GLY F 50 29.39 -11.76 -19.92
C GLY F 50 29.83 -13.12 -19.42
N HIS F 51 29.81 -13.29 -18.10
CA HIS F 51 30.18 -14.55 -17.47
C HIS F 51 29.04 -15.55 -17.59
N ASP F 52 29.39 -16.82 -17.77
CA ASP F 52 28.39 -17.88 -17.88
C ASP F 52 28.23 -18.57 -16.54
N PHE F 53 27.03 -18.52 -15.98
CA PHE F 53 26.80 -19.06 -14.65
C PHE F 53 26.24 -20.47 -14.66
N VAL F 54 26.14 -21.05 -15.85
CA VAL F 54 25.78 -22.46 -15.97
C VAL F 54 26.75 -23.30 -15.13
N ASP F 55 27.98 -22.81 -15.03
CA ASP F 55 29.02 -23.36 -14.17
C ASP F 55 28.57 -23.56 -12.72
N ILE F 56 27.90 -22.56 -12.16
CA ILE F 56 27.72 -22.46 -10.71
C ILE F 56 27.18 -23.72 -10.02
N VAL F 57 26.34 -24.46 -10.73
CA VAL F 57 25.71 -25.68 -10.22
C VAL F 57 26.76 -26.68 -9.74
N ASN F 58 27.89 -26.73 -10.43
CA ASN F 58 28.96 -27.66 -10.09
C ASN F 58 29.62 -27.39 -8.74
N TYR F 59 29.22 -26.29 -8.10
CA TYR F 59 29.84 -25.87 -6.83
C TYR F 59 28.87 -25.80 -5.65
N PHE F 60 27.58 -25.98 -5.92
CA PHE F 60 26.56 -25.91 -4.87
C PHE F 60 26.62 -27.12 -3.93
N ASP F 61 26.53 -26.85 -2.63
CA ASP F 61 26.52 -27.89 -1.60
C ASP F 61 25.10 -28.39 -1.29
N VAL F 62 24.11 -27.72 -1.88
CA VAL F 62 22.71 -28.09 -1.68
C VAL F 62 22.42 -29.46 -2.29
N SER F 63 21.18 -29.90 -2.19
CA SER F 63 20.73 -31.06 -2.93
C SER F 63 19.87 -30.59 -4.09
N LEU F 64 20.45 -30.56 -5.29
CA LEU F 64 19.76 -30.06 -6.47
C LEU F 64 18.86 -31.14 -7.07
N ASP F 65 18.36 -32.02 -6.20
CA ASP F 65 17.56 -33.16 -6.60
C ASP F 65 16.10 -32.78 -6.69
N GLU F 66 15.72 -31.72 -5.99
CA GLU F 66 14.35 -31.23 -6.01
C GLU F 66 14.28 -29.85 -6.65
N ILE F 67 15.41 -29.37 -7.16
CA ILE F 67 15.50 -28.03 -7.73
C ILE F 67 15.68 -28.07 -9.24
N ARG F 68 14.96 -27.20 -9.94
CA ARG F 68 15.09 -27.07 -11.39
C ARG F 68 15.76 -25.74 -11.71
N PHE F 69 16.77 -25.77 -12.58
CA PHE F 69 17.51 -24.55 -12.88
C PHE F 69 17.16 -23.96 -14.25
N ILE F 70 16.94 -22.65 -14.27
CA ILE F 70 16.64 -21.94 -15.52
C ILE F 70 17.67 -20.84 -15.77
N PHE F 71 18.48 -21.00 -16.81
CA PHE F 71 19.54 -20.03 -17.13
C PHE F 71 19.30 -19.34 -18.47
N PRO F 72 18.51 -18.24 -18.46
CA PRO F 72 18.30 -17.45 -19.68
C PRO F 72 19.61 -16.97 -20.32
N HIS F 73 19.67 -17.03 -21.64
CA HIS F 73 20.82 -16.52 -22.37
C HIS F 73 20.61 -15.03 -22.65
N ALA F 74 21.49 -14.46 -23.47
CA ALA F 74 21.40 -13.04 -23.81
C ALA F 74 20.09 -12.73 -24.52
N ASP F 75 19.66 -11.47 -24.45
CA ASP F 75 18.45 -11.03 -25.13
C ASP F 75 18.57 -11.25 -26.63
N ILE F 76 17.43 -11.45 -27.28
CA ILE F 76 17.42 -11.71 -28.71
C ILE F 76 17.17 -10.42 -29.51
N MET F 83 21.49 -6.60 -37.77
CA MET F 83 22.34 -5.41 -37.79
C MET F 83 21.82 -4.36 -36.81
N GLY F 84 21.92 -3.09 -37.22
CA GLY F 84 21.47 -2.00 -36.38
C GLY F 84 22.54 -1.54 -35.41
N MET F 85 22.60 -2.18 -34.26
CA MET F 85 23.58 -1.83 -33.22
C MET F 85 25.00 -1.56 -33.73
N GLN F 86 25.62 -2.58 -34.32
CA GLN F 86 27.00 -2.50 -34.79
C GLN F 86 27.25 -1.37 -35.78
N MET F 87 26.19 -0.71 -36.22
CA MET F 87 26.30 0.40 -37.16
C MET F 87 25.58 1.65 -36.68
N ARG F 88 24.97 1.57 -35.49
CA ARG F 88 24.25 2.72 -34.95
C ARG F 88 24.64 3.03 -33.51
N ALA F 89 24.18 2.18 -32.59
CA ALA F 89 24.39 2.41 -31.17
C ALA F 89 25.86 2.53 -30.80
N TRP F 90 26.14 3.18 -29.68
CA TRP F 90 27.50 3.34 -29.20
C TRP F 90 28.15 1.99 -28.99
N TYR F 91 29.47 1.95 -29.15
CA TYR F 91 30.24 0.73 -28.94
C TYR F 91 30.27 0.33 -27.46
N ASP F 92 29.81 1.24 -26.59
CA ASP F 92 29.84 1.05 -25.15
C ASP F 92 28.48 0.68 -24.56
N ILE F 93 27.43 0.84 -25.36
CA ILE F 93 26.04 0.86 -24.86
C ILE F 93 25.62 -0.26 -23.89
N LYS F 94 26.41 -1.33 -23.82
CA LYS F 94 26.02 -2.48 -23.00
C LYS F 94 26.63 -2.50 -21.60
N SER F 95 27.80 -1.87 -21.45
CA SER F 95 28.53 -1.93 -20.20
C SER F 95 28.02 -0.93 -19.16
N VAL F 107 18.65 2.56 -19.98
CA VAL F 107 17.65 1.95 -20.85
C VAL F 107 16.50 1.43 -20.00
N GLU F 108 15.43 2.20 -19.91
CA GLU F 108 14.28 1.83 -19.10
C GLU F 108 13.44 0.73 -19.77
N GLY F 109 13.99 0.15 -20.83
CA GLY F 109 13.40 -1.02 -21.47
C GLY F 109 13.69 -2.29 -20.67
N ILE F 110 13.86 -2.11 -19.36
CA ILE F 110 14.03 -3.22 -18.43
C ILE F 110 12.67 -3.84 -18.16
N ASN F 111 11.62 -3.04 -18.30
CA ASN F 111 10.25 -3.50 -18.10
C ASN F 111 9.87 -4.72 -18.95
N SER F 112 10.37 -4.76 -20.19
CA SER F 112 10.06 -5.85 -21.10
C SER F 112 10.82 -7.12 -20.72
N SER F 113 12.05 -6.95 -20.24
CA SER F 113 12.85 -8.08 -19.76
C SER F 113 12.17 -8.66 -18.52
N ILE F 114 11.69 -7.75 -17.67
CA ILE F 114 10.94 -8.11 -16.48
C ILE F 114 9.68 -8.85 -16.86
N ALA F 115 9.10 -8.46 -17.99
CA ALA F 115 7.92 -9.15 -18.52
C ALA F 115 8.29 -10.57 -18.92
N LYS F 116 9.44 -10.71 -19.59
CA LYS F 116 9.95 -12.03 -19.97
C LYS F 116 10.13 -12.92 -18.75
N VAL F 117 10.68 -12.36 -17.69
CA VAL F 117 10.90 -13.11 -16.45
C VAL F 117 9.58 -13.51 -15.79
N ASN F 118 8.65 -12.56 -15.68
CA ASN F 118 7.32 -12.82 -15.15
C ASN F 118 6.65 -13.95 -15.92
N LYS F 119 6.89 -13.98 -17.23
CA LYS F 119 6.33 -15.03 -18.07
C LYS F 119 7.06 -16.37 -17.85
N LEU F 120 8.33 -16.31 -17.48
CA LEU F 120 9.04 -17.52 -17.08
C LEU F 120 8.47 -18.08 -15.78
N ILE F 121 8.13 -17.18 -14.85
CA ILE F 121 7.48 -17.57 -13.61
C ILE F 121 6.13 -18.17 -13.91
N ASP F 122 5.41 -17.58 -14.86
CA ASP F 122 4.14 -18.11 -15.33
C ASP F 122 4.31 -19.53 -15.85
N SER F 123 5.38 -19.74 -16.62
CA SER F 123 5.68 -21.04 -17.21
C SER F 123 6.00 -22.11 -16.17
N GLN F 124 6.85 -21.77 -15.21
CA GLN F 124 7.23 -22.72 -14.17
C GLN F 124 6.09 -22.98 -13.19
N VAL F 125 5.23 -21.99 -13.01
CA VAL F 125 4.02 -22.15 -12.20
C VAL F 125 3.07 -23.12 -12.89
N ASN F 126 2.92 -22.93 -14.20
CA ASN F 126 2.06 -23.82 -14.99
C ASN F 126 2.68 -25.21 -15.19
N GLN F 127 3.97 -25.35 -14.87
CA GLN F 127 4.64 -26.64 -14.96
C GLN F 127 4.54 -27.44 -13.66
N GLY F 128 3.72 -26.95 -12.73
CA GLY F 128 3.41 -27.70 -11.53
C GLY F 128 3.91 -27.14 -10.21
N ILE F 129 4.96 -26.33 -10.25
CA ILE F 129 5.56 -25.84 -9.01
C ILE F 129 4.97 -24.50 -8.55
N ALA F 130 4.99 -24.28 -7.24
CA ALA F 130 4.47 -23.06 -6.66
C ALA F 130 5.44 -21.91 -6.89
N SER F 131 4.89 -20.72 -7.15
CA SER F 131 5.69 -19.54 -7.37
C SER F 131 6.48 -19.18 -6.12
N GLU F 132 5.91 -19.49 -4.96
CA GLU F 132 6.58 -19.24 -3.68
C GLU F 132 7.80 -20.16 -3.56
N ASN F 133 7.87 -21.15 -4.43
CA ASN F 133 9.03 -22.03 -4.49
C ASN F 133 9.99 -21.63 -5.60
N ILE F 134 9.90 -20.37 -6.02
CA ILE F 134 10.78 -19.86 -7.07
C ILE F 134 11.74 -18.82 -6.52
N ILE F 135 13.02 -19.13 -6.54
CA ILE F 135 14.06 -18.19 -6.17
C ILE F 135 14.58 -17.48 -7.42
N LEU F 136 14.61 -16.15 -7.38
CA LEU F 136 15.24 -15.39 -8.45
C LEU F 136 16.67 -15.06 -8.06
N ALA F 137 17.51 -14.83 -9.06
CA ALA F 137 18.91 -14.53 -8.82
C ALA F 137 19.48 -13.74 -9.98
N GLY F 138 20.60 -13.09 -9.77
CA GLY F 138 21.25 -12.37 -10.85
C GLY F 138 22.57 -11.75 -10.47
N PHE F 139 23.53 -11.85 -11.39
CA PHE F 139 24.81 -11.17 -11.23
C PHE F 139 24.83 -9.90 -12.07
N SER F 140 25.26 -8.80 -11.46
CA SER F 140 25.30 -7.48 -12.10
C SER F 140 23.95 -7.17 -12.75
N GLN F 141 23.95 -6.99 -14.07
CA GLN F 141 22.73 -6.66 -14.81
C GLN F 141 21.54 -7.58 -14.50
N GLY F 142 21.80 -8.88 -14.41
CA GLY F 142 20.77 -9.85 -14.10
C GLY F 142 20.08 -9.53 -12.78
N GLY F 143 20.87 -9.15 -11.80
CA GLY F 143 20.36 -8.79 -10.49
C GLY F 143 19.38 -7.63 -10.56
N ILE F 144 19.54 -6.78 -11.56
CA ILE F 144 18.65 -5.64 -11.74
C ILE F 144 17.24 -6.15 -12.03
N ILE F 145 17.16 -7.22 -12.80
CA ILE F 145 15.88 -7.74 -13.23
C ILE F 145 15.15 -8.41 -12.07
N ALA F 146 15.73 -9.50 -11.58
CA ALA F 146 15.16 -10.31 -10.50
C ALA F 146 14.58 -9.47 -9.37
N THR F 147 15.42 -8.61 -8.81
CA THR F 147 14.99 -7.71 -7.75
C THR F 147 13.75 -6.97 -8.22
N TYR F 148 13.91 -6.20 -9.30
CA TYR F 148 12.81 -5.43 -9.86
C TYR F 148 11.63 -6.30 -10.31
N THR F 149 11.88 -7.60 -10.51
CA THR F 149 10.80 -8.50 -10.86
C THR F 149 10.01 -8.88 -9.61
N ALA F 150 10.72 -9.14 -8.52
CA ALA F 150 10.08 -9.71 -7.34
C ALA F 150 9.54 -8.66 -6.36
N ILE F 151 10.22 -7.54 -6.24
CA ILE F 151 9.77 -6.47 -5.34
C ILE F 151 8.58 -5.72 -5.92
N THR F 152 8.32 -5.94 -7.22
CA THR F 152 7.19 -5.34 -7.89
C THR F 152 6.25 -6.43 -8.40
N SER F 153 6.57 -7.67 -8.05
CA SER F 153 5.77 -8.82 -8.44
C SER F 153 4.35 -8.73 -7.90
N GLN F 154 3.43 -9.35 -8.62
N GLN F 154 3.42 -9.33 -8.62
CA GLN F 154 2.03 -9.42 -8.22
CA GLN F 154 2.04 -9.39 -8.14
C GLN F 154 1.75 -10.75 -7.54
C GLN F 154 1.76 -10.73 -7.49
N ARG F 155 2.79 -11.58 -7.42
CA ARG F 155 2.65 -12.91 -6.82
C ARG F 155 3.76 -13.23 -5.85
N LYS F 156 3.50 -14.20 -4.99
CA LYS F 156 4.43 -14.62 -3.95
C LYS F 156 5.57 -15.43 -4.58
N LEU F 157 6.80 -15.06 -4.25
CA LEU F 157 7.96 -15.78 -4.75
C LEU F 157 8.82 -16.32 -3.62
N GLY F 158 9.92 -16.99 -3.98
CA GLY F 158 10.76 -17.65 -2.99
C GLY F 158 11.84 -16.78 -2.37
N GLY F 159 12.52 -16.00 -3.19
CA GLY F 159 13.61 -15.14 -2.73
C GLY F 159 14.30 -14.37 -3.82
N ILE F 160 15.22 -13.48 -3.44
CA ILE F 160 15.96 -12.65 -4.41
C ILE F 160 17.46 -12.64 -4.13
N MET F 161 18.26 -13.09 -5.09
CA MET F 161 19.72 -12.99 -4.95
C MET F 161 20.30 -11.88 -5.83
N ALA F 162 20.67 -10.77 -5.20
CA ALA F 162 21.21 -9.62 -5.90
C ALA F 162 22.72 -9.58 -5.78
N LEU F 163 23.40 -10.06 -6.81
CA LEU F 163 24.87 -10.16 -6.79
C LEU F 163 25.54 -9.03 -7.56
N SER F 164 26.34 -8.23 -6.86
CA SER F 164 27.12 -7.14 -7.44
C SER F 164 26.30 -6.25 -8.36
N THR F 165 25.11 -5.89 -7.90
CA THR F 165 24.13 -5.15 -8.69
C THR F 165 24.09 -3.68 -8.28
N TYR F 166 23.00 -3.01 -8.63
CA TYR F 166 22.66 -1.70 -8.12
C TYR F 166 21.18 -1.40 -8.41
N LEU F 167 20.76 -0.16 -8.18
CA LEU F 167 19.36 0.21 -8.36
C LEU F 167 19.20 1.44 -9.25
N PRO F 168 19.17 1.23 -10.58
CA PRO F 168 19.08 2.31 -11.57
C PRO F 168 17.65 2.77 -11.79
N ALA F 169 17.46 4.08 -11.95
CA ALA F 169 16.14 4.66 -12.14
C ALA F 169 15.19 4.19 -11.05
N TRP F 170 15.67 4.23 -9.80
CA TRP F 170 14.92 3.73 -8.66
C TRP F 170 13.51 4.34 -8.57
N ASP F 171 13.42 5.65 -8.75
CA ASP F 171 12.14 6.34 -8.66
C ASP F 171 11.18 5.99 -9.80
N ASN F 172 11.72 5.46 -10.89
CA ASN F 172 10.89 4.96 -11.98
C ASN F 172 10.28 3.61 -11.64
N PHE F 173 10.68 3.05 -10.50
CA PHE F 173 10.20 1.74 -10.08
C PHE F 173 9.59 1.73 -8.69
N LYS F 174 9.94 2.72 -7.87
CA LYS F 174 9.47 2.78 -6.48
C LYS F 174 7.96 2.75 -6.39
N GLY F 175 7.29 3.34 -7.39
CA GLY F 175 5.84 3.43 -7.39
C GLY F 175 5.17 2.18 -7.89
N LYS F 176 5.94 1.10 -8.00
CA LYS F 176 5.42 -0.16 -8.50
C LYS F 176 5.70 -1.32 -7.56
N ILE F 177 6.32 -1.03 -6.42
CA ILE F 177 6.61 -2.05 -5.42
C ILE F 177 5.31 -2.65 -4.88
N THR F 178 5.35 -3.90 -4.46
CA THR F 178 4.18 -4.57 -3.91
C THR F 178 4.45 -5.08 -2.50
N SER F 179 3.44 -5.70 -1.89
CA SER F 179 3.50 -6.03 -0.47
C SER F 179 3.61 -7.51 -0.15
N ILE F 180 3.25 -8.38 -1.11
CA ILE F 180 3.35 -9.82 -0.89
C ILE F 180 4.79 -10.26 -0.68
N ASN F 181 5.70 -9.70 -1.47
CA ASN F 181 7.10 -10.06 -1.40
C ASN F 181 7.88 -9.26 -0.34
N LYS F 182 7.26 -8.31 0.31
CA LYS F 182 8.02 -7.51 1.27
C LYS F 182 8.88 -8.34 2.27
N GLY F 183 8.31 -9.33 2.93
CA GLY F 183 9.14 -10.16 3.76
C GLY F 183 9.56 -11.46 3.12
N LEU F 184 10.42 -11.41 2.10
CA LEU F 184 10.98 -12.62 1.49
C LEU F 184 12.45 -12.58 1.57
N PRO F 185 13.04 -13.74 1.59
CA PRO F 185 14.48 -13.90 1.68
C PRO F 185 15.26 -13.13 0.62
N ILE F 186 16.29 -12.44 1.05
CA ILE F 186 17.12 -11.69 0.11
C ILE F 186 18.58 -11.92 0.42
N LEU F 187 19.38 -12.16 -0.62
CA LEU F 187 20.82 -12.28 -0.48
C LEU F 187 21.50 -11.23 -1.36
N VAL F 188 21.84 -10.09 -0.77
CA VAL F 188 22.52 -9.04 -1.50
C VAL F 188 24.01 -9.17 -1.34
N CYS F 189 24.68 -9.76 -2.32
CA CYS F 189 26.12 -9.97 -2.27
C CYS F 189 26.91 -8.90 -3.03
N HIS F 190 28.10 -8.58 -2.54
CA HIS F 190 28.98 -7.64 -3.24
C HIS F 190 30.44 -7.84 -2.88
N GLY F 191 31.33 -7.16 -3.62
CA GLY F 191 32.75 -7.22 -3.36
C GLY F 191 33.31 -5.86 -3.00
N THR F 192 34.12 -5.84 -1.95
CA THR F 192 34.70 -4.60 -1.41
C THR F 192 35.60 -3.86 -2.41
N ASP F 193 36.20 -4.62 -3.34
CA ASP F 193 37.13 -4.03 -4.31
C ASP F 193 36.53 -3.97 -5.73
N ASP F 194 35.20 -3.98 -5.82
CA ASP F 194 34.51 -3.88 -7.11
C ASP F 194 34.77 -2.54 -7.77
N GLN F 195 34.92 -2.56 -9.10
CA GLN F 195 35.23 -1.34 -9.85
C GLN F 195 34.22 -1.05 -10.96
N VAL F 196 33.46 -2.06 -11.37
CA VAL F 196 32.40 -1.86 -12.36
C VAL F 196 31.18 -1.26 -11.68
N LEU F 197 30.68 -1.96 -10.67
CA LEU F 197 29.60 -1.45 -9.83
C LEU F 197 30.08 -1.39 -8.38
N PRO F 198 30.67 -0.25 -8.00
CA PRO F 198 31.20 0.01 -6.65
C PRO F 198 30.28 -0.44 -5.51
N GLU F 199 30.90 -0.88 -4.42
CA GLU F 199 30.22 -1.47 -3.27
C GLU F 199 29.16 -0.56 -2.63
N VAL F 200 29.39 0.75 -2.69
CA VAL F 200 28.48 1.72 -2.10
C VAL F 200 27.10 1.68 -2.77
N LEU F 201 27.08 1.24 -4.03
CA LEU F 201 25.84 1.14 -4.79
C LEU F 201 25.05 -0.10 -4.36
N GLY F 202 25.76 -1.17 -4.04
CA GLY F 202 25.13 -2.35 -3.47
C GLY F 202 24.61 -2.03 -2.09
N HIS F 203 25.35 -1.18 -1.38
CA HIS F 203 24.91 -0.69 -0.07
C HIS F 203 23.65 0.13 -0.20
N ASP F 204 23.57 0.94 -1.24
CA ASP F 204 22.38 1.75 -1.51
C ASP F 204 21.21 0.87 -1.91
N LEU F 205 21.51 -0.26 -2.57
CA LEU F 205 20.50 -1.25 -2.91
C LEU F 205 19.94 -1.83 -1.62
N SER F 206 20.83 -2.17 -0.70
CA SER F 206 20.44 -2.71 0.61
C SER F 206 19.59 -1.72 1.41
N ASP F 207 20.03 -0.47 1.48
CA ASP F 207 19.34 0.55 2.22
C ASP F 207 17.96 0.83 1.63
N LYS F 208 17.91 1.07 0.33
CA LYS F 208 16.64 1.35 -0.35
C LYS F 208 15.67 0.17 -0.25
N LEU F 209 16.18 -1.05 -0.38
CA LEU F 209 15.35 -2.23 -0.18
C LEU F 209 14.83 -2.33 1.26
N LYS F 210 15.68 -1.95 2.21
CA LYS F 210 15.37 -2.04 3.63
C LYS F 210 14.29 -1.04 4.04
N VAL F 211 14.36 0.16 3.49
CA VAL F 211 13.42 1.21 3.82
C VAL F 211 12.15 1.08 2.96
N SER F 212 12.25 0.38 1.84
CA SER F 212 11.09 0.11 0.99
C SER F 212 10.18 -0.95 1.60
N GLY F 213 10.73 -1.72 2.54
CA GLY F 213 9.97 -2.75 3.22
C GLY F 213 10.62 -4.12 3.16
N PHE F 214 11.71 -4.23 2.42
CA PHE F 214 12.37 -5.52 2.20
C PHE F 214 13.64 -5.65 3.02
N ALA F 215 13.51 -6.16 4.25
CA ALA F 215 14.67 -6.41 5.10
C ALA F 215 15.56 -7.45 4.44
N ASN F 216 16.68 -6.98 3.90
CA ASN F 216 17.57 -7.85 3.14
C ASN F 216 18.80 -8.30 3.91
N GLU F 217 19.38 -9.42 3.48
CA GLU F 217 20.60 -9.91 4.10
C GLU F 217 21.79 -9.53 3.23
N TYR F 218 22.57 -8.58 3.70
CA TYR F 218 23.69 -8.06 2.93
C TYR F 218 25.00 -8.75 3.30
N LYS F 219 25.73 -9.18 2.28
CA LYS F 219 27.07 -9.75 2.48
C LYS F 219 28.06 -9.12 1.51
N HIS F 220 29.28 -8.91 1.99
CA HIS F 220 30.34 -8.40 1.15
C HIS F 220 31.57 -9.26 1.32
N TYR F 221 32.48 -9.18 0.35
CA TYR F 221 33.66 -10.03 0.37
C TYR F 221 34.92 -9.17 0.27
N VAL F 222 35.72 -9.22 1.33
CA VAL F 222 36.87 -8.33 1.46
C VAL F 222 37.93 -8.60 0.40
N GLY F 223 37.90 -7.79 -0.67
CA GLY F 223 38.91 -7.89 -1.70
C GLY F 223 38.40 -8.35 -3.06
N MET F 224 37.15 -8.81 -3.11
CA MET F 224 36.59 -9.32 -4.35
C MET F 224 36.26 -8.19 -5.33
N GLN F 225 36.35 -8.49 -6.63
CA GLN F 225 36.06 -7.52 -7.66
C GLN F 225 34.61 -7.60 -8.14
N HIS F 226 34.44 -7.41 -9.44
CA HIS F 226 33.13 -7.56 -10.08
C HIS F 226 33.01 -8.99 -10.55
N SER F 227 32.90 -9.90 -9.59
CA SER F 227 32.86 -11.33 -9.88
C SER F 227 32.12 -12.07 -8.80
N VAL F 228 32.25 -13.40 -8.82
CA VAL F 228 31.72 -14.25 -7.76
C VAL F 228 32.83 -15.17 -7.27
N CYS F 229 33.06 -15.18 -5.96
CA CYS F 229 34.15 -15.96 -5.38
C CYS F 229 33.65 -17.25 -4.74
N MET F 230 34.60 -18.12 -4.39
CA MET F 230 34.30 -19.46 -3.88
C MET F 230 33.47 -19.47 -2.60
N GLU F 231 33.58 -18.40 -1.80
CA GLU F 231 32.82 -18.29 -0.56
C GLU F 231 31.42 -17.80 -0.84
N GLU F 232 31.29 -16.96 -1.85
CA GLU F 232 30.00 -16.46 -2.28
C GLU F 232 29.13 -17.63 -2.72
N ILE F 233 29.77 -18.63 -3.32
CA ILE F 233 29.08 -19.86 -3.68
C ILE F 233 28.55 -20.55 -2.42
N LYS F 234 29.33 -20.48 -1.34
CA LYS F 234 28.90 -21.04 -0.07
C LYS F 234 27.65 -20.32 0.41
N ASP F 235 27.70 -18.99 0.41
CA ASP F 235 26.56 -18.19 0.88
C ASP F 235 25.31 -18.41 0.04
N ILE F 236 25.50 -18.55 -1.26
CA ILE F 236 24.40 -18.78 -2.19
C ILE F 236 23.79 -20.15 -1.94
N SER F 237 24.64 -21.17 -1.86
CA SER F 237 24.22 -22.54 -1.61
C SER F 237 23.41 -22.62 -0.33
N ASN F 238 23.94 -22.01 0.72
CA ASN F 238 23.28 -22.03 2.03
C ASN F 238 21.98 -21.24 2.02
N PHE F 239 21.95 -20.15 1.25
CA PHE F 239 20.73 -19.39 1.04
C PHE F 239 19.65 -20.30 0.46
N ILE F 240 19.94 -20.89 -0.69
CA ILE F 240 19.01 -21.82 -1.34
C ILE F 240 18.56 -22.92 -0.38
N ALA F 241 19.52 -23.50 0.33
CA ALA F 241 19.25 -24.59 1.25
C ALA F 241 18.41 -24.16 2.45
N LYS F 242 18.39 -22.87 2.74
CA LYS F 242 17.66 -22.39 3.92
C LYS F 242 16.35 -21.64 3.60
N THR F 243 16.11 -21.32 2.33
CA THR F 243 14.82 -20.76 1.94
C THR F 243 13.89 -21.84 1.43
N PHE F 244 14.44 -22.79 0.68
CA PHE F 244 13.69 -23.94 0.20
C PHE F 244 13.57 -25.00 1.31
N LYS F 245 14.35 -24.82 2.38
CA LYS F 245 14.28 -25.66 3.57
C LYS F 245 14.47 -27.15 3.29
N ILE F 246 15.63 -27.49 2.76
CA ILE F 246 15.98 -28.89 2.52
C ILE F 246 17.32 -29.23 3.17
N SER G 22 -17.13 44.65 18.58
CA SER G 22 -16.37 43.78 19.48
C SER G 22 -16.13 42.43 18.82
N ASN G 23 -15.06 41.76 19.23
CA ASN G 23 -14.74 40.43 18.74
C ASN G 23 -15.53 39.38 19.52
N ALA G 24 -16.46 39.84 20.34
CA ALA G 24 -17.26 38.96 21.20
C ALA G 24 -18.17 38.04 20.40
N MET G 25 -17.86 36.75 20.46
CA MET G 25 -18.70 35.74 19.81
C MET G 25 -18.76 34.49 20.67
N ASN G 26 -19.96 33.93 20.81
CA ASN G 26 -20.15 32.68 21.51
C ASN G 26 -20.41 31.55 20.52
N TYR G 27 -19.68 30.46 20.67
CA TYR G 27 -19.89 29.31 19.80
C TYR G 27 -19.57 27.98 20.45
N GLU G 28 -20.24 26.93 19.99
CA GLU G 28 -19.88 25.58 20.42
C GLU G 28 -18.92 24.98 19.40
N LEU G 29 -17.73 24.61 19.88
CA LEU G 29 -16.74 23.98 19.02
C LEU G 29 -16.66 22.50 19.32
N MET G 30 -16.61 21.70 18.25
CA MET G 30 -16.58 20.26 18.35
C MET G 30 -15.23 19.74 17.85
N GLU G 31 -14.44 19.22 18.79
CA GLU G 31 -13.14 18.65 18.50
C GLU G 31 -13.28 17.19 18.11
N PRO G 32 -12.62 16.77 17.02
CA PRO G 32 -12.80 15.43 16.46
C PRO G 32 -11.92 14.37 17.12
N ALA G 33 -12.19 13.10 16.79
CA ALA G 33 -11.47 11.96 17.35
C ALA G 33 -9.97 12.06 17.17
N LYS G 34 -9.54 12.20 15.92
CA LYS G 34 -8.12 12.38 15.62
C LYS G 34 -7.84 13.87 15.62
N GLN G 35 -6.76 14.26 14.95
CA GLN G 35 -6.37 15.66 14.91
C GLN G 35 -6.97 16.33 13.68
N ALA G 36 -7.62 17.47 13.90
CA ALA G 36 -8.35 18.15 12.83
C ALA G 36 -7.47 18.57 11.67
N ARG G 37 -7.86 18.16 10.47
CA ARG G 37 -7.15 18.53 9.25
C ARG G 37 -8.08 19.38 8.38
N PHE G 38 -9.36 19.37 8.74
CA PHE G 38 -10.38 20.13 8.04
C PHE G 38 -11.30 20.82 9.04
N CYS G 39 -11.90 21.93 8.64
CA CYS G 39 -12.78 22.67 9.53
C CYS G 39 -14.07 23.08 8.84
N VAL G 40 -15.21 22.84 9.49
CA VAL G 40 -16.48 23.30 8.96
C VAL G 40 -17.06 24.41 9.83
N ILE G 41 -17.11 25.62 9.28
CA ILE G 41 -17.61 26.77 10.01
C ILE G 41 -19.07 27.04 9.68
N TRP G 42 -19.97 26.56 10.52
CA TRP G 42 -21.40 26.65 10.27
C TRP G 42 -22.01 27.88 10.93
N LEU G 43 -22.39 28.86 10.11
CA LEU G 43 -22.82 30.16 10.62
C LEU G 43 -24.32 30.24 10.94
N HIS G 44 -24.66 31.01 11.97
CA HIS G 44 -26.03 31.17 12.41
C HIS G 44 -26.90 31.83 11.33
N HIS G 51 -33.20 27.50 14.05
CA HIS G 51 -32.92 26.08 14.05
C HIS G 51 -31.49 25.79 14.52
N ASP G 52 -31.35 24.95 15.54
CA ASP G 52 -30.04 24.58 16.04
C ASP G 52 -29.41 23.54 15.12
N PHE G 53 -28.17 23.78 14.73
CA PHE G 53 -27.49 22.92 13.77
C PHE G 53 -26.34 22.12 14.35
N VAL G 54 -26.13 22.24 15.66
CA VAL G 54 -25.05 21.52 16.32
C VAL G 54 -25.27 20.02 16.18
N ASP G 55 -26.54 19.64 16.13
CA ASP G 55 -26.94 18.24 16.04
C ASP G 55 -26.62 17.61 14.70
N ILE G 56 -26.65 18.42 13.65
CA ILE G 56 -26.55 17.95 12.27
C ILE G 56 -25.38 16.99 12.00
N VAL G 57 -24.38 17.05 12.87
CA VAL G 57 -23.18 16.23 12.72
C VAL G 57 -23.49 14.72 12.83
N ASN G 58 -24.59 14.39 13.51
CA ASN G 58 -24.95 12.98 13.72
C ASN G 58 -25.80 12.37 12.61
N TYR G 59 -26.06 13.14 11.57
CA TYR G 59 -26.86 12.66 10.44
C TYR G 59 -26.00 12.49 9.19
N PHE G 60 -24.75 12.94 9.28
CA PHE G 60 -23.81 12.82 8.18
C PHE G 60 -23.34 11.38 8.02
N ASP G 61 -22.67 11.09 6.91
CA ASP G 61 -22.22 9.73 6.62
C ASP G 61 -20.70 9.63 6.44
N VAL G 62 -20.03 10.78 6.39
CA VAL G 62 -18.58 10.81 6.23
C VAL G 62 -17.87 10.33 7.50
N SER G 63 -16.64 9.86 7.34
CA SER G 63 -15.79 9.54 8.48
C SER G 63 -15.37 10.85 9.14
N LEU G 64 -15.96 11.13 10.31
CA LEU G 64 -15.67 12.37 11.03
C LEU G 64 -14.64 12.15 12.13
N ASP G 65 -13.37 12.20 11.74
CA ASP G 65 -12.28 11.95 12.68
C ASP G 65 -11.26 13.08 12.68
N GLU G 66 -11.13 13.77 11.56
CA GLU G 66 -10.15 14.84 11.44
C GLU G 66 -10.81 16.17 11.11
N ILE G 67 -12.05 16.35 11.54
CA ILE G 67 -12.77 17.58 11.21
C ILE G 67 -13.26 18.32 12.46
N ARG G 68 -12.79 19.55 12.62
CA ARG G 68 -13.26 20.44 13.67
C ARG G 68 -14.52 21.14 13.21
N PHE G 69 -15.55 21.15 14.05
CA PHE G 69 -16.79 21.82 13.68
C PHE G 69 -17.06 23.04 14.53
N ILE G 70 -17.20 24.20 13.89
CA ILE G 70 -17.45 25.42 14.65
C ILE G 70 -18.87 25.94 14.46
N PHE G 71 -19.60 26.08 15.56
CA PHE G 71 -20.99 26.50 15.53
C PHE G 71 -21.23 27.78 16.30
N PRO G 72 -21.06 28.94 15.63
CA PRO G 72 -21.42 30.25 16.17
C PRO G 72 -22.88 30.30 16.60
N HIS G 73 -23.15 31.10 17.62
CA HIS G 73 -24.52 31.30 18.09
C HIS G 73 -25.05 32.63 17.57
N ALA G 74 -26.17 33.08 18.12
CA ALA G 74 -26.83 34.30 17.67
C ALA G 74 -25.93 35.54 17.76
N ILE G 77 -22.44 45.09 21.87
CA ILE G 77 -22.84 44.76 23.23
C ILE G 77 -24.35 44.81 23.38
N PRO G 78 -25.01 43.64 23.44
CA PRO G 78 -26.46 43.57 23.58
C PRO G 78 -26.95 44.14 24.90
N VAL G 79 -26.04 44.30 25.86
CA VAL G 79 -26.38 44.84 27.17
C VAL G 79 -26.66 46.34 27.10
N THR G 80 -25.72 47.10 26.54
CA THR G 80 -25.92 48.53 26.34
C THR G 80 -27.06 48.74 25.33
N ILE G 81 -27.03 47.94 24.26
CA ILE G 81 -28.08 47.99 23.26
C ILE G 81 -29.25 47.10 23.67
N GLY G 84 -32.59 45.75 25.82
CA GLY G 84 -33.09 47.11 25.96
C GLY G 84 -33.28 47.73 24.58
N MET G 85 -33.03 46.93 23.54
CA MET G 85 -33.26 47.37 22.18
C MET G 85 -34.70 47.07 21.75
N GLN G 86 -35.35 46.17 22.48
CA GLN G 86 -36.72 45.77 22.17
C GLN G 86 -37.73 46.85 22.55
N MET G 87 -37.22 48.02 22.92
CA MET G 87 -38.06 49.17 23.21
C MET G 87 -38.11 50.08 21.99
N ARG G 88 -37.16 49.89 21.08
CA ARG G 88 -36.95 50.82 19.98
C ARG G 88 -37.37 50.27 18.62
N ALA G 89 -36.57 49.36 18.09
CA ALA G 89 -36.77 48.84 16.73
C ALA G 89 -38.09 48.10 16.55
N TRP G 90 -38.36 47.71 15.30
CA TRP G 90 -39.55 46.94 14.97
C TRP G 90 -39.54 45.59 15.68
N TYR G 91 -40.73 45.09 15.99
CA TYR G 91 -40.90 43.70 16.38
C TYR G 91 -40.57 42.84 15.16
N ASP G 92 -40.66 43.47 13.98
CA ASP G 92 -40.63 42.77 12.70
C ASP G 92 -39.34 43.08 11.94
N ILE G 93 -38.27 43.37 12.68
CA ILE G 93 -37.01 43.75 12.05
C ILE G 93 -36.10 42.56 11.84
N LYS G 94 -36.38 41.46 12.54
CA LYS G 94 -35.58 40.24 12.42
C LYS G 94 -36.20 39.28 11.41
N VAL G 104 -34.66 48.27 3.15
CA VAL G 104 -33.33 47.73 2.86
C VAL G 104 -32.86 46.83 4.00
N VAL G 105 -31.61 46.39 3.89
CA VAL G 105 -31.02 45.48 4.86
C VAL G 105 -29.83 46.16 5.55
N ASP G 106 -29.31 45.50 6.59
CA ASP G 106 -28.16 46.02 7.32
C ASP G 106 -26.85 45.62 6.65
N VAL G 107 -26.34 46.50 5.79
CA VAL G 107 -25.17 46.20 4.98
C VAL G 107 -23.87 46.16 5.80
N GLU G 108 -23.65 47.15 6.65
CA GLU G 108 -22.48 47.15 7.51
C GLU G 108 -22.60 46.05 8.57
N GLY G 109 -23.84 45.72 8.92
CA GLY G 109 -24.11 44.62 9.84
C GLY G 109 -23.84 43.28 9.18
N ILE G 110 -23.80 43.29 7.85
CA ILE G 110 -23.35 42.13 7.10
C ILE G 110 -21.83 42.14 7.08
N ASN G 111 -21.26 43.33 6.91
CA ASN G 111 -19.80 43.51 6.92
C ASN G 111 -19.16 43.16 8.26
N SER G 112 -19.90 43.37 9.34
CA SER G 112 -19.41 43.02 10.67
C SER G 112 -19.65 41.53 10.92
N SER G 113 -20.58 40.96 10.17
CA SER G 113 -20.87 39.53 10.24
C SER G 113 -19.79 38.75 9.49
N ILE G 114 -19.12 39.40 8.56
CA ILE G 114 -18.06 38.77 7.77
C ILE G 114 -16.84 38.48 8.63
N LYS G 116 -17.09 38.70 11.32
CA LYS G 116 -15.78 38.23 11.77
C LYS G 116 -15.67 36.71 11.63
N VAL G 117 -16.18 36.19 10.53
CA VAL G 117 -16.15 34.80 10.29
C VAL G 117 -14.71 34.75 9.88
N ASN G 118 -14.21 35.86 9.34
CA ASN G 118 -12.81 35.97 8.91
C ASN G 118 -11.84 35.88 10.09
N LYS G 119 -12.26 36.39 11.25
CA LYS G 119 -11.43 36.31 12.44
C LYS G 119 -11.42 34.89 12.97
N LEU G 120 -12.53 34.20 12.79
CA LEU G 120 -12.63 32.79 13.13
C LEU G 120 -11.68 31.97 12.26
N ILE G 121 -11.76 32.20 10.95
CA ILE G 121 -10.88 31.57 9.97
C ILE G 121 -9.42 31.85 10.32
N ASP G 122 -9.14 33.10 10.66
CA ASP G 122 -7.82 33.52 11.10
C ASP G 122 -7.35 32.66 12.26
N SER G 123 -8.22 32.54 13.27
CA SER G 123 -7.92 31.75 14.46
C SER G 123 -7.61 30.30 14.10
N GLN G 124 -8.32 29.77 13.12
CA GLN G 124 -8.11 28.39 12.71
C GLN G 124 -6.79 28.20 11.97
N VAL G 125 -6.51 29.13 11.05
CA VAL G 125 -5.28 29.11 10.27
C VAL G 125 -4.07 29.25 11.20
N ASN G 126 -4.26 29.98 12.28
CA ASN G 126 -3.22 30.12 13.30
C ASN G 126 -3.10 28.87 14.18
N GLN G 127 -4.22 28.21 14.42
CA GLN G 127 -4.23 26.98 15.21
C GLN G 127 -3.56 25.82 14.48
N GLY G 128 -3.56 25.88 13.15
CA GLY G 128 -2.77 24.95 12.36
C GLY G 128 -3.54 24.03 11.42
N ILE G 129 -4.50 24.59 10.70
CA ILE G 129 -5.20 23.87 9.65
C ILE G 129 -5.20 24.70 8.36
N ALA G 130 -5.25 24.01 7.21
CA ALA G 130 -5.17 24.67 5.92
C ALA G 130 -6.36 25.59 5.65
N SER G 131 -6.10 26.70 4.97
CA SER G 131 -7.14 27.65 4.62
C SER G 131 -8.02 27.15 3.48
N GLU G 132 -7.47 26.23 2.68
CA GLU G 132 -8.23 25.61 1.60
C GLU G 132 -8.85 24.31 2.08
N ASN G 133 -8.77 24.10 3.39
CA ASN G 133 -9.38 22.93 4.01
C ASN G 133 -10.51 23.32 4.95
N ILE G 134 -10.78 24.61 5.02
CA ILE G 134 -11.85 25.13 5.86
C ILE G 134 -13.13 25.35 5.04
N ILE G 135 -14.25 24.85 5.55
CA ILE G 135 -15.53 25.04 4.89
C ILE G 135 -16.43 26.02 5.64
N LEU G 136 -16.87 27.07 4.95
CA LEU G 136 -17.87 27.98 5.49
C LEU G 136 -19.26 27.52 5.07
N ALA G 137 -20.20 27.51 6.01
CA ALA G 137 -21.54 27.00 5.75
C ALA G 137 -22.61 27.80 6.48
N GLY G 138 -23.86 27.53 6.16
CA GLY G 138 -24.97 28.22 6.81
C GLY G 138 -26.32 27.95 6.18
N PHE G 139 -27.38 28.16 6.94
CA PHE G 139 -28.74 28.01 6.45
C PHE G 139 -29.51 29.32 6.64
N SER G 140 -30.36 29.64 5.65
CA SER G 140 -31.16 30.86 5.68
C SER G 140 -30.32 32.11 5.94
N GLN G 141 -30.37 32.62 7.16
CA GLN G 141 -29.71 33.88 7.51
C GLN G 141 -28.21 33.72 7.69
N GLY G 142 -27.75 32.48 7.73
CA GLY G 142 -26.33 32.19 7.86
C GLY G 142 -25.67 31.95 6.51
N GLY G 143 -26.47 31.45 5.55
CA GLY G 143 -25.98 31.19 4.22
C GLY G 143 -25.43 32.43 3.57
N ILE G 144 -26.06 33.57 3.90
CA ILE G 144 -25.70 34.86 3.33
C ILE G 144 -24.25 35.19 3.63
N ILE G 145 -23.93 35.26 4.91
CA ILE G 145 -22.59 35.60 5.38
C ILE G 145 -21.60 34.51 5.01
N ALA G 146 -22.07 33.26 5.02
CA ALA G 146 -21.23 32.13 4.65
C ALA G 146 -20.75 32.23 3.21
N THR G 147 -21.59 32.77 2.32
CA THR G 147 -21.22 32.91 0.93
C THR G 147 -20.44 34.19 0.66
N TYR G 148 -20.94 35.31 1.19
CA TYR G 148 -20.28 36.60 1.02
C TYR G 148 -18.85 36.59 1.56
N THR G 149 -18.64 35.97 2.72
CA THR G 149 -17.32 35.87 3.31
C THR G 149 -16.33 35.16 2.38
N ALA G 150 -16.79 34.07 1.80
CA ALA G 150 -15.94 33.27 0.92
C ALA G 150 -15.66 33.97 -0.40
N ILE G 151 -16.68 34.61 -0.97
CA ILE G 151 -16.53 35.26 -2.28
C ILE G 151 -15.88 36.64 -2.17
N THR G 152 -15.67 37.10 -0.93
CA THR G 152 -14.95 38.33 -0.70
C THR G 152 -13.66 38.08 0.07
N SER G 153 -13.46 36.82 0.46
CA SER G 153 -12.23 36.44 1.15
C SER G 153 -11.05 36.75 0.25
N GLN G 154 -9.93 37.12 0.88
CA GLN G 154 -8.72 37.45 0.14
C GLN G 154 -7.85 36.21 0.00
N ARG G 155 -8.16 35.19 0.78
CA ARG G 155 -7.37 33.96 0.77
C ARG G 155 -8.17 32.75 0.30
N LYS G 156 -7.45 31.69 -0.05
CA LYS G 156 -8.03 30.47 -0.57
C LYS G 156 -8.92 29.80 0.47
N LEU G 157 -10.09 29.34 0.05
CA LEU G 157 -10.98 28.57 0.91
C LEU G 157 -11.29 27.23 0.26
N GLY G 158 -11.92 26.32 1.02
CA GLY G 158 -12.07 24.95 0.57
C GLY G 158 -13.47 24.40 0.37
N GLY G 159 -14.50 25.23 0.52
CA GLY G 159 -15.85 24.77 0.29
C GLY G 159 -16.95 25.71 0.76
N ILE G 160 -18.06 25.72 0.02
CA ILE G 160 -19.22 26.53 0.36
C ILE G 160 -20.50 25.70 0.30
N MET G 161 -21.34 25.81 1.32
CA MET G 161 -22.62 25.11 1.33
C MET G 161 -23.76 26.03 1.74
N ALA G 162 -24.38 26.67 0.76
CA ALA G 162 -25.48 27.60 1.01
C ALA G 162 -26.83 26.91 0.96
N LEU G 163 -27.49 26.80 2.11
CA LEU G 163 -28.78 26.12 2.19
C LEU G 163 -29.93 27.12 2.24
N SER G 164 -30.75 27.13 1.19
CA SER G 164 -31.91 28.01 1.09
C SER G 164 -31.57 29.47 1.36
N THR G 165 -30.75 30.05 0.48
CA THR G 165 -30.22 31.39 0.70
C THR G 165 -30.48 32.32 -0.48
N TYR G 166 -30.51 33.62 -0.21
CA TYR G 166 -30.60 34.62 -1.27
C TYR G 166 -29.40 35.58 -1.22
N LEU G 167 -29.30 36.46 -2.22
CA LEU G 167 -28.12 37.30 -2.38
C LEU G 167 -28.46 38.79 -2.42
N PRO G 168 -28.53 39.43 -1.24
CA PRO G 168 -28.90 40.85 -1.15
C PRO G 168 -27.72 41.78 -1.35
N ALA G 169 -27.99 42.99 -1.86
CA ALA G 169 -26.97 44.01 -2.09
C ALA G 169 -25.82 43.52 -2.98
N TRP G 170 -26.15 43.14 -4.21
CA TRP G 170 -25.19 42.52 -5.11
C TRP G 170 -24.27 43.52 -5.82
N ASP G 171 -24.71 44.77 -5.91
CA ASP G 171 -23.95 45.79 -6.64
C ASP G 171 -22.90 46.50 -5.78
N ASN G 172 -22.79 46.09 -4.51
CA ASN G 172 -21.81 46.67 -3.60
C ASN G 172 -20.41 46.10 -3.81
N LYS G 174 -20.49 43.62 -5.79
CA LYS G 174 -19.73 43.08 -6.92
C LYS G 174 -18.36 43.74 -7.00
N GLY G 175 -18.10 44.70 -6.12
CA GLY G 175 -16.86 45.45 -6.15
C GLY G 175 -15.80 44.96 -5.17
N LYS G 176 -16.19 44.07 -4.26
CA LYS G 176 -15.27 43.59 -3.25
C LYS G 176 -14.95 42.11 -3.42
N ILE G 177 -15.38 41.54 -4.54
CA ILE G 177 -15.14 40.13 -4.83
C ILE G 177 -13.68 39.87 -5.20
N THR G 178 -13.11 38.83 -4.61
CA THR G 178 -11.74 38.43 -4.95
C THR G 178 -11.80 37.33 -6.01
N SER G 179 -10.64 36.90 -6.49
CA SER G 179 -10.59 35.90 -7.54
C SER G 179 -10.06 34.57 -7.04
N ILE G 180 -9.44 34.58 -5.85
CA ILE G 180 -8.78 33.39 -5.32
C ILE G 180 -9.73 32.26 -4.95
N ASN G 181 -11.01 32.57 -4.83
CA ASN G 181 -12.01 31.57 -4.46
C ASN G 181 -12.97 31.21 -5.60
N LYS G 182 -12.70 31.72 -6.79
CA LYS G 182 -13.46 31.31 -7.96
C LYS G 182 -12.97 29.94 -8.40
N GLY G 183 -13.91 29.02 -8.63
CA GLY G 183 -13.57 27.65 -8.93
C GLY G 183 -13.77 26.75 -7.72
N LEU G 184 -13.72 27.35 -6.53
CA LEU G 184 -13.94 26.64 -5.28
C LEU G 184 -15.30 25.95 -5.25
N PRO G 185 -15.34 24.71 -4.74
CA PRO G 185 -16.58 23.92 -4.64
C PRO G 185 -17.67 24.65 -3.86
N ILE G 186 -18.70 25.10 -4.58
CA ILE G 186 -19.85 25.73 -3.97
C ILE G 186 -21.07 24.86 -4.15
N LEU G 187 -21.84 24.69 -3.08
CA LEU G 187 -23.10 23.96 -3.17
C LEU G 187 -24.25 24.84 -2.72
N VAL G 188 -25.36 24.79 -3.45
CA VAL G 188 -26.56 25.53 -3.05
C VAL G 188 -27.75 24.60 -2.93
N CYS G 189 -28.46 24.68 -1.80
CA CYS G 189 -29.68 23.93 -1.59
C CYS G 189 -30.82 24.93 -1.47
N HIS G 190 -32.01 24.55 -1.90
CA HIS G 190 -33.18 25.43 -1.78
C HIS G 190 -34.51 24.68 -1.94
N GLY G 191 -35.48 25.03 -1.11
CA GLY G 191 -36.79 24.41 -1.18
C GLY G 191 -37.70 25.11 -2.17
N THR G 192 -38.66 24.38 -2.72
CA THR G 192 -39.56 24.95 -3.72
C THR G 192 -40.86 25.47 -3.12
N ASP G 193 -41.20 24.99 -1.92
CA ASP G 193 -42.34 25.53 -1.17
C ASP G 193 -41.84 26.50 -0.10
N ASP G 194 -40.56 26.86 -0.21
CA ASP G 194 -39.96 27.87 0.65
C ASP G 194 -40.60 29.21 0.31
N GLN G 195 -41.63 29.59 1.06
CA GLN G 195 -42.34 30.83 0.78
C GLN G 195 -41.81 31.99 1.62
N VAL G 196 -40.99 31.68 2.61
CA VAL G 196 -40.25 32.70 3.34
C VAL G 196 -39.20 33.27 2.38
N LEU G 197 -38.52 32.36 1.70
CA LEU G 197 -37.55 32.74 0.66
C LEU G 197 -37.89 32.00 -0.63
N PRO G 198 -38.57 32.67 -1.56
CA PRO G 198 -38.94 32.06 -2.85
C PRO G 198 -37.73 31.48 -3.56
N GLU G 199 -37.89 30.27 -4.11
CA GLU G 199 -36.77 29.53 -4.70
C GLU G 199 -36.06 30.31 -5.79
N VAL G 200 -36.75 31.27 -6.38
CA VAL G 200 -36.17 32.14 -7.39
C VAL G 200 -35.02 32.95 -6.81
N LEU G 201 -34.99 33.11 -5.49
CA LEU G 201 -33.90 33.80 -4.82
C LEU G 201 -32.65 32.93 -4.80
N GLY G 202 -32.86 31.61 -4.71
CA GLY G 202 -31.76 30.67 -4.72
C GLY G 202 -31.25 30.42 -6.11
N HIS G 203 -32.16 30.38 -7.09
CA HIS G 203 -31.76 30.29 -8.48
C HIS G 203 -31.04 31.56 -8.92
N ASP G 204 -31.52 32.72 -8.47
CA ASP G 204 -30.83 33.98 -8.69
C ASP G 204 -29.45 33.98 -8.06
N LEU G 205 -29.37 33.53 -6.80
CA LEU G 205 -28.11 33.40 -6.10
C LEU G 205 -27.11 32.59 -6.93
N SER G 206 -27.55 31.41 -7.36
CA SER G 206 -26.75 30.53 -8.20
C SER G 206 -26.28 31.23 -9.48
N ASP G 207 -27.23 31.85 -10.18
CA ASP G 207 -26.94 32.50 -11.46
C ASP G 207 -25.91 33.62 -11.31
N LYS G 208 -26.03 34.41 -10.25
CA LYS G 208 -25.13 35.53 -10.03
C LYS G 208 -23.75 35.06 -9.55
N LEU G 209 -23.72 33.93 -8.84
CA LEU G 209 -22.45 33.37 -8.41
C LEU G 209 -21.70 32.80 -9.60
N LYS G 210 -22.41 32.01 -10.40
CA LYS G 210 -21.86 31.41 -11.60
C LYS G 210 -21.38 32.46 -12.60
N VAL G 211 -22.18 33.51 -12.79
CA VAL G 211 -21.84 34.56 -13.76
C VAL G 211 -20.58 35.33 -13.34
N SER G 212 -20.24 35.26 -12.06
CA SER G 212 -19.07 35.95 -11.53
C SER G 212 -17.85 35.04 -11.53
N GLY G 213 -17.98 33.87 -12.14
CA GLY G 213 -16.88 32.93 -12.22
C GLY G 213 -16.98 31.79 -11.23
N PHE G 214 -17.72 32.02 -10.15
CA PHE G 214 -17.87 31.02 -9.10
C PHE G 214 -18.77 29.88 -9.55
N ALA G 215 -18.15 28.81 -10.05
CA ALA G 215 -18.90 27.66 -10.54
C ALA G 215 -19.47 26.84 -9.39
N ASN G 216 -20.80 26.74 -9.34
CA ASN G 216 -21.47 25.99 -8.29
C ASN G 216 -22.38 24.89 -8.81
N GLU G 217 -22.73 23.96 -7.93
CA GLU G 217 -23.75 22.97 -8.25
C GLU G 217 -24.98 23.23 -7.40
N TYR G 218 -26.15 23.23 -8.03
CA TYR G 218 -27.39 23.53 -7.34
C TYR G 218 -28.25 22.28 -7.21
N LYS G 219 -28.78 22.05 -6.01
CA LYS G 219 -29.70 20.94 -5.77
C LYS G 219 -30.90 21.42 -4.97
N HIS G 220 -32.05 21.49 -5.62
CA HIS G 220 -33.28 21.86 -4.92
C HIS G 220 -34.03 20.63 -4.45
N TYR G 221 -34.99 20.85 -3.54
CA TYR G 221 -35.71 19.76 -2.91
C TYR G 221 -37.22 19.94 -3.05
N VAL G 222 -37.81 19.22 -4.00
CA VAL G 222 -39.23 19.30 -4.29
C VAL G 222 -40.06 18.97 -3.06
N GLY G 223 -41.01 19.85 -2.75
CA GLY G 223 -41.88 19.66 -1.60
C GLY G 223 -41.36 20.39 -0.37
N MET G 224 -40.03 20.52 -0.29
CA MET G 224 -39.40 21.15 0.87
C MET G 224 -39.67 22.65 0.93
N GLN G 225 -39.97 23.16 2.12
CA GLN G 225 -40.20 24.58 2.30
C GLN G 225 -38.91 25.27 2.75
N HIS G 226 -39.02 26.10 3.78
CA HIS G 226 -37.86 26.79 4.35
C HIS G 226 -37.22 25.89 5.41
N SER G 227 -36.68 24.76 4.98
CA SER G 227 -36.18 23.77 5.91
C SER G 227 -34.97 22.96 5.42
N VAL G 228 -34.56 21.99 6.21
CA VAL G 228 -33.47 21.09 5.86
C VAL G 228 -33.96 19.64 5.97
N CYS G 229 -34.03 18.95 4.85
CA CYS G 229 -34.56 17.58 4.83
C CYS G 229 -33.47 16.52 4.83
N MET G 230 -33.89 15.26 4.86
CA MET G 230 -32.98 14.12 4.95
C MET G 230 -32.08 13.99 3.72
N GLU G 231 -32.68 14.13 2.54
CA GLU G 231 -31.93 14.11 1.29
C GLU G 231 -30.87 15.21 1.27
N GLU G 232 -31.27 16.38 1.74
CA GLU G 232 -30.37 17.52 1.82
C GLU G 232 -29.19 17.19 2.71
N ILE G 233 -29.45 16.47 3.79
CA ILE G 233 -28.40 16.02 4.71
C ILE G 233 -27.44 15.09 3.97
N LYS G 234 -28.00 14.11 3.27
CA LYS G 234 -27.19 13.19 2.48
C LYS G 234 -26.26 13.96 1.53
N ASP G 235 -26.83 14.98 0.88
CA ASP G 235 -26.09 15.80 -0.06
C ASP G 235 -24.97 16.62 0.59
N ILE G 236 -25.28 17.23 1.73
CA ILE G 236 -24.31 18.01 2.49
C ILE G 236 -23.15 17.12 2.92
N SER G 237 -23.50 15.99 3.53
CA SER G 237 -22.54 14.99 3.95
C SER G 237 -21.64 14.58 2.79
N ASN G 238 -22.24 14.26 1.64
CA ASN G 238 -21.48 13.89 0.45
C ASN G 238 -20.52 14.98 0.00
N PHE G 239 -21.00 16.22 -0.03
CA PHE G 239 -20.19 17.37 -0.42
C PHE G 239 -18.95 17.44 0.46
N ILE G 240 -19.16 17.34 1.76
CA ILE G 240 -18.03 17.37 2.69
C ILE G 240 -17.08 16.22 2.41
N ALA G 241 -17.64 15.03 2.22
CA ALA G 241 -16.86 13.82 1.96
C ALA G 241 -15.97 13.97 0.75
N LYS G 242 -16.46 14.65 -0.29
CA LYS G 242 -15.76 14.68 -1.57
C LYS G 242 -14.87 15.90 -1.76
N THR G 243 -15.23 17.03 -1.16
CA THR G 243 -14.39 18.22 -1.24
C THR G 243 -13.20 18.09 -0.29
N PHE G 244 -13.38 17.31 0.77
CA PHE G 244 -12.30 17.01 1.69
C PHE G 244 -11.60 15.70 1.28
N LYS G 245 -12.22 14.99 0.34
CA LYS G 245 -11.69 13.73 -0.18
C LYS G 245 -11.48 12.69 0.92
N ILE G 246 -12.51 12.48 1.73
CA ILE G 246 -12.45 11.52 2.82
C ILE G 246 -13.76 10.75 2.90
N SER H 22 61.14 48.39 42.15
CA SER H 22 61.56 48.64 40.77
C SER H 22 61.99 47.34 40.09
N ASN H 23 63.07 46.74 40.60
CA ASN H 23 63.53 45.45 40.09
C ASN H 23 62.79 44.31 40.77
N ALA H 24 61.83 44.66 41.62
CA ALA H 24 61.10 43.68 42.40
C ALA H 24 60.26 42.74 41.55
N MET H 25 60.33 41.45 41.89
CA MET H 25 59.48 40.44 41.28
C MET H 25 59.42 39.23 42.19
N ASN H 26 58.27 38.59 42.25
CA ASN H 26 58.11 37.36 43.00
C ASN H 26 57.92 36.21 42.03
N TYR H 27 58.56 35.08 42.31
CA TYR H 27 58.46 33.94 41.40
C TYR H 27 58.74 32.59 42.06
N GLU H 28 58.08 31.55 41.57
CA GLU H 28 58.42 30.20 41.98
C GLU H 28 59.40 29.61 40.98
N LEU H 29 60.55 29.19 41.48
CA LEU H 29 61.55 28.60 40.61
C LEU H 29 61.63 27.09 40.83
N MET H 30 61.47 26.34 39.75
CA MET H 30 61.58 24.90 39.80
C MET H 30 62.96 24.47 39.31
N GLU H 31 63.72 23.87 40.22
CA GLU H 31 65.05 23.35 39.93
C GLU H 31 64.97 21.88 39.56
N PRO H 32 65.50 21.50 38.38
CA PRO H 32 65.37 20.16 37.83
C PRO H 32 66.18 19.09 38.57
N ALA H 33 65.88 17.82 38.30
CA ALA H 33 66.54 16.69 38.97
C ALA H 33 68.03 16.64 38.64
N LYS H 34 68.38 16.86 37.38
CA LYS H 34 69.77 16.96 36.98
C LYS H 34 70.11 18.44 36.80
N GLN H 35 71.40 18.77 36.75
CA GLN H 35 71.82 20.17 36.77
C GLN H 35 71.27 20.93 35.57
N ALA H 36 70.94 22.20 35.78
CA ALA H 36 70.32 23.03 34.76
C ALA H 36 71.12 23.08 33.46
N ARG H 37 70.42 22.89 32.35
CA ARG H 37 71.03 22.97 31.03
C ARG H 37 70.21 23.90 30.14
N PHE H 38 68.92 24.00 30.44
CA PHE H 38 68.02 24.90 29.73
C PHE H 38 67.12 25.66 30.72
N CYS H 39 66.37 26.63 30.21
CA CYS H 39 65.47 27.42 31.05
C CYS H 39 64.17 27.75 30.33
N VAL H 40 63.07 27.68 31.09
CA VAL H 40 61.77 28.11 30.59
C VAL H 40 61.22 29.17 31.53
N ILE H 41 61.01 30.37 31.02
CA ILE H 41 60.45 31.45 31.82
C ILE H 41 59.00 31.70 31.43
N TRP H 42 58.09 31.22 32.27
CA TRP H 42 56.66 31.37 32.03
C TRP H 42 56.16 32.68 32.61
N LEU H 43 56.21 33.73 31.79
CA LEU H 43 55.89 35.08 32.24
C LEU H 43 54.44 35.28 32.63
N HIS H 44 54.19 36.31 33.42
CA HIS H 44 52.86 36.58 33.96
C HIS H 44 52.29 37.88 33.39
N GLY H 45 50.98 38.01 33.48
CA GLY H 45 50.30 39.22 33.04
C GLY H 45 48.90 39.31 33.64
N HIS H 51 44.63 32.02 36.28
CA HIS H 51 44.98 30.62 36.12
C HIS H 51 46.45 30.38 36.44
N ASP H 52 46.70 29.58 37.46
CA ASP H 52 48.07 29.26 37.88
C ASP H 52 48.69 28.22 36.96
N PHE H 53 49.79 28.59 36.31
CA PHE H 53 50.43 27.70 35.35
C PHE H 53 51.61 26.92 35.94
N VAL H 54 51.80 27.02 37.24
CA VAL H 54 52.75 26.18 37.96
C VAL H 54 52.44 24.71 37.70
N ASP H 55 51.14 24.43 37.66
CA ASP H 55 50.58 23.12 37.34
C ASP H 55 51.18 22.49 36.08
N ILE H 56 51.27 23.29 35.03
CA ILE H 56 51.53 22.83 33.68
C ILE H 56 52.73 21.88 33.52
N VAL H 57 53.66 21.96 34.46
CA VAL H 57 54.90 21.18 34.37
C VAL H 57 54.66 19.69 34.58
N ASN H 58 53.49 19.34 35.12
CA ASN H 58 53.19 17.94 35.40
C ASN H 58 52.20 17.31 34.41
N TYR H 59 52.16 17.87 33.20
CA TYR H 59 51.32 17.33 32.12
C TYR H 59 52.15 17.01 30.89
N PHE H 60 53.33 17.62 30.81
CA PHE H 60 54.23 17.43 29.68
C PHE H 60 54.76 16.01 29.62
N ASP H 61 55.37 15.66 28.48
CA ASP H 61 55.93 14.33 28.27
C ASP H 61 57.46 14.34 28.31
N VAL H 62 58.07 15.38 27.76
CA VAL H 62 59.52 15.47 27.61
C VAL H 62 60.28 15.50 28.92
N SER H 63 61.59 15.32 28.83
CA SER H 63 62.49 15.38 29.98
C SER H 63 62.50 16.76 30.62
N LEU H 64 62.24 16.79 31.93
CA LEU H 64 62.33 18.02 32.69
C LEU H 64 63.51 17.90 33.64
N ASP H 65 64.40 16.98 33.32
CA ASP H 65 65.57 16.69 34.16
C ASP H 65 66.60 17.80 34.14
N GLU H 66 66.60 18.62 33.09
CA GLU H 66 67.63 19.64 32.95
C GLU H 66 67.09 21.03 32.63
N ILE H 67 65.82 21.26 32.92
CA ILE H 67 65.19 22.54 32.62
C ILE H 67 64.77 23.30 33.88
N ARG H 68 65.24 24.54 34.01
CA ARG H 68 64.86 25.39 35.13
C ARG H 68 63.59 26.17 34.81
N PHE H 69 62.55 25.98 35.61
CA PHE H 69 61.26 26.61 35.32
C PHE H 69 60.95 27.82 36.18
N ILE H 70 61.07 29.01 35.61
CA ILE H 70 60.79 30.24 36.33
C ILE H 70 59.35 30.69 36.14
N PHE H 71 58.63 30.82 37.24
CA PHE H 71 57.23 31.25 37.21
C PHE H 71 57.03 32.55 37.96
N PRO H 72 57.22 33.69 37.28
CA PRO H 72 56.95 35.02 37.83
C PRO H 72 55.49 35.17 38.22
N HIS H 73 55.21 36.04 39.18
CA HIS H 73 53.86 36.30 39.62
C HIS H 73 53.39 37.67 39.11
N ALA H 74 52.27 38.13 39.63
CA ALA H 74 51.71 39.43 39.23
C ALA H 74 52.65 40.58 39.60
N ILE H 77 54.94 49.40 43.51
CA ILE H 77 54.77 49.30 44.96
C ILE H 77 53.32 49.44 45.35
N PRO H 78 52.64 48.30 45.60
CA PRO H 78 51.23 48.29 46.00
C PRO H 78 51.00 49.00 47.33
N VAL H 79 52.09 49.29 48.04
CA VAL H 79 52.02 49.98 49.32
C VAL H 79 51.78 51.49 49.16
N THR H 80 52.59 52.13 48.34
CA THR H 80 52.40 53.54 48.02
C THR H 80 51.04 53.74 47.37
N ILE H 81 50.66 52.78 46.53
CA ILE H 81 49.36 52.82 45.85
C ILE H 81 48.31 52.06 46.64
N MET H 87 41.29 52.22 43.99
CA MET H 87 40.33 53.29 44.24
C MET H 87 40.60 54.46 43.30
N ARG H 88 41.44 54.23 42.30
CA ARG H 88 41.77 55.28 41.33
C ARG H 88 41.24 54.93 39.95
N ALA H 89 42.04 54.19 39.17
CA ALA H 89 41.67 53.81 37.82
C ALA H 89 40.38 52.99 37.78
N TRP H 90 39.88 52.77 36.56
CA TRP H 90 38.62 52.06 36.36
C TRP H 90 38.60 50.70 37.03
N TYR H 91 37.40 50.19 37.29
CA TYR H 91 37.23 48.81 37.73
C TYR H 91 37.60 47.91 36.56
N ASP H 92 37.45 48.47 35.36
CA ASP H 92 37.70 47.76 34.10
C ASP H 92 39.16 47.81 33.70
N ILE H 93 40.02 48.30 34.59
CA ILE H 93 41.41 48.58 34.23
C ILE H 93 42.24 47.30 34.09
N LYS H 94 41.75 46.20 34.64
CA LYS H 94 42.48 44.95 34.60
C LYS H 94 41.85 43.94 33.65
N VAL H 104 43.91 53.90 24.82
CA VAL H 104 44.85 52.95 24.25
C VAL H 104 45.18 51.85 25.25
N VAL H 105 46.45 51.51 25.33
CA VAL H 105 46.94 50.52 26.29
C VAL H 105 48.23 51.04 26.92
N ASP H 106 48.62 50.43 28.04
CA ASP H 106 49.82 50.86 28.77
C ASP H 106 51.08 50.42 28.03
N VAL H 107 51.60 51.29 27.17
CA VAL H 107 52.78 50.97 26.37
C VAL H 107 54.04 51.01 27.22
N GLU H 108 53.99 51.72 28.35
CA GLU H 108 55.16 51.83 29.23
C GLU H 108 55.25 50.69 30.26
N GLY H 109 54.09 50.18 30.69
CA GLY H 109 54.06 49.03 31.56
C GLY H 109 54.59 47.80 30.85
N ILE H 110 54.38 47.76 29.54
CA ILE H 110 54.95 46.75 28.67
C ILE H 110 56.47 46.87 28.67
N ASN H 111 56.95 48.10 28.46
CA ASN H 111 58.38 48.39 28.43
C ASN H 111 59.08 48.08 29.75
N SER H 112 58.30 48.00 30.83
CA SER H 112 58.84 47.67 32.14
C SER H 112 58.79 46.17 32.38
N SER H 113 57.70 45.54 31.95
CA SER H 113 57.57 44.09 32.03
C SER H 113 58.72 43.43 31.28
N ILE H 114 58.93 43.88 30.04
CA ILE H 114 60.04 43.42 29.22
C ILE H 114 61.38 43.60 29.92
N ALA H 115 61.55 44.73 30.60
CA ALA H 115 62.77 45.00 31.34
C ALA H 115 62.98 43.97 32.44
N LYS H 116 61.91 43.65 33.15
CA LYS H 116 61.96 42.64 34.20
C LYS H 116 62.33 41.27 33.64
N VAL H 117 61.79 40.95 32.47
CA VAL H 117 62.12 39.69 31.80
C VAL H 117 63.60 39.65 31.40
N ASN H 118 64.08 40.75 30.83
CA ASN H 118 65.48 40.87 30.46
C ASN H 118 66.41 40.76 31.65
N LYS H 119 65.94 41.23 32.81
CA LYS H 119 66.71 41.11 34.04
C LYS H 119 66.74 39.66 34.54
N LEU H 120 65.60 38.98 34.46
CA LEU H 120 65.54 37.55 34.75
C LEU H 120 66.54 36.78 33.89
N ILE H 121 66.53 37.09 32.60
CA ILE H 121 67.45 36.46 31.66
C ILE H 121 68.89 36.80 32.00
N ASP H 122 69.13 38.04 32.42
CA ASP H 122 70.46 38.46 32.84
C ASP H 122 70.95 37.55 33.97
N SER H 123 70.09 37.40 34.98
CA SER H 123 70.37 36.51 36.10
C SER H 123 70.67 35.09 35.65
N GLN H 124 69.85 34.56 34.75
CA GLN H 124 70.02 33.19 34.29
C GLN H 124 71.32 32.96 33.51
N VAL H 125 71.60 33.84 32.55
CA VAL H 125 72.82 33.76 31.76
C VAL H 125 74.04 33.93 32.66
N ASN H 126 73.87 34.72 33.72
CA ASN H 126 74.92 34.87 34.72
C ASN H 126 75.14 33.58 35.52
N GLN H 127 74.07 32.86 35.82
CA GLN H 127 74.15 31.62 36.59
C GLN H 127 74.87 30.50 35.84
N GLY H 128 74.81 30.55 34.51
CA GLY H 128 75.55 29.60 33.69
C GLY H 128 74.71 28.82 32.71
N ILE H 129 73.74 29.49 32.10
CA ILE H 129 72.98 28.90 31.00
C ILE H 129 72.92 29.87 29.83
N ALA H 130 73.20 29.36 28.63
CA ALA H 130 73.25 30.20 27.45
C ALA H 130 71.87 30.73 27.08
N SER H 131 71.84 31.97 26.59
CA SER H 131 70.58 32.64 26.28
C SER H 131 69.79 31.89 25.20
N GLU H 132 70.51 31.25 24.28
CA GLU H 132 69.85 30.48 23.23
C GLU H 132 69.34 29.15 23.78
N ASN H 133 69.45 28.98 25.09
CA ASN H 133 68.90 27.81 25.78
C ASN H 133 67.83 28.22 26.77
N ILE H 134 67.27 29.41 26.57
CA ILE H 134 66.25 29.94 27.46
C ILE H 134 64.94 30.17 26.71
N ILE H 135 63.88 29.50 27.15
CA ILE H 135 62.57 29.67 26.53
C ILE H 135 61.72 30.70 27.27
N LEU H 136 61.18 31.66 26.51
CA LEU H 136 60.16 32.57 27.01
C LEU H 136 58.80 32.09 26.52
N ALA H 137 57.84 32.02 27.46
CA ALA H 137 56.52 31.53 27.14
C ALA H 137 55.46 32.31 27.90
N GLY H 138 54.27 32.43 27.31
CA GLY H 138 53.21 33.17 27.95
C GLY H 138 51.81 32.87 27.44
N PHE H 139 50.82 33.18 28.27
CA PHE H 139 49.42 33.02 27.90
C PHE H 139 48.67 34.34 28.07
N SER H 140 47.75 34.62 27.15
CA SER H 140 46.91 35.82 27.20
C SER H 140 47.71 37.11 27.35
N GLN H 141 47.42 37.86 28.41
CA GLN H 141 48.11 39.12 28.67
C GLN H 141 49.58 38.88 28.95
N GLY H 142 49.90 37.68 29.43
CA GLY H 142 51.28 37.31 29.68
C GLY H 142 51.98 36.87 28.41
N GLY H 143 51.20 36.49 27.40
CA GLY H 143 51.75 36.06 26.14
C GLY H 143 52.39 37.20 25.37
N ILE H 144 51.91 38.40 25.64
CA ILE H 144 52.40 39.62 24.99
C ILE H 144 53.89 39.79 25.23
N ILE H 145 54.23 40.10 26.48
CA ILE H 145 55.60 40.39 26.92
C ILE H 145 56.59 39.28 26.57
N ALA H 146 56.11 38.04 26.56
CA ALA H 146 56.94 36.89 26.25
C ALA H 146 57.51 36.96 24.83
N THR H 147 56.73 37.56 23.92
CA THR H 147 57.17 37.70 22.54
C THR H 147 57.94 39.00 22.35
N TYR H 148 57.36 40.10 22.83
CA TYR H 148 57.97 41.42 22.71
C TYR H 148 59.38 41.48 23.29
N THR H 149 59.65 40.66 24.30
CA THR H 149 60.96 40.61 24.94
C THR H 149 61.97 39.89 24.06
N ALA H 150 61.51 38.88 23.33
CA ALA H 150 62.38 38.04 22.54
C ALA H 150 62.64 38.61 21.14
N ILE H 151 61.67 39.35 20.61
CA ILE H 151 61.82 39.94 19.28
C ILE H 151 62.54 41.29 19.37
N THR H 152 62.84 41.71 20.59
CA THR H 152 63.57 42.95 20.83
C THR H 152 64.73 42.74 21.81
N SER H 153 65.17 41.51 21.93
CA SER H 153 66.31 41.18 22.78
C SER H 153 67.61 41.56 22.09
N GLN H 154 68.69 41.62 22.85
CA GLN H 154 69.99 42.00 22.30
C GLN H 154 70.84 40.75 22.10
N ARG H 155 70.30 39.61 22.52
CA ARG H 155 71.03 38.36 22.49
C ARG H 155 70.17 37.24 21.90
N LYS H 156 70.83 36.28 21.25
CA LYS H 156 70.14 35.14 20.66
C LYS H 156 69.42 34.34 21.73
N LEU H 157 68.12 34.13 21.54
CA LEU H 157 67.31 33.46 22.56
C LEU H 157 66.89 32.05 22.16
N GLY H 158 66.38 31.31 23.14
CA GLY H 158 66.03 29.91 22.96
C GLY H 158 64.78 29.68 22.14
N GLY H 159 63.63 30.07 22.67
CA GLY H 159 62.37 29.84 21.97
C GLY H 159 61.17 30.56 22.56
N ILE H 160 60.29 31.02 21.69
CA ILE H 160 59.08 31.72 22.11
C ILE H 160 57.87 30.78 22.08
N MET H 161 57.00 30.91 23.07
CA MET H 161 55.70 30.22 23.03
C MET H 161 54.58 31.17 23.36
N ALA H 162 53.81 31.55 22.34
CA ALA H 162 52.69 32.47 22.50
C ALA H 162 51.38 31.71 22.53
N LEU H 163 50.66 31.79 23.65
CA LEU H 163 49.38 31.11 23.78
C LEU H 163 48.20 32.08 23.87
N SER H 164 47.38 32.13 22.83
CA SER H 164 46.19 32.98 22.78
C SER H 164 46.50 34.45 23.08
N THR H 165 47.25 35.10 22.18
CA THR H 165 47.74 36.45 22.43
C THR H 165 47.70 37.31 21.17
N TYR H 166 47.44 38.61 21.35
CA TYR H 166 47.41 39.55 20.24
C TYR H 166 48.67 40.42 20.17
N LEU H 167 48.63 41.46 19.34
CA LEU H 167 49.81 42.28 19.10
C LEU H 167 49.47 43.77 19.07
N PRO H 168 49.35 44.39 20.26
CA PRO H 168 48.98 45.81 20.35
C PRO H 168 50.20 46.72 20.17
N ALA H 169 49.94 47.95 19.73
CA ALA H 169 50.99 48.95 19.50
C ALA H 169 52.09 48.41 18.59
N TRP H 170 51.71 47.93 17.42
CA TRP H 170 52.65 47.30 16.49
C TRP H 170 53.70 48.28 15.97
N ASP H 171 53.29 49.51 15.69
CA ASP H 171 54.22 50.51 15.15
C ASP H 171 55.23 51.01 16.18
N ASN H 172 54.85 50.96 17.46
CA ASN H 172 55.74 51.39 18.53
C ASN H 172 56.99 50.53 18.64
N PHE H 173 56.90 49.28 18.17
CA PHE H 173 57.97 48.32 18.38
C PHE H 173 58.53 47.73 17.08
N LYS H 174 57.79 47.84 15.99
CA LYS H 174 58.24 47.27 14.72
C LYS H 174 59.47 48.00 14.18
N GLY H 175 59.71 49.21 14.69
CA GLY H 175 60.91 49.95 14.35
C GLY H 175 61.96 49.78 15.42
N LYS H 176 61.81 48.72 16.22
CA LYS H 176 62.74 48.43 17.31
C LYS H 176 63.07 46.95 17.38
N ILE H 177 62.59 46.19 16.41
CA ILE H 177 62.87 44.75 16.35
C ILE H 177 64.35 44.51 16.06
N THR H 178 64.92 43.51 16.71
CA THR H 178 66.34 43.21 16.54
C THR H 178 66.56 42.09 15.53
N SER H 179 67.80 41.61 15.43
CA SER H 179 68.16 40.67 14.38
C SER H 179 68.61 39.30 14.90
N ILE H 180 69.11 39.25 16.13
CA ILE H 180 69.63 38.01 16.69
C ILE H 180 68.58 36.92 16.89
N ASN H 181 67.31 37.30 16.81
CA ASN H 181 66.22 36.35 17.01
C ASN H 181 65.29 36.19 15.81
N LYS H 182 65.64 36.76 14.68
CA LYS H 182 64.80 36.61 13.48
C LYS H 182 64.89 35.19 12.91
N GLY H 183 63.78 34.47 12.96
CA GLY H 183 63.73 33.10 12.48
C GLY H 183 63.90 32.08 13.58
N LEU H 184 63.84 32.54 14.83
CA LEU H 184 64.00 31.67 16.00
C LEU H 184 62.72 30.85 16.23
N PRO H 185 62.83 29.73 16.96
CA PRO H 185 61.67 28.87 17.24
C PRO H 185 60.51 29.62 17.92
N ILE H 186 59.42 29.78 17.19
CA ILE H 186 58.20 30.36 17.75
C ILE H 186 57.02 29.46 17.44
N LEU H 187 56.32 29.03 18.49
CA LEU H 187 55.02 28.40 18.32
C LEU H 187 53.98 29.43 18.69
N VAL H 188 52.93 29.53 17.89
CA VAL H 188 51.81 30.40 18.22
C VAL H 188 50.58 29.54 18.48
N CYS H 189 49.91 29.78 19.60
CA CYS H 189 48.71 29.01 19.93
C CYS H 189 47.50 29.93 20.06
N HIS H 190 46.34 29.47 19.58
CA HIS H 190 45.13 30.25 19.73
C HIS H 190 43.87 29.39 19.66
N GLY H 191 42.74 29.99 20.01
CA GLY H 191 41.47 29.30 20.01
C GLY H 191 40.57 29.74 18.87
N THR H 192 39.74 28.81 18.40
CA THR H 192 38.85 29.09 17.28
C THR H 192 37.56 29.72 17.79
N ASP H 193 37.19 29.39 19.02
CA ASP H 193 36.01 29.96 19.65
C ASP H 193 36.39 30.90 20.79
N ASP H 194 37.60 31.44 20.71
CA ASP H 194 38.05 32.45 21.66
C ASP H 194 37.28 33.73 21.37
N GLN H 195 36.68 34.30 22.40
CA GLN H 195 35.93 35.54 22.24
C GLN H 195 36.52 36.69 23.03
N VAL H 196 37.37 36.35 24.00
CA VAL H 196 38.11 37.36 24.73
C VAL H 196 39.15 37.95 23.78
N LEU H 197 39.92 37.07 23.16
CA LEU H 197 40.86 37.45 22.10
C LEU H 197 40.52 36.68 20.84
N PRO H 198 39.69 37.28 19.97
CA PRO H 198 39.30 36.68 18.69
C PRO H 198 40.50 36.16 17.91
N GLU H 199 40.33 35.00 17.27
CA GLU H 199 41.45 34.29 16.65
C GLU H 199 42.17 35.11 15.58
N VAL H 200 41.48 36.10 15.02
CA VAL H 200 42.08 36.98 14.02
C VAL H 200 43.29 37.72 14.59
N LEU H 201 43.35 37.82 15.91
CA LEU H 201 44.46 38.47 16.58
C LEU H 201 45.68 37.55 16.65
N GLY H 202 45.43 36.25 16.77
CA GLY H 202 46.50 35.27 16.71
C GLY H 202 47.02 35.18 15.29
N HIS H 203 46.09 35.24 14.33
CA HIS H 203 46.45 35.27 12.92
C HIS H 203 47.24 36.53 12.59
N ASP H 204 46.89 37.62 13.26
CA ASP H 204 47.55 38.91 13.05
C ASP H 204 48.96 38.86 13.61
N LEU H 205 49.07 38.39 14.85
CA LEU H 205 50.36 38.20 15.51
C LEU H 205 51.27 37.36 14.63
N SER H 206 50.72 36.27 14.08
CA SER H 206 51.46 35.43 13.15
C SER H 206 51.90 36.18 11.89
N ASP H 207 50.93 36.77 11.21
CA ASP H 207 51.17 37.40 9.91
C ASP H 207 52.06 38.63 9.98
N LYS H 208 52.21 39.18 11.19
CA LYS H 208 53.07 40.33 11.39
C LYS H 208 54.44 39.94 11.96
N LEU H 209 54.49 38.83 12.68
CA LEU H 209 55.77 38.27 13.10
C LEU H 209 56.47 37.62 11.91
N LYS H 210 55.67 36.94 11.08
CA LYS H 210 56.16 36.24 9.90
C LYS H 210 56.78 37.18 8.87
N VAL H 211 56.24 38.39 8.79
CA VAL H 211 56.68 39.37 7.81
C VAL H 211 57.77 40.30 8.38
N SER H 212 58.00 40.21 9.68
CA SER H 212 59.07 40.98 10.31
C SER H 212 60.40 40.23 10.28
N GLY H 213 60.35 38.96 9.90
CA GLY H 213 61.54 38.14 9.85
C GLY H 213 61.50 37.03 10.89
N PHE H 214 60.56 37.13 11.82
CA PHE H 214 60.43 36.15 12.89
C PHE H 214 59.43 35.06 12.50
N ALA H 215 59.93 34.01 11.86
CA ALA H 215 59.07 32.91 11.42
C ALA H 215 58.48 32.14 12.60
N ASN H 216 57.32 31.53 12.38
CA ASN H 216 56.63 30.81 13.44
C ASN H 216 55.70 29.69 12.93
N GLU H 217 55.39 28.76 13.82
CA GLU H 217 54.41 27.72 13.52
C GLU H 217 53.11 28.02 14.26
N TYR H 218 52.08 28.37 13.51
CA TYR H 218 50.80 28.69 14.12
C TYR H 218 49.95 27.43 14.31
N LYS H 219 49.13 27.45 15.35
CA LYS H 219 48.22 26.35 15.66
C LYS H 219 46.99 26.87 16.41
N HIS H 220 45.81 26.55 15.87
CA HIS H 220 44.58 26.85 16.58
C HIS H 220 43.93 25.56 17.11
N TYR H 221 43.02 25.72 18.06
CA TYR H 221 42.36 24.55 18.64
C TYR H 221 40.84 24.68 18.54
N VAL H 222 40.27 23.94 17.59
CA VAL H 222 38.84 24.04 17.26
C VAL H 222 37.94 23.75 18.45
N GLY H 223 37.24 24.77 18.91
CA GLY H 223 36.35 24.65 20.04
C GLY H 223 36.93 25.27 21.30
N MET H 224 38.26 25.43 21.30
CA MET H 224 38.93 26.03 22.45
C MET H 224 38.65 27.52 22.50
N GLN H 225 38.18 28.00 23.63
CA GLN H 225 37.96 29.42 23.82
C GLN H 225 39.28 29.82 24.47
N HIS H 226 39.27 30.94 25.18
CA HIS H 226 40.48 31.58 25.65
C HIS H 226 41.05 30.73 26.78
N SER H 227 41.77 29.68 26.42
CA SER H 227 42.29 28.74 27.42
C SER H 227 43.44 27.90 26.90
N VAL H 228 43.74 26.84 27.65
CA VAL H 228 44.79 25.88 27.29
C VAL H 228 44.27 24.47 27.45
N CYS H 229 44.10 23.76 26.33
CA CYS H 229 43.57 22.41 26.36
C CYS H 229 44.70 21.37 26.40
N MET H 230 44.32 20.10 26.49
CA MET H 230 45.28 19.01 26.63
C MET H 230 46.15 18.85 25.38
N GLU H 231 45.53 19.05 24.21
CA GLU H 231 46.25 18.98 22.94
C GLU H 231 47.34 20.03 22.88
N GLU H 232 47.00 21.25 23.30
CA GLU H 232 47.96 22.33 23.34
C GLU H 232 49.10 21.98 24.28
N ILE H 233 48.79 21.23 25.34
CA ILE H 233 49.83 20.77 26.25
C ILE H 233 50.77 19.80 25.54
N LYS H 234 50.20 18.88 24.77
CA LYS H 234 51.01 17.92 24.03
C LYS H 234 51.92 18.62 23.03
N ASP H 235 51.39 19.62 22.33
CA ASP H 235 52.14 20.33 21.31
C ASP H 235 53.21 21.27 21.89
N ILE H 236 52.89 21.88 23.03
CA ILE H 236 53.85 22.68 23.78
C ILE H 236 55.00 21.77 24.21
N SER H 237 54.62 20.60 24.70
CA SER H 237 55.56 19.56 25.06
C SER H 237 56.49 19.25 23.89
N ASN H 238 55.91 18.97 22.72
CA ASN H 238 56.70 18.71 21.52
C ASN H 238 57.64 19.86 21.16
N PHE H 239 57.19 21.08 21.44
CA PHE H 239 58.01 22.26 21.18
C PHE H 239 59.26 22.24 22.05
N ILE H 240 59.07 22.12 23.37
CA ILE H 240 60.19 22.07 24.29
C ILE H 240 61.11 20.88 23.97
N ALA H 241 60.51 19.79 23.51
CA ALA H 241 61.26 18.61 23.09
C ALA H 241 62.21 18.92 21.93
N LYS H 242 61.68 19.53 20.88
CA LYS H 242 62.44 19.69 19.65
C LYS H 242 63.17 21.04 19.48
N THR H 243 63.06 21.91 20.48
CA THR H 243 63.86 23.14 20.48
C THR H 243 65.09 22.95 21.37
N PHE H 244 64.88 22.32 22.51
CA PHE H 244 65.97 21.99 23.42
C PHE H 244 66.64 20.68 23.01
N LYS H 245 66.10 20.06 21.96
CA LYS H 245 66.62 18.80 21.43
C LYS H 245 66.68 17.69 22.49
N ILE H 246 65.59 17.56 23.24
CA ILE H 246 65.47 16.55 24.28
C ILE H 246 64.16 15.78 24.12
C1 0S1 I . -50.52 -11.56 -36.85
O1 0S1 I . -50.38 -10.28 -37.49
C2 0S1 I . -50.19 -13.43 -37.81
C3 0S1 I . -51.38 -12.52 -37.66
C4 0S1 I . -49.30 -12.42 -37.10
#